data_8TVF
#
_entry.id   8TVF
#
loop_
_entity.id
_entity.type
_entity.pdbx_description
1 polymer 'Langya henipavirus fusion protein in prefusion state'
2 branched beta-D-mannopyranose-(1-4)-2-acetamido-2-deoxy-beta-D-glucopyranose-(1-4)-2-acetamido-2-deoxy-beta-D-glucopyranose
3 non-polymer 2-acetamido-2-deoxy-beta-D-glucopyranose
4 water water
#
_entity_poly.entity_id   1
_entity_poly.type   'polypeptide(L)'
_entity_poly.pdbx_seq_one_letter_code
;MAFLKSAIICYLLFYPHIVKSSLHYDSLSKVGIIKGLTYNYKIKGSPSTKLMVVKLIPNIDGVRNCTQKQFDEYKNLVKN
VLEPVKLALNAMLDNVKSGNNKYRFAGAIMAGVALGVATAATVTAGIALHRSNENAQAIANMKNAIQNTNEAVKQLQLAN
KQTLAVIDTIRGEINNNIIPVINQLSCDTIGLSVGIKLTQYYSEILTAFGPALQNPVNTRITIQAISSVFNRNFDELLKI
MGYTSGDLYEILHSGLIRGNIIDVDVEAGYIALEIEFPNLTLVPNAVVQELMPISYNVDGDEWVTLVPRFVLTRTTLLSN
IDTSRCTVTESSVICDNDYALPMSYELIGCLQGDTSKCAREKVVSSYVPRFALSDGLVYANCLNTICRCMDTDTPISQSL
GTTVSLLDNKKCLVYQVGDILISVGSYLGEGEYSADNVELGPPVVIDKIDIGNQLAGINQTLQNAEDYIEKSEEFLKGIN
PSMKQIEDKIEEILSKIYHIENEIARIKKLIGEAPGGSIEGRGSGGGSHHHHHH
;
_entity_poly.pdbx_strand_id   B,A,C
#
loop_
_chem_comp.id
_chem_comp.type
_chem_comp.name
_chem_comp.formula
BMA D-saccharide, beta linking beta-D-mannopyranose 'C6 H12 O6'
NAG D-saccharide, beta linking 2-acetamido-2-deoxy-beta-D-glucopyranose 'C8 H15 N O6'
#
# COMPACT_ATOMS: atom_id res chain seq x y z
N SER A 22 30.97 -4.08 15.50
CA SER A 22 31.44 -2.78 16.01
C SER A 22 31.87 -1.87 14.84
N LEU A 23 31.06 -0.85 14.54
CA LEU A 23 31.29 0.10 13.43
C LEU A 23 32.50 1.01 13.62
N HIS A 24 33.27 1.18 12.53
CA HIS A 24 34.46 2.03 12.51
C HIS A 24 34.15 3.34 11.77
N TYR A 25 33.95 4.41 12.51
CA TYR A 25 33.41 5.63 11.91
C TYR A 25 34.40 6.47 11.13
N ASP A 26 35.67 6.46 11.52
CA ASP A 26 36.64 7.28 10.81
C ASP A 26 36.92 6.78 9.39
N SER A 27 37.02 5.47 9.21
CA SER A 27 37.27 5.00 7.86
C SER A 27 36.01 5.04 7.01
N LEU A 28 34.84 4.94 7.63
CA LEU A 28 33.58 5.02 6.89
C LEU A 28 33.28 6.42 6.37
N SER A 29 33.64 7.45 7.14
CA SER A 29 33.35 8.82 6.69
C SER A 29 34.12 9.16 5.42
N LYS A 30 35.23 8.47 5.19
CA LYS A 30 36.08 8.72 4.05
C LYS A 30 35.52 8.17 2.75
N VAL A 31 34.47 7.36 2.85
CA VAL A 31 33.78 6.86 1.67
C VAL A 31 32.34 7.36 1.68
N GLY A 32 32.11 8.44 2.42
CA GLY A 32 30.82 9.10 2.45
C GLY A 32 29.77 8.51 3.39
N ILE A 33 30.16 7.69 4.36
CA ILE A 33 29.15 7.14 5.26
C ILE A 33 29.28 7.81 6.61
N ILE A 34 28.30 8.65 6.94
CA ILE A 34 28.36 9.51 8.12
C ILE A 34 27.44 8.98 9.22
N LYS A 35 27.92 8.97 10.47
CA LYS A 35 27.11 8.44 11.57
C LYS A 35 25.85 9.28 11.83
N GLY A 36 24.68 8.63 11.82
CA GLY A 36 23.40 9.30 12.03
C GLY A 36 22.86 9.08 13.44
N LEU A 37 21.54 9.03 13.58
CA LEU A 37 20.92 8.94 14.89
C LEU A 37 20.92 7.52 15.46
N THR A 38 20.96 7.44 16.78
CA THR A 38 20.98 6.17 17.48
C THR A 38 19.62 5.93 18.15
N TYR A 39 19.06 4.75 17.91
CA TYR A 39 17.75 4.38 18.47
C TYR A 39 17.91 3.13 19.34
N ASN A 40 17.05 2.95 20.33
CA ASN A 40 17.09 1.68 21.06
C ASN A 40 16.12 0.70 20.40
N TYR A 41 16.06 -0.52 20.90
CA TYR A 41 15.27 -1.54 20.23
C TYR A 41 14.22 -2.18 21.13
N LYS A 42 12.97 -2.18 20.69
CA LYS A 42 11.87 -2.74 21.46
C LYS A 42 11.07 -3.77 20.67
N ILE A 43 10.60 -4.80 21.35
CA ILE A 43 9.72 -5.82 20.76
C ILE A 43 8.48 -6.03 21.62
N LYS A 44 7.45 -6.67 21.08
CA LYS A 44 6.25 -6.93 21.85
C LYS A 44 6.54 -7.80 23.06
N GLY A 45 6.01 -7.40 24.20
CA GLY A 45 6.15 -8.10 25.48
C GLY A 45 4.87 -8.85 25.85
N SER A 46 4.58 -8.91 27.14
CA SER A 46 3.42 -9.64 27.63
C SER A 46 2.11 -8.95 27.26
N PRO A 47 1.02 -9.71 27.05
CA PRO A 47 -0.33 -9.28 26.76
C PRO A 47 -1.10 -8.76 27.97
N SER A 48 -2.16 -8.04 27.68
CA SER A 48 -3.20 -7.60 28.61
C SER A 48 -4.45 -7.46 27.78
N THR A 49 -5.62 -7.90 28.27
CA THR A 49 -6.79 -7.84 27.39
C THR A 49 -8.04 -7.17 27.96
N LYS A 50 -8.89 -6.73 27.03
CA LYS A 50 -10.21 -6.18 27.29
C LYS A 50 -11.23 -6.84 26.36
N LEU A 51 -12.48 -6.94 26.82
CA LEU A 51 -13.51 -7.54 25.99
C LEU A 51 -14.42 -6.53 25.30
N MET A 52 -14.85 -6.88 24.08
CA MET A 52 -15.75 -6.05 23.28
C MET A 52 -16.79 -6.88 22.51
N VAL A 53 -17.98 -6.31 22.35
CA VAL A 53 -19.02 -6.88 21.49
C VAL A 53 -19.43 -5.91 20.39
N VAL A 54 -19.39 -6.39 19.16
CA VAL A 54 -19.85 -5.62 18.03
C VAL A 54 -21.20 -6.16 17.59
N LYS A 55 -22.23 -5.35 17.72
CA LYS A 55 -23.56 -5.80 17.36
C LYS A 55 -23.83 -5.62 15.88
N LEU A 56 -24.32 -6.66 15.24
CA LEU A 56 -24.64 -6.59 13.84
C LEU A 56 -26.12 -6.32 13.68
N ILE A 57 -26.91 -6.82 14.62
CA ILE A 57 -28.35 -6.54 14.58
C ILE A 57 -28.67 -5.48 15.63
N PRO A 58 -29.07 -4.27 15.21
CA PRO A 58 -29.30 -3.09 16.02
C PRO A 58 -30.62 -3.11 16.77
N ASN A 59 -30.69 -2.25 17.77
CA ASN A 59 -31.93 -1.95 18.46
C ASN A 59 -32.64 -0.85 17.70
N ILE A 60 -33.79 -1.18 17.12
CA ILE A 60 -34.49 -0.24 16.26
C ILE A 60 -35.77 0.25 16.91
N ASP A 61 -35.83 0.18 18.23
CA ASP A 61 -37.01 0.66 18.93
C ASP A 61 -37.27 2.12 18.56
N GLY A 62 -38.49 2.39 18.12
CA GLY A 62 -38.89 3.72 17.67
C GLY A 62 -39.25 3.74 16.20
N VAL A 63 -38.69 2.81 15.41
CA VAL A 63 -38.98 2.73 13.98
C VAL A 63 -39.44 1.33 13.55
N ARG A 64 -39.76 0.47 14.50
CA ARG A 64 -40.09 -0.91 14.20
C ARG A 64 -41.27 -1.13 13.22
N ASN A 65 -42.31 -0.28 13.33
CA ASN A 65 -43.50 -0.40 12.47
C ASN A 65 -43.27 0.05 11.04
N CYS A 66 -42.31 0.96 10.80
CA CYS A 66 -42.04 1.53 9.47
C CYS A 66 -40.98 0.74 8.74
N THR A 67 -40.10 0.08 9.47
CA THR A 67 -38.95 -0.62 8.92
C THR A 67 -39.06 -2.14 8.93
N GLN A 68 -40.24 -2.67 9.23
CA GLN A 68 -40.41 -4.12 9.40
C GLN A 68 -39.89 -4.95 8.22
N LYS A 69 -40.17 -4.52 7.00
CA LYS A 69 -39.77 -5.30 5.83
C LYS A 69 -38.27 -5.34 5.63
N GLN A 70 -37.63 -4.17 5.77
CA GLN A 70 -36.21 -4.03 5.55
C GLN A 70 -35.41 -4.70 6.64
N PHE A 71 -35.94 -4.65 7.85
CA PHE A 71 -35.23 -5.19 9.00
C PHE A 71 -35.22 -6.71 8.94
N ASP A 72 -36.33 -7.33 8.58
CA ASP A 72 -36.36 -8.78 8.51
C ASP A 72 -35.42 -9.31 7.43
N GLU A 73 -35.34 -8.63 6.28
CA GLU A 73 -34.41 -9.06 5.24
C GLU A 73 -32.98 -8.99 5.77
N TYR A 74 -32.67 -7.90 6.46
CA TYR A 74 -31.34 -7.69 7.03
C TYR A 74 -30.96 -8.78 8.01
N LYS A 75 -31.86 -9.11 8.93
CA LYS A 75 -31.55 -10.12 9.92
C LYS A 75 -31.18 -11.45 9.29
N ASN A 76 -31.89 -11.81 8.22
CA ASN A 76 -31.59 -13.05 7.52
C ASN A 76 -30.19 -13.04 6.91
N LEU A 77 -29.77 -11.89 6.38
CA LEU A 77 -28.42 -11.78 5.81
C LEU A 77 -27.36 -11.92 6.87
N VAL A 78 -27.60 -11.35 8.05
CA VAL A 78 -26.63 -11.45 9.12
C VAL A 78 -26.45 -12.88 9.55
N LYS A 79 -27.57 -13.60 9.68
CA LYS A 79 -27.54 -15.00 10.06
C LYS A 79 -26.67 -15.82 9.12
N ASN A 80 -26.85 -15.59 7.82
CA ASN A 80 -26.08 -16.33 6.82
C ASN A 80 -24.59 -16.03 6.86
N VAL A 81 -24.22 -14.81 7.26
CA VAL A 81 -22.82 -14.46 7.40
C VAL A 81 -22.17 -15.14 8.59
N LEU A 82 -22.87 -15.16 9.72
CA LEU A 82 -22.29 -15.72 10.94
C LEU A 82 -22.33 -17.25 11.06
N GLU A 83 -23.28 -17.94 10.44
CA GLU A 83 -23.32 -19.39 10.63
C GLU A 83 -21.99 -20.11 10.33
N PRO A 84 -21.29 -19.86 9.21
CA PRO A 84 -20.01 -20.44 8.85
C PRO A 84 -18.89 -20.10 9.84
N VAL A 85 -19.07 -19.02 10.59
CA VAL A 85 -18.05 -18.57 11.52
C VAL A 85 -18.18 -19.41 12.76
N LYS A 86 -19.42 -19.63 13.18
CA LYS A 86 -19.68 -20.44 14.34
C LYS A 86 -19.16 -21.86 14.13
N LEU A 87 -19.30 -22.36 12.90
CA LEU A 87 -18.79 -23.70 12.60
C LEU A 87 -17.29 -23.77 12.69
N ALA A 88 -16.59 -22.77 12.16
CA ALA A 88 -15.13 -22.75 12.22
C ALA A 88 -14.63 -22.67 13.67
N LEU A 89 -15.32 -21.88 14.49
CA LEU A 89 -14.91 -21.75 15.87
C LEU A 89 -15.16 -23.01 16.66
N ASN A 90 -16.29 -23.68 16.41
CA ASN A 90 -16.57 -24.91 17.12
C ASN A 90 -15.66 -26.03 16.67
N ALA A 91 -15.29 -26.03 15.40
CA ALA A 91 -14.40 -27.06 14.89
C ALA A 91 -13.07 -27.02 15.60
N MET A 92 -12.55 -25.83 15.88
CA MET A 92 -11.29 -25.72 16.61
C MET A 92 -11.45 -26.04 18.08
N LEU A 93 -12.55 -25.62 18.70
CA LEU A 93 -12.71 -25.89 20.12
C LEU A 93 -12.79 -27.37 20.40
N ASP A 94 -13.37 -28.14 19.49
CA ASP A 94 -13.47 -29.58 19.65
C ASP A 94 -12.15 -30.32 19.52
N ASN A 95 -11.09 -29.63 19.07
CA ASN A 95 -9.79 -30.25 18.93
C ASN A 95 -8.93 -30.00 20.17
N VAL A 96 -9.46 -29.29 21.15
CA VAL A 96 -8.69 -28.99 22.35
C VAL A 96 -9.39 -29.48 23.60
N LYS A 97 -8.69 -30.24 24.42
CA LYS A 97 -9.28 -30.75 25.66
C LYS A 97 -8.43 -30.35 26.87
N SER A 98 -9.05 -30.31 28.06
CA SER A 98 -8.38 -30.01 29.32
C SER A 98 -9.17 -30.64 30.46
N GLY A 107 -2.09 -28.24 31.47
CA GLY A 107 -2.46 -27.38 30.38
C GLY A 107 -3.43 -28.07 29.43
N ALA A 108 -3.85 -27.37 28.38
CA ALA A 108 -4.73 -27.90 27.33
C ALA A 108 -3.94 -28.73 26.33
N ILE A 109 -4.56 -29.76 25.80
CA ILE A 109 -3.96 -30.64 24.82
C ILE A 109 -4.63 -30.54 23.47
N MET A 110 -3.84 -30.30 22.43
CA MET A 110 -4.33 -30.25 21.06
C MET A 110 -4.37 -31.65 20.46
N ALA A 111 -5.41 -31.96 19.71
CA ALA A 111 -5.49 -33.21 18.98
C ALA A 111 -4.83 -33.06 17.63
N GLY A 112 -3.58 -33.49 17.50
CA GLY A 112 -2.84 -33.30 16.27
C GLY A 112 -3.45 -34.05 15.11
N VAL A 113 -4.00 -35.22 15.38
CA VAL A 113 -4.57 -36.04 14.32
C VAL A 113 -5.83 -35.39 13.76
N ALA A 114 -6.69 -34.88 14.65
CA ALA A 114 -7.93 -34.22 14.24
C ALA A 114 -7.64 -32.92 13.47
N LEU A 115 -6.61 -32.19 13.89
CA LEU A 115 -6.23 -30.94 13.23
C LEU A 115 -5.54 -31.23 11.89
N GLY A 116 -4.72 -32.27 11.87
CA GLY A 116 -4.06 -32.74 10.66
C GLY A 116 -2.83 -31.94 10.28
N VAL A 117 -3.06 -30.75 9.75
CA VAL A 117 -1.99 -29.88 9.27
C VAL A 117 -2.10 -28.49 9.87
N ALA A 118 -0.99 -28.02 10.46
CA ALA A 118 -0.95 -26.70 11.06
C ALA A 118 0.49 -26.20 11.29
N THR A 119 0.63 -24.88 11.32
CA THR A 119 1.87 -24.24 11.75
C THR A 119 1.90 -24.18 13.26
N ALA A 120 3.05 -23.87 13.83
CA ALA A 120 3.14 -23.71 15.28
C ALA A 120 2.23 -22.57 15.73
N ALA A 121 2.15 -21.51 14.92
CA ALA A 121 1.32 -20.36 15.22
C ALA A 121 -0.15 -20.72 15.26
N THR A 122 -0.56 -21.61 14.35
CA THR A 122 -1.95 -22.04 14.27
C THR A 122 -2.34 -22.86 15.49
N VAL A 123 -1.44 -23.75 15.90
CA VAL A 123 -1.70 -24.57 17.06
C VAL A 123 -1.83 -23.71 18.31
N THR A 124 -0.95 -22.72 18.44
CA THR A 124 -0.98 -21.81 19.56
C THR A 124 -2.28 -21.01 19.59
N ALA A 125 -2.73 -20.53 18.42
CA ALA A 125 -3.98 -19.80 18.31
C ALA A 125 -5.17 -20.65 18.75
N GLY A 126 -5.14 -21.93 18.39
CA GLY A 126 -6.19 -22.86 18.77
C GLY A 126 -6.28 -23.04 20.28
N ILE A 127 -5.13 -23.20 20.93
CA ILE A 127 -5.10 -23.33 22.38
C ILE A 127 -5.59 -22.05 23.04
N ALA A 128 -5.19 -20.91 22.51
CA ALA A 128 -5.62 -19.63 23.05
C ALA A 128 -7.14 -19.46 22.96
N LEU A 129 -7.74 -19.96 21.88
CA LEU A 129 -9.18 -19.85 21.71
C LEU A 129 -9.88 -20.61 22.82
N HIS A 130 -9.36 -21.78 23.16
CA HIS A 130 -9.93 -22.59 24.22
C HIS A 130 -9.87 -21.83 25.55
N ARG A 131 -8.73 -21.20 25.83
CA ARG A 131 -8.56 -20.44 27.08
C ARG A 131 -9.54 -19.27 27.20
N SER A 132 -9.89 -18.66 26.07
CA SER A 132 -10.80 -17.51 26.03
C SER A 132 -12.26 -17.92 26.12
N ASN A 133 -12.53 -19.23 26.15
CA ASN A 133 -13.91 -19.69 26.15
C ASN A 133 -14.64 -19.29 27.43
N GLU A 134 -13.92 -19.14 28.54
CA GLU A 134 -14.54 -18.70 29.79
C GLU A 134 -15.15 -17.31 29.64
N ASN A 135 -14.46 -16.44 28.90
CA ASN A 135 -14.93 -15.09 28.69
C ASN A 135 -16.10 -15.11 27.74
N ALA A 136 -16.05 -16.00 26.76
CA ALA A 136 -17.13 -16.13 25.80
C ALA A 136 -18.43 -16.52 26.49
N GLN A 137 -18.33 -17.40 27.48
CA GLN A 137 -19.51 -17.81 28.24
C GLN A 137 -20.03 -16.68 29.10
N ALA A 138 -19.13 -15.91 29.72
CA ALA A 138 -19.53 -14.77 30.54
C ALA A 138 -20.29 -13.74 29.71
N ILE A 139 -19.87 -13.56 28.45
CA ILE A 139 -20.53 -12.64 27.54
C ILE A 139 -21.90 -13.19 27.13
N ALA A 140 -21.97 -14.48 26.82
CA ALA A 140 -23.23 -15.10 26.41
C ALA A 140 -24.31 -14.96 27.48
N ASN A 141 -23.92 -15.01 28.73
CA ASN A 141 -24.88 -14.92 29.83
C ASN A 141 -25.42 -13.51 30.02
N MET A 142 -24.85 -12.55 29.28
CA MET A 142 -25.28 -11.16 29.30
C MET A 142 -26.06 -10.81 28.05
N LYS A 143 -26.44 -11.82 27.26
CA LYS A 143 -27.11 -11.59 25.99
C LYS A 143 -28.27 -10.60 26.06
N ASN A 144 -29.07 -10.68 27.11
CA ASN A 144 -30.21 -9.78 27.21
C ASN A 144 -29.80 -8.33 27.42
N ALA A 145 -28.70 -8.11 28.13
CA ALA A 145 -28.24 -6.76 28.42
C ALA A 145 -27.66 -6.11 27.17
N ILE A 146 -27.08 -6.95 26.32
CA ILE A 146 -26.51 -6.54 25.04
C ILE A 146 -27.64 -6.17 24.10
N GLN A 147 -28.64 -7.05 24.00
CA GLN A 147 -29.78 -6.80 23.12
C GLN A 147 -30.62 -5.60 23.51
N ASN A 148 -30.72 -5.32 24.80
CA ASN A 148 -31.56 -4.22 25.26
C ASN A 148 -30.83 -2.89 25.39
N THR A 149 -29.60 -2.80 24.90
CA THR A 149 -28.87 -1.55 24.92
C THR A 149 -29.41 -0.61 23.85
N ASN A 150 -29.62 0.66 24.21
CA ASN A 150 -30.21 1.64 23.30
C ASN A 150 -29.32 2.86 23.00
N GLU A 151 -28.04 2.75 23.33
CA GLU A 151 -27.05 3.79 23.08
C GLU A 151 -25.93 3.24 22.24
N ALA A 152 -25.35 4.06 21.37
CA ALA A 152 -24.30 3.61 20.47
C ALA A 152 -23.12 2.99 21.20
N VAL A 153 -22.79 3.55 22.36
CA VAL A 153 -21.69 3.01 23.15
C VAL A 153 -22.11 2.77 24.59
N LYS A 154 -21.94 1.55 25.09
CA LYS A 154 -22.31 1.22 26.46
C LYS A 154 -21.30 0.30 27.14
N GLN A 155 -21.12 0.47 28.45
CA GLN A 155 -20.28 -0.44 29.21
C GLN A 155 -21.10 -1.33 30.15
N LEU A 156 -20.96 -2.63 29.99
CA LEU A 156 -21.65 -3.59 30.84
C LEU A 156 -20.68 -4.26 31.81
N GLN A 157 -21.21 -4.78 32.92
CA GLN A 157 -20.39 -5.53 33.86
C GLN A 157 -20.66 -7.02 33.71
N LEU A 158 -19.59 -7.83 33.74
CA LEU A 158 -19.75 -9.27 33.66
C LEU A 158 -19.70 -9.88 35.05
N ALA A 159 -20.19 -11.11 35.16
CA ALA A 159 -20.24 -11.83 36.44
C ALA A 159 -18.86 -12.08 37.04
N ASN A 160 -17.83 -12.02 36.21
CA ASN A 160 -16.46 -12.27 36.65
C ASN A 160 -15.72 -10.96 36.95
N LYS A 161 -16.48 -9.87 37.07
CA LYS A 161 -16.00 -8.52 37.39
C LYS A 161 -15.19 -7.87 36.27
N GLN A 162 -15.22 -8.44 35.08
CA GLN A 162 -14.61 -7.80 33.94
C GLN A 162 -15.63 -6.89 33.30
N THR A 163 -15.17 -5.85 32.61
CA THR A 163 -16.08 -4.98 31.90
C THR A 163 -16.24 -5.44 30.46
N LEU A 164 -17.32 -5.04 29.83
CA LEU A 164 -17.53 -5.33 28.43
C LEU A 164 -17.94 -4.08 27.66
N ALA A 165 -17.21 -3.79 26.58
CA ALA A 165 -17.55 -2.64 25.73
C ALA A 165 -18.49 -3.07 24.62
N VAL A 166 -19.70 -2.53 24.59
CA VAL A 166 -20.68 -2.94 23.61
C VAL A 166 -21.01 -1.80 22.66
N ILE A 167 -20.86 -2.03 21.35
CA ILE A 167 -21.20 -0.98 20.39
C ILE A 167 -22.22 -1.37 19.33
N ASP A 168 -23.10 -0.43 18.98
CA ASP A 168 -24.10 -0.57 17.92
C ASP A 168 -24.26 0.72 17.11
N THR A 169 -23.37 0.89 16.15
CA THR A 169 -23.23 2.10 15.36
C THR A 169 -24.56 2.56 14.76
N ILE A 170 -25.33 1.61 14.28
CA ILE A 170 -26.63 1.90 13.67
C ILE A 170 -27.59 2.60 14.61
N ARG A 171 -27.58 2.21 15.89
CA ARG A 171 -28.48 2.82 16.85
C ARG A 171 -28.14 4.28 16.99
N GLY A 172 -26.86 4.59 16.94
CA GLY A 172 -26.39 5.96 17.04
C GLY A 172 -26.96 6.78 15.90
N GLU A 173 -26.87 6.25 14.69
CA GLU A 173 -27.37 6.94 13.50
C GLU A 173 -28.89 7.17 13.55
N ILE A 174 -29.63 6.22 14.09
CA ILE A 174 -31.08 6.42 14.24
C ILE A 174 -31.36 7.50 15.28
N ASN A 175 -30.67 7.46 16.42
CA ASN A 175 -30.86 8.45 17.47
C ASN A 175 -30.52 9.85 17.02
N ASN A 176 -29.53 9.98 16.15
CA ASN A 176 -29.10 11.30 15.71
C ASN A 176 -29.77 11.83 14.46
N ASN A 177 -30.08 10.95 13.49
CA ASN A 177 -30.60 11.47 12.22
C ASN A 177 -32.08 11.22 11.96
N ILE A 178 -32.71 10.25 12.63
CA ILE A 178 -34.11 9.96 12.33
C ILE A 178 -35.06 10.43 13.43
N ILE A 179 -34.74 10.08 14.67
CA ILE A 179 -35.67 10.39 15.74
C ILE A 179 -35.99 11.89 15.91
N PRO A 180 -35.03 12.81 15.89
CA PRO A 180 -35.22 14.24 16.06
C PRO A 180 -36.15 14.85 15.00
N VAL A 181 -36.33 14.18 13.87
CA VAL A 181 -37.17 14.70 12.80
C VAL A 181 -38.24 13.70 12.40
N ILE A 182 -38.51 12.73 13.25
CA ILE A 182 -39.40 11.64 12.88
C ILE A 182 -40.81 12.10 12.57
N ASN A 183 -41.25 13.21 13.16
CA ASN A 183 -42.59 13.71 12.90
C ASN A 183 -42.73 14.36 11.53
N GLN A 184 -41.61 14.52 10.83
CA GLN A 184 -41.60 15.10 9.50
C GLN A 184 -41.51 14.01 8.43
N LEU A 185 -41.41 12.75 8.85
CA LEU A 185 -41.19 11.66 7.92
C LEU A 185 -42.35 10.67 7.89
N SER A 186 -42.77 10.28 6.70
CA SER A 186 -43.77 9.23 6.56
C SER A 186 -43.07 7.89 6.72
N CYS A 187 -43.82 6.77 6.92
CA CYS A 187 -43.19 5.44 7.05
C CYS A 187 -42.45 5.00 5.81
N ASP A 188 -42.93 5.36 4.62
CA ASP A 188 -42.20 4.92 3.44
C ASP A 188 -40.79 5.50 3.47
N THR A 189 -40.67 6.74 3.91
CA THR A 189 -39.39 7.43 4.00
C THR A 189 -38.51 6.84 5.09
N ILE A 190 -39.10 6.55 6.25
CA ILE A 190 -38.35 5.97 7.36
C ILE A 190 -37.84 4.60 6.96
N GLY A 191 -38.69 3.82 6.30
CA GLY A 191 -38.34 2.50 5.84
C GLY A 191 -37.14 2.54 4.92
N LEU A 192 -37.21 3.39 3.89
CA LEU A 192 -36.13 3.50 2.92
C LEU A 192 -34.86 4.05 3.55
N SER A 193 -34.99 5.03 4.43
CA SER A 193 -33.84 5.68 5.05
C SER A 193 -33.06 4.71 5.93
N VAL A 194 -33.78 3.92 6.74
CA VAL A 194 -33.14 2.95 7.60
C VAL A 194 -32.53 1.83 6.76
N GLY A 195 -33.24 1.39 5.72
CA GLY A 195 -32.73 0.34 4.86
C GLY A 195 -31.35 0.67 4.30
N ILE A 196 -31.16 1.91 3.83
CA ILE A 196 -29.86 2.32 3.32
C ILE A 196 -28.80 2.29 4.42
N LYS A 197 -29.15 2.73 5.63
CA LYS A 197 -28.19 2.68 6.73
C LYS A 197 -27.79 1.26 7.10
N LEU A 198 -28.76 0.34 7.12
CA LEU A 198 -28.46 -1.04 7.48
C LEU A 198 -27.53 -1.64 6.45
N THR A 199 -27.79 -1.32 5.20
CA THR A 199 -27.02 -1.84 4.08
C THR A 199 -25.60 -1.31 4.07
N GLN A 200 -25.36 -0.03 4.29
CA GLN A 200 -24.01 0.46 4.24
C GLN A 200 -23.19 -0.07 5.42
N TYR A 201 -23.87 -0.28 6.56
CA TYR A 201 -23.19 -0.87 7.72
C TYR A 201 -22.69 -2.27 7.38
N TYR A 202 -23.55 -3.04 6.74
CA TYR A 202 -23.22 -4.40 6.32
C TYR A 202 -21.95 -4.38 5.45
N SER A 203 -21.86 -3.43 4.51
CA SER A 203 -20.68 -3.31 3.66
C SER A 203 -19.42 -3.01 4.47
N GLU A 204 -19.54 -2.19 5.52
CA GLU A 204 -18.39 -1.85 6.37
C GLU A 204 -17.92 -3.08 7.13
N ILE A 205 -18.85 -3.94 7.54
CA ILE A 205 -18.50 -5.17 8.23
C ILE A 205 -17.75 -6.10 7.31
N LEU A 206 -18.23 -6.25 6.08
CA LEU A 206 -17.56 -7.15 5.14
C LEU A 206 -16.17 -6.69 4.84
N THR A 207 -15.95 -5.39 4.80
CA THR A 207 -14.63 -4.86 4.53
C THR A 207 -13.67 -4.98 5.73
N ALA A 208 -14.16 -4.64 6.93
CA ALA A 208 -13.31 -4.65 8.12
C ALA A 208 -13.05 -6.06 8.68
N PHE A 209 -14.07 -6.91 8.69
CA PHE A 209 -13.94 -8.24 9.28
C PHE A 209 -13.92 -9.33 8.22
N GLY A 210 -13.82 -8.96 6.96
CA GLY A 210 -13.90 -9.97 5.91
C GLY A 210 -13.02 -11.18 6.18
N PRO A 211 -11.69 -11.00 6.18
CA PRO A 211 -10.69 -12.01 6.47
C PRO A 211 -10.90 -12.73 7.80
N ALA A 212 -11.43 -12.00 8.78
CA ALA A 212 -11.66 -12.55 10.11
C ALA A 212 -12.86 -13.49 10.15
N LEU A 213 -13.81 -13.29 9.26
CA LEU A 213 -14.97 -14.14 9.26
C LEU A 213 -14.64 -15.43 8.51
N GLN A 214 -13.73 -15.31 7.55
CA GLN A 214 -13.29 -16.47 6.79
C GLN A 214 -12.30 -17.33 7.58
N ASN A 215 -11.49 -16.70 8.43
CA ASN A 215 -10.51 -17.42 9.25
C ASN A 215 -10.45 -16.82 10.66
N PRO A 216 -11.48 -17.05 11.49
CA PRO A 216 -11.69 -16.43 12.79
C PRO A 216 -10.69 -16.90 13.85
N VAL A 217 -9.99 -17.99 13.58
CA VAL A 217 -9.04 -18.53 14.53
C VAL A 217 -7.69 -17.85 14.40
N ASN A 218 -7.23 -17.59 13.18
CA ASN A 218 -5.89 -17.06 12.98
C ASN A 218 -5.79 -15.57 12.68
N THR A 219 -6.88 -14.95 12.25
CA THR A 219 -6.82 -13.54 11.84
C THR A 219 -6.94 -12.57 13.01
N ARG A 220 -6.10 -11.53 13.02
CA ARG A 220 -6.17 -10.48 14.02
C ARG A 220 -6.48 -9.15 13.34
N ILE A 221 -7.24 -8.30 14.01
CA ILE A 221 -7.68 -7.01 13.46
C ILE A 221 -7.15 -5.85 14.31
N THR A 222 -6.55 -4.83 13.69
CA THR A 222 -6.07 -3.70 14.47
C THR A 222 -7.23 -2.86 14.99
N ILE A 223 -7.02 -2.09 16.04
CA ILE A 223 -8.07 -1.26 16.61
C ILE A 223 -8.56 -0.18 15.64
N GLN A 224 -7.66 0.33 14.79
CA GLN A 224 -8.05 1.34 13.81
C GLN A 224 -8.89 0.73 12.70
N ALA A 225 -8.86 -0.60 12.57
CA ALA A 225 -9.66 -1.28 11.57
C ALA A 225 -11.03 -1.60 12.15
N ILE A 226 -11.06 -1.96 13.44
CA ILE A 226 -12.32 -2.24 14.13
C ILE A 226 -13.17 -0.98 14.15
N SER A 227 -12.50 0.13 14.42
CA SER A 227 -13.15 1.42 14.50
C SER A 227 -13.74 1.89 13.19
N SER A 228 -13.41 1.24 12.06
CA SER A 228 -13.95 1.65 10.76
C SER A 228 -15.42 1.23 10.66
N VAL A 229 -15.85 0.37 11.57
CA VAL A 229 -17.29 0.05 11.64
C VAL A 229 -17.91 1.19 12.46
N PHE A 230 -17.24 1.61 13.54
CA PHE A 230 -17.70 2.77 14.36
C PHE A 230 -17.28 4.17 13.89
N ASN A 231 -17.60 4.60 12.66
CA ASN A 231 -17.34 5.98 12.14
C ASN A 231 -15.86 6.38 12.31
N ARG A 232 -14.95 5.44 12.56
CA ARG A 232 -13.47 5.64 12.57
C ARG A 232 -13.02 6.22 13.89
N ASN A 233 -13.87 6.12 14.88
CA ASN A 233 -13.64 6.71 16.18
C ASN A 233 -12.96 5.76 17.14
N PHE A 234 -11.66 5.56 16.96
CA PHE A 234 -10.96 4.65 17.84
C PHE A 234 -10.70 5.27 19.20
N ASP A 235 -10.75 6.60 19.29
CA ASP A 235 -10.53 7.25 20.57
C ASP A 235 -11.67 6.94 21.53
N GLU A 236 -12.89 6.86 21.01
CA GLU A 236 -14.03 6.52 21.84
C GLU A 236 -13.94 5.09 22.30
N LEU A 237 -13.52 4.18 21.42
CA LEU A 237 -13.44 2.79 21.81
C LEU A 237 -12.39 2.58 22.90
N LEU A 238 -11.26 3.28 22.77
CA LEU A 238 -10.20 3.17 23.76
C LEU A 238 -10.64 3.76 25.09
N LYS A 239 -11.36 4.87 25.06
CA LYS A 239 -11.85 5.51 26.28
C LYS A 239 -12.77 4.58 27.09
N ILE A 240 -13.67 3.88 26.41
CA ILE A 240 -14.57 2.94 27.09
C ILE A 240 -13.79 1.83 27.75
N MET A 241 -12.74 1.37 27.08
CA MET A 241 -11.89 0.30 27.60
C MET A 241 -10.91 0.79 28.67
N GLY A 242 -10.98 2.07 29.03
CA GLY A 242 -10.15 2.62 30.11
C GLY A 242 -8.80 3.20 29.69
N TYR A 243 -8.62 3.55 28.42
CA TYR A 243 -7.34 4.08 27.97
C TYR A 243 -7.42 5.46 27.34
N THR A 244 -6.31 6.18 27.40
CA THR A 244 -6.16 7.47 26.75
C THR A 244 -5.31 7.29 25.49
N SER A 245 -5.80 7.76 24.35
CA SER A 245 -5.06 7.54 23.10
C SER A 245 -3.67 8.15 23.14
N GLY A 246 -3.55 9.32 23.74
CA GLY A 246 -2.28 10.03 23.81
C GLY A 246 -1.22 9.29 24.61
N ASP A 247 -1.63 8.36 25.46
CA ASP A 247 -0.69 7.62 26.28
C ASP A 247 -0.31 6.29 25.64
N LEU A 248 -0.94 5.97 24.51
CA LEU A 248 -0.71 4.69 23.85
C LEU A 248 0.00 4.88 22.53
N TYR A 249 0.65 6.01 22.34
CA TYR A 249 1.27 6.27 21.04
C TYR A 249 2.12 5.11 20.51
N GLU A 250 3.01 4.56 21.34
CA GLU A 250 3.92 3.52 20.84
C GLU A 250 3.24 2.25 20.36
N ILE A 251 2.21 1.78 21.06
CA ILE A 251 1.58 0.54 20.63
C ILE A 251 0.41 0.80 19.68
N LEU A 252 -0.20 1.98 19.78
CA LEU A 252 -1.30 2.31 18.89
C LEU A 252 -0.79 2.58 17.49
N HIS A 253 0.23 3.42 17.37
CA HIS A 253 0.81 3.78 16.09
C HIS A 253 1.53 2.63 15.41
N SER A 254 2.09 1.73 16.20
CA SER A 254 2.82 0.60 15.67
C SER A 254 1.92 -0.53 15.18
N GLY A 255 0.62 -0.42 15.44
CA GLY A 255 -0.33 -1.44 15.03
C GLY A 255 -0.32 -2.66 15.95
N LEU A 256 0.05 -2.48 17.21
CA LEU A 256 0.11 -3.61 18.11
C LEU A 256 -1.15 -3.81 18.96
N ILE A 257 -2.10 -2.88 18.88
CA ILE A 257 -3.37 -3.10 19.58
C ILE A 257 -4.29 -3.81 18.60
N ARG A 258 -4.55 -5.07 18.89
CA ARG A 258 -5.27 -5.95 17.96
C ARG A 258 -6.26 -6.84 18.67
N GLY A 259 -7.32 -7.22 17.99
CA GLY A 259 -8.24 -8.17 18.56
C GLY A 259 -8.47 -9.39 17.68
N ASN A 260 -9.17 -10.36 18.24
CA ASN A 260 -9.52 -11.57 17.52
C ASN A 260 -10.89 -12.03 17.94
N ILE A 261 -11.53 -12.83 17.10
CA ILE A 261 -12.88 -13.32 17.40
C ILE A 261 -12.81 -14.50 18.34
N ILE A 262 -13.52 -14.40 19.45
CA ILE A 262 -13.53 -15.50 20.41
C ILE A 262 -14.87 -16.21 20.37
N ASP A 263 -15.90 -15.52 19.93
CA ASP A 263 -17.22 -16.14 19.79
C ASP A 263 -18.15 -15.32 18.91
N VAL A 264 -19.18 -15.98 18.41
CA VAL A 264 -20.27 -15.27 17.73
C VAL A 264 -21.61 -15.81 18.20
N ASP A 265 -22.63 -14.98 18.10
CA ASP A 265 -23.98 -15.43 18.42
C ASP A 265 -24.87 -15.19 17.22
N VAL A 266 -25.20 -16.28 16.53
CA VAL A 266 -25.89 -16.25 15.25
C VAL A 266 -27.30 -15.67 15.34
N GLU A 267 -28.06 -16.06 16.35
CA GLU A 267 -29.42 -15.58 16.48
C GLU A 267 -29.49 -14.17 17.06
N ALA A 268 -28.58 -13.84 17.98
CA ALA A 268 -28.56 -12.51 18.58
C ALA A 268 -27.94 -11.52 17.62
N GLY A 269 -27.04 -11.99 16.77
CA GLY A 269 -26.44 -11.11 15.78
C GLY A 269 -25.28 -10.30 16.31
N TYR A 270 -24.33 -10.94 16.98
CA TYR A 270 -23.16 -10.20 17.42
C TYR A 270 -21.86 -10.99 17.36
N ILE A 271 -20.75 -10.24 17.32
CA ILE A 271 -19.40 -10.79 17.34
C ILE A 271 -18.67 -10.40 18.63
N ALA A 272 -18.15 -11.39 19.35
CA ALA A 272 -17.39 -11.15 20.56
C ALA A 272 -15.90 -11.16 20.28
N LEU A 273 -15.25 -10.06 20.59
CA LEU A 273 -13.82 -9.86 20.37
C LEU A 273 -13.05 -9.77 21.67
N GLU A 274 -11.79 -10.16 21.61
CA GLU A 274 -10.88 -9.94 22.72
C GLU A 274 -9.73 -9.09 22.19
N ILE A 275 -9.50 -7.94 22.82
CA ILE A 275 -8.51 -6.98 22.35
C ILE A 275 -7.30 -6.87 23.26
N GLU A 276 -6.12 -7.04 22.66
CA GLU A 276 -4.85 -7.01 23.35
C GLU A 276 -4.17 -5.64 23.34
N PHE A 277 -3.68 -5.26 24.51
CA PHE A 277 -2.92 -4.03 24.75
C PHE A 277 -1.57 -4.40 25.36
N PRO A 278 -0.58 -4.79 24.55
CA PRO A 278 0.67 -5.38 24.95
C PRO A 278 1.61 -4.37 25.59
N ASN A 279 2.49 -4.89 26.44
CA ASN A 279 3.59 -4.12 26.98
C ASN A 279 4.75 -4.24 26.02
N LEU A 280 5.68 -3.29 26.06
CA LEU A 280 6.87 -3.41 25.21
C LEU A 280 8.07 -3.81 26.02
N THR A 281 8.91 -4.64 25.41
CA THR A 281 10.14 -5.12 26.02
C THR A 281 11.35 -4.45 25.42
N LEU A 282 12.18 -3.88 26.26
CA LEU A 282 13.41 -3.26 25.78
C LEU A 282 14.45 -4.35 25.67
N VAL A 283 15.05 -4.49 24.51
CA VAL A 283 16.00 -5.56 24.27
C VAL A 283 17.40 -5.14 24.74
N PRO A 284 17.99 -5.84 25.71
CA PRO A 284 19.23 -5.48 26.36
C PRO A 284 20.40 -5.54 25.39
N ASN A 285 21.24 -4.52 25.45
CA ASN A 285 22.45 -4.43 24.64
C ASN A 285 22.18 -4.35 23.14
N ALA A 286 20.94 -4.06 22.76
CA ALA A 286 20.61 -3.93 21.35
C ALA A 286 20.46 -2.47 20.97
N VAL A 287 21.26 -2.04 19.99
CA VAL A 287 21.24 -0.67 19.51
C VAL A 287 21.06 -0.60 18.01
N VAL A 288 20.19 0.28 17.55
CA VAL A 288 20.00 0.46 16.11
C VAL A 288 20.65 1.76 15.66
N GLN A 289 21.63 1.65 14.79
CA GLN A 289 22.36 2.83 14.34
C GLN A 289 22.03 3.20 12.90
N GLU A 290 21.65 4.45 12.71
CA GLU A 290 21.38 5.00 11.39
C GLU A 290 22.66 5.48 10.72
N LEU A 291 22.79 5.21 9.43
CA LEU A 291 23.91 5.69 8.63
C LEU A 291 23.39 6.68 7.59
N MET A 292 24.15 7.76 7.35
CA MET A 292 23.75 8.79 6.40
C MET A 292 24.74 8.88 5.23
N PRO A 293 24.47 8.30 4.07
CA PRO A 293 25.35 8.33 2.93
C PRO A 293 25.38 9.69 2.26
N ILE A 294 26.55 10.12 1.82
CA ILE A 294 26.70 11.30 0.98
C ILE A 294 27.56 10.94 -0.22
N SER A 295 27.54 11.75 -1.24
CA SER A 295 28.40 11.48 -2.37
C SER A 295 29.85 11.80 -2.05
N TYR A 296 30.76 11.26 -2.85
CA TYR A 296 32.18 11.54 -2.73
C TYR A 296 32.87 11.56 -4.07
N ASN A 297 34.06 12.15 -4.08
CA ASN A 297 34.85 12.30 -5.30
C ASN A 297 35.84 11.19 -5.57
N VAL A 298 35.84 10.71 -6.82
CA VAL A 298 36.85 9.79 -7.29
C VAL A 298 37.41 10.29 -8.62
N ASP A 299 38.53 11.01 -8.56
CA ASP A 299 39.19 11.54 -9.75
C ASP A 299 38.26 12.31 -10.69
N GLY A 300 37.35 13.11 -10.16
CA GLY A 300 36.44 13.90 -10.99
C GLY A 300 35.04 13.30 -11.12
N ASP A 301 34.86 12.02 -10.79
CA ASP A 301 33.55 11.40 -10.86
C ASP A 301 32.85 11.45 -9.50
N GLU A 302 31.53 11.39 -9.52
CA GLU A 302 30.77 11.40 -8.27
C GLU A 302 30.17 10.02 -7.97
N TRP A 303 30.52 9.48 -6.80
CA TRP A 303 30.14 8.13 -6.36
C TRP A 303 29.46 8.12 -5.01
N VAL A 304 28.62 7.11 -4.78
CA VAL A 304 28.03 6.91 -3.45
C VAL A 304 28.22 5.45 -3.00
N THR A 305 28.55 5.25 -1.72
CA THR A 305 28.78 3.91 -1.16
C THR A 305 27.45 3.25 -0.77
N LEU A 306 27.34 1.95 -1.01
CA LEU A 306 26.12 1.22 -0.71
C LEU A 306 26.17 0.44 0.61
N VAL A 307 25.43 0.94 1.59
CA VAL A 307 25.28 0.34 2.91
C VAL A 307 23.80 0.38 3.25
N PRO A 308 23.30 -0.43 4.18
CA PRO A 308 21.95 -0.36 4.70
C PRO A 308 21.80 0.89 5.53
N ARG A 309 20.60 1.46 5.54
CA ARG A 309 20.35 2.64 6.36
C ARG A 309 20.47 2.33 7.84
N PHE A 310 19.96 1.18 8.25
CA PHE A 310 20.02 0.83 9.65
C PHE A 310 20.80 -0.44 9.90
N VAL A 311 21.65 -0.39 10.90
CA VAL A 311 22.45 -1.51 11.35
C VAL A 311 22.14 -1.84 12.80
N LEU A 312 21.87 -3.11 13.08
CA LEU A 312 21.57 -3.52 14.44
C LEU A 312 22.80 -4.13 15.09
N THR A 313 23.12 -3.66 16.29
CA THR A 313 24.25 -4.22 17.00
C THR A 313 23.81 -4.83 18.31
N ARG A 314 24.26 -6.06 18.56
CA ARG A 314 23.96 -6.75 19.81
C ARG A 314 25.26 -7.07 20.51
N THR A 315 25.52 -6.31 21.57
CA THR A 315 26.77 -6.30 22.33
C THR A 315 27.93 -5.92 21.41
N THR A 316 28.40 -6.88 20.61
CA THR A 316 29.51 -6.67 19.69
C THR A 316 29.22 -7.04 18.23
N LEU A 317 28.13 -7.76 17.98
CA LEU A 317 27.88 -8.32 16.64
C LEU A 317 26.97 -7.44 15.79
N LEU A 318 27.24 -7.41 14.48
CA LEU A 318 26.41 -6.65 13.56
C LEU A 318 25.43 -7.57 12.85
N SER A 319 24.23 -7.06 12.61
CA SER A 319 23.22 -7.76 11.84
C SER A 319 22.35 -6.78 11.08
N ASN A 320 21.57 -7.27 10.15
CA ASN A 320 20.65 -6.43 9.39
C ASN A 320 19.32 -6.30 10.10
N ILE A 321 18.71 -5.13 10.00
CA ILE A 321 17.36 -4.95 10.53
C ILE A 321 16.44 -4.36 9.48
N ASP A 322 15.37 -5.08 9.16
CA ASP A 322 14.47 -4.60 8.14
C ASP A 322 13.41 -3.70 8.76
N THR A 323 13.71 -2.42 8.81
CA THR A 323 12.85 -1.45 9.47
C THR A 323 11.60 -1.12 8.68
N SER A 324 11.46 -1.67 7.47
CA SER A 324 10.24 -1.38 6.70
C SER A 324 9.06 -2.12 7.31
N ARG A 325 9.37 -3.07 8.18
CA ARG A 325 8.38 -3.86 8.90
C ARG A 325 8.19 -3.40 10.36
N CYS A 326 8.81 -2.28 10.76
CA CYS A 326 8.85 -1.76 12.14
C CYS A 326 8.44 -0.27 12.14
N THR A 327 8.07 0.21 13.32
CA THR A 327 7.78 1.62 13.45
C THR A 327 8.96 2.35 14.06
N VAL A 328 9.45 3.36 13.36
CA VAL A 328 10.57 4.11 13.90
C VAL A 328 10.05 5.39 14.53
N THR A 329 10.37 5.56 15.80
CA THR A 329 9.94 6.70 16.58
C THR A 329 11.13 7.57 16.89
N GLU A 330 10.92 8.65 17.62
CA GLU A 330 12.00 9.57 17.97
C GLU A 330 13.20 8.89 18.61
N SER A 331 12.96 7.95 19.52
CA SER A 331 14.05 7.31 20.25
C SER A 331 14.12 5.79 20.13
N SER A 332 13.09 5.16 19.60
CA SER A 332 13.02 3.71 19.56
C SER A 332 12.60 3.14 18.22
N VAL A 333 13.08 1.93 17.92
CA VAL A 333 12.54 1.16 16.80
C VAL A 333 11.69 0.06 17.38
N ILE A 334 10.39 0.12 17.11
CA ILE A 334 9.45 -0.81 17.71
C ILE A 334 8.94 -1.82 16.69
N CYS A 335 9.26 -3.09 16.92
CA CYS A 335 8.91 -4.20 16.03
C CYS A 335 7.95 -5.12 16.77
N ASP A 336 7.09 -5.81 16.03
CA ASP A 336 6.21 -6.79 16.66
C ASP A 336 7.05 -7.92 17.22
N ASN A 337 7.88 -8.50 16.36
CA ASN A 337 8.80 -9.55 16.77
C ASN A 337 10.22 -9.15 16.46
N ASP A 338 11.16 -10.03 16.78
CA ASP A 338 12.56 -9.82 16.49
C ASP A 338 12.88 -10.12 15.04
N TYR A 339 13.18 -9.11 14.25
CA TYR A 339 13.37 -9.30 12.82
C TYR A 339 14.83 -9.21 12.37
N ALA A 340 15.77 -9.45 13.28
CA ALA A 340 17.17 -9.45 12.90
C ALA A 340 17.46 -10.49 11.82
N LEU A 341 18.26 -10.10 10.83
CA LEU A 341 18.66 -10.95 9.70
C LEU A 341 20.18 -10.98 9.63
N PRO A 342 20.78 -12.06 9.12
CA PRO A 342 22.21 -12.20 8.99
C PRO A 342 22.76 -11.19 8.01
N MET A 343 23.97 -10.74 8.30
CA MET A 343 24.71 -9.82 7.45
C MET A 343 25.84 -10.56 6.74
N SER A 344 26.10 -10.20 5.51
CA SER A 344 27.15 -10.87 4.75
C SER A 344 28.54 -10.56 5.29
N TYR A 345 29.49 -11.43 4.97
CA TYR A 345 30.86 -11.27 5.41
C TYR A 345 31.49 -9.98 4.89
N GLU A 346 31.29 -9.70 3.62
CA GLU A 346 31.89 -8.51 3.01
C GLU A 346 31.35 -7.24 3.65
N LEU A 347 30.05 -7.19 3.91
CA LEU A 347 29.45 -6.01 4.49
C LEU A 347 29.95 -5.79 5.92
N ILE A 348 30.12 -6.86 6.69
CA ILE A 348 30.67 -6.71 8.03
C ILE A 348 32.08 -6.15 7.92
N GLY A 349 32.88 -6.69 7.02
CA GLY A 349 34.26 -6.21 6.84
C GLY A 349 34.31 -4.71 6.51
N CYS A 350 33.43 -4.24 5.62
CA CYS A 350 33.22 -2.84 5.24
C CYS A 350 32.91 -1.98 6.46
N LEU A 351 31.87 -2.37 7.18
CA LEU A 351 31.40 -1.59 8.30
C LEU A 351 32.37 -1.55 9.45
N GLN A 352 33.20 -2.59 9.58
CA GLN A 352 34.21 -2.65 10.63
C GLN A 352 35.54 -2.00 10.25
N GLY A 353 35.62 -1.35 9.10
CA GLY A 353 36.82 -0.57 8.77
C GLY A 353 37.63 -0.94 7.52
N ASP A 354 37.31 -2.01 6.82
CA ASP A 354 38.04 -2.33 5.59
C ASP A 354 37.28 -1.80 4.39
N THR A 355 37.65 -0.60 3.92
CA THR A 355 36.87 0.09 2.91
C THR A 355 37.02 -0.50 1.52
N SER A 356 37.98 -1.42 1.36
CA SER A 356 38.19 -2.03 0.05
C SER A 356 37.07 -3.01 -0.25
N LYS A 357 36.27 -3.32 0.76
CA LYS A 357 35.13 -4.22 0.65
C LYS A 357 33.76 -3.52 0.49
N CYS A 358 33.75 -2.18 0.39
CA CYS A 358 32.52 -1.39 0.30
C CYS A 358 32.17 -1.11 -1.16
N ALA A 359 31.14 -1.78 -1.67
CA ALA A 359 30.75 -1.58 -3.07
C ALA A 359 30.20 -0.19 -3.27
N ARG A 360 30.49 0.39 -4.42
CA ARG A 360 30.04 1.74 -4.75
C ARG A 360 29.28 1.82 -6.05
N GLU A 361 28.40 2.81 -6.14
CA GLU A 361 27.58 3.06 -7.32
C GLU A 361 27.77 4.48 -7.83
N LYS A 362 27.85 4.65 -9.15
CA LYS A 362 28.04 5.97 -9.72
C LYS A 362 26.75 6.78 -9.70
N VAL A 363 26.87 8.08 -9.43
CA VAL A 363 25.72 8.97 -9.43
C VAL A 363 25.47 9.52 -10.83
N VAL A 364 24.25 9.35 -11.34
CA VAL A 364 23.91 9.87 -12.67
C VAL A 364 22.82 10.93 -12.62
N SER A 365 22.05 10.95 -11.53
CA SER A 365 20.99 11.94 -11.35
C SER A 365 21.58 13.26 -10.93
N SER A 366 20.81 14.33 -11.08
CA SER A 366 21.24 15.65 -10.67
C SER A 366 21.30 15.88 -9.15
N TYR A 367 20.56 15.09 -8.36
CA TYR A 367 20.66 15.37 -6.93
C TYR A 367 21.11 14.12 -6.19
N VAL A 368 21.84 14.38 -5.13
CA VAL A 368 22.31 13.39 -4.19
C VAL A 368 22.69 14.23 -2.99
N PRO A 369 22.56 13.78 -1.75
CA PRO A 369 23.08 14.46 -0.60
C PRO A 369 24.56 14.71 -0.80
N ARG A 370 25.04 15.92 -0.57
CA ARG A 370 26.45 16.20 -0.76
C ARG A 370 27.14 16.64 0.52
N PHE A 371 26.39 16.66 1.62
CA PHE A 371 26.96 16.95 2.93
C PHE A 371 26.07 16.41 4.05
N ALA A 372 26.65 16.28 5.24
CA ALA A 372 25.91 15.89 6.43
C ALA A 372 26.58 16.39 7.69
N LEU A 373 25.78 16.58 8.76
CA LEU A 373 26.26 17.04 10.05
C LEU A 373 26.35 15.88 11.06
N SER A 374 27.53 15.73 11.67
CA SER A 374 27.73 14.68 12.67
C SER A 374 28.66 15.16 13.79
N ASP A 375 28.16 15.10 15.04
CA ASP A 375 28.89 15.56 16.21
C ASP A 375 29.37 17.02 16.06
N GLY A 376 28.55 17.84 15.46
CA GLY A 376 28.87 19.26 15.28
C GLY A 376 29.78 19.56 14.10
N LEU A 377 30.21 18.54 13.36
CA LEU A 377 31.11 18.74 12.23
C LEU A 377 30.43 18.47 10.91
N VAL A 378 30.90 19.15 9.85
CA VAL A 378 30.30 18.90 8.55
C VAL A 378 31.22 18.19 7.58
N TYR A 379 30.70 17.11 7.02
CA TYR A 379 31.42 16.35 6.01
C TYR A 379 30.81 16.72 4.66
N ALA A 380 31.63 17.04 3.68
CA ALA A 380 31.08 17.45 2.39
C ALA A 380 31.96 17.11 1.21
N ASN A 381 31.31 16.96 0.05
CA ASN A 381 32.00 16.80 -1.23
C ASN A 381 32.12 18.13 -1.94
N CYS A 382 33.24 18.84 -1.71
CA CYS A 382 33.38 20.24 -2.14
C CYS A 382 33.74 20.38 -3.58
N LEU A 383 33.81 19.26 -4.30
CA LEU A 383 34.01 19.31 -5.73
C LEU A 383 32.68 19.26 -6.46
N ASN A 384 31.62 18.85 -5.78
CA ASN A 384 30.32 18.77 -6.40
C ASN A 384 29.34 19.78 -5.82
N THR A 385 29.64 20.31 -4.64
CA THR A 385 28.80 21.36 -4.05
C THR A 385 29.69 22.57 -3.77
N ILE A 386 29.09 23.61 -3.21
CA ILE A 386 29.83 24.83 -2.91
C ILE A 386 30.25 24.91 -1.45
N CYS A 387 31.55 25.00 -1.18
CA CYS A 387 32.10 25.13 0.17
C CYS A 387 32.91 26.43 0.24
N ARG A 388 32.54 27.31 1.18
CA ARG A 388 33.26 28.57 1.38
C ARG A 388 33.38 28.92 2.87
N CYS A 389 34.48 29.63 3.22
CA CYS A 389 34.67 30.16 4.59
C CYS A 389 34.20 31.61 4.66
N MET A 390 33.23 31.85 5.54
CA MET A 390 32.63 33.18 5.65
C MET A 390 33.48 34.15 6.44
N ASP A 391 34.35 33.63 7.31
CA ASP A 391 35.19 34.51 8.11
C ASP A 391 36.21 35.22 7.23
N THR A 392 36.67 34.56 6.17
CA THR A 392 37.68 35.11 5.29
C THR A 392 37.17 35.39 3.88
N ASP A 393 35.97 34.90 3.56
CA ASP A 393 35.38 35.03 2.22
C ASP A 393 36.28 34.41 1.15
N THR A 394 36.69 33.17 1.41
CA THR A 394 37.52 32.42 0.49
C THR A 394 36.86 31.07 0.20
N PRO A 395 37.07 30.50 -0.99
CA PRO A 395 36.62 29.18 -1.38
C PRO A 395 37.41 28.11 -0.68
N ILE A 396 36.81 26.95 -0.52
CA ILE A 396 37.49 25.80 0.06
C ILE A 396 37.85 24.81 -1.02
N SER A 397 39.14 24.55 -1.15
CA SER A 397 39.61 23.66 -2.19
C SER A 397 39.58 22.21 -1.75
N GLN A 398 39.59 21.33 -2.71
CA GLN A 398 39.68 19.89 -2.52
C GLN A 398 40.41 19.33 -3.72
N SER A 399 41.48 18.60 -3.50
CA SER A 399 42.21 18.07 -4.63
C SER A 399 41.42 16.96 -5.28
N LEU A 400 41.73 16.63 -6.53
CA LEU A 400 40.99 15.57 -7.21
C LEU A 400 41.19 14.21 -6.58
N GLY A 401 42.35 14.01 -5.93
CA GLY A 401 42.61 12.75 -5.26
C GLY A 401 41.96 12.66 -3.88
N THR A 402 41.32 13.74 -3.41
CA THR A 402 40.69 13.74 -2.09
C THR A 402 39.24 13.33 -2.21
N THR A 403 38.83 12.40 -1.36
CA THR A 403 37.49 11.84 -1.43
C THR A 403 36.42 12.73 -0.79
N VAL A 404 36.63 13.13 0.46
CA VAL A 404 35.71 14.04 1.18
C VAL A 404 36.51 15.10 1.91
N SER A 405 35.87 16.21 2.25
CA SER A 405 36.51 17.25 3.05
C SER A 405 35.79 17.44 4.39
N LEU A 406 36.55 17.67 5.46
CA LEU A 406 35.97 17.91 6.77
C LEU A 406 36.03 19.37 7.15
N LEU A 407 34.88 19.93 7.53
CA LEU A 407 34.79 21.32 7.92
C LEU A 407 34.63 21.45 9.44
N ASP A 408 35.66 21.99 10.10
CA ASP A 408 35.64 22.15 11.56
C ASP A 408 36.06 23.57 11.93
N ASN A 409 36.15 23.85 13.23
CA ASN A 409 36.43 25.22 13.66
C ASN A 409 37.89 25.54 13.90
N LYS A 410 38.80 24.70 13.39
CA LYS A 410 40.21 24.98 13.59
C LYS A 410 40.65 26.24 12.88
N LYS A 411 40.08 26.48 11.71
CA LYS A 411 40.48 27.63 10.89
C LYS A 411 39.36 28.68 10.63
N CYS A 412 38.09 28.24 10.65
CA CYS A 412 36.93 29.04 10.23
C CYS A 412 35.72 28.62 11.05
N LEU A 413 34.92 29.58 11.52
CA LEU A 413 33.77 29.23 12.35
C LEU A 413 32.49 29.02 11.55
N VAL A 414 32.25 29.88 10.58
CA VAL A 414 31.02 29.79 9.80
C VAL A 414 31.30 29.43 8.37
N TYR A 415 30.71 28.34 7.93
CA TYR A 415 30.89 27.86 6.59
C TYR A 415 29.64 28.00 5.77
N GLN A 416 29.82 28.25 4.49
CA GLN A 416 28.71 28.15 3.56
C GLN A 416 28.80 26.83 2.88
N VAL A 417 27.74 26.05 2.98
CA VAL A 417 27.71 24.76 2.33
C VAL A 417 26.47 24.70 1.47
N GLY A 418 26.64 24.70 0.16
CA GLY A 418 25.49 24.79 -0.72
C GLY A 418 24.78 26.14 -0.53
N ASP A 419 23.50 26.10 -0.19
CA ASP A 419 22.70 27.31 0.00
C ASP A 419 22.45 27.68 1.47
N ILE A 420 23.21 27.09 2.39
CA ILE A 420 23.01 27.39 3.81
C ILE A 420 24.29 27.85 4.49
N LEU A 421 24.15 28.50 5.63
CA LEU A 421 25.29 28.86 6.46
C LEU A 421 25.23 28.04 7.74
N ILE A 422 26.37 27.53 8.18
CA ILE A 422 26.38 26.73 9.40
C ILE A 422 27.66 26.91 10.24
N SER A 423 27.47 26.96 11.57
CA SER A 423 28.59 27.01 12.52
C SER A 423 29.00 25.60 12.87
N VAL A 424 30.30 25.37 13.02
CA VAL A 424 30.78 24.03 13.36
C VAL A 424 31.66 23.99 14.61
N GLY A 425 31.82 22.78 15.15
CA GLY A 425 32.64 22.49 16.33
C GLY A 425 34.06 22.04 15.98
N SER A 426 34.74 21.42 16.93
CA SER A 426 36.13 21.00 16.75
C SER A 426 36.28 19.53 16.41
N TYR A 427 37.37 19.20 15.73
CA TYR A 427 37.68 17.83 15.38
C TYR A 427 38.50 17.15 16.45
N LEU A 428 38.06 15.97 16.84
CA LEU A 428 38.76 15.19 17.84
C LEU A 428 39.51 14.05 17.17
N GLY A 429 40.82 14.06 17.29
CA GLY A 429 41.64 13.06 16.62
C GLY A 429 43.11 13.28 16.89
N GLU A 430 43.94 12.41 16.31
CA GLU A 430 45.39 12.44 16.51
C GLU A 430 46.11 13.49 15.67
N GLY A 431 45.42 14.07 14.70
CA GLY A 431 46.01 15.02 13.79
C GLY A 431 45.00 15.51 12.79
N GLU A 432 45.43 16.27 11.80
CA GLU A 432 44.51 16.82 10.82
C GLU A 432 43.83 15.70 10.02
N TYR A 433 42.53 15.83 9.82
CA TYR A 433 41.76 14.88 9.04
C TYR A 433 42.14 14.95 7.58
N SER A 434 42.31 13.80 6.95
CA SER A 434 42.61 13.78 5.53
C SER A 434 42.04 12.55 4.87
N ALA A 435 41.83 12.63 3.57
CA ALA A 435 41.29 11.52 2.80
C ALA A 435 41.99 11.49 1.46
N ASP A 436 43.33 11.39 1.51
CA ASP A 436 44.16 11.48 0.32
C ASP A 436 44.43 10.14 -0.33
N ASN A 437 44.42 9.08 0.46
CA ASN A 437 44.74 7.75 -0.04
C ASN A 437 43.73 6.75 0.48
N VAL A 438 42.57 6.76 -0.12
CA VAL A 438 41.45 5.94 0.32
C VAL A 438 41.27 4.77 -0.61
N GLU A 439 41.29 3.56 -0.05
CA GLU A 439 41.08 2.38 -0.85
C GLU A 439 39.60 2.19 -1.08
N LEU A 440 39.21 2.06 -2.34
CA LEU A 440 37.80 1.94 -2.68
C LEU A 440 37.44 0.53 -3.11
N GLY A 441 36.20 0.15 -2.88
CA GLY A 441 35.70 -1.14 -3.29
C GLY A 441 35.31 -1.10 -4.77
N PRO A 442 34.77 -2.20 -5.30
CA PRO A 442 34.39 -2.35 -6.68
C PRO A 442 33.13 -1.53 -6.98
N PRO A 443 32.99 -1.03 -8.21
CA PRO A 443 31.81 -0.40 -8.74
C PRO A 443 30.74 -1.44 -9.04
N VAL A 444 29.49 -1.10 -8.78
CA VAL A 444 28.37 -1.96 -9.13
C VAL A 444 27.22 -1.19 -9.75
N VAL A 445 26.35 -1.93 -10.44
CA VAL A 445 25.05 -1.43 -10.83
C VAL A 445 24.04 -2.45 -10.34
N ILE A 446 23.13 -2.05 -9.45
CA ILE A 446 22.20 -3.05 -8.95
C ILE A 446 20.73 -2.72 -9.20
N ASP A 447 20.07 -3.69 -9.83
CA ASP A 447 18.64 -3.67 -10.14
C ASP A 447 18.21 -5.11 -10.36
N LYS A 448 16.93 -5.36 -10.59
CA LYS A 448 16.49 -6.74 -10.82
C LYS A 448 16.95 -7.25 -12.17
N ILE A 449 16.79 -6.41 -13.18
CA ILE A 449 17.13 -6.74 -14.54
C ILE A 449 18.63 -6.77 -14.73
N ASP A 450 19.31 -5.80 -14.13
CA ASP A 450 20.75 -5.71 -14.24
C ASP A 450 21.44 -6.93 -13.63
N ILE A 451 20.96 -7.42 -12.48
CA ILE A 451 21.56 -8.63 -11.90
C ILE A 451 21.30 -9.81 -12.82
N GLY A 452 20.09 -9.92 -13.37
CA GLY A 452 19.81 -11.01 -14.29
C GLY A 452 20.83 -11.04 -15.42
N ASN A 453 21.05 -9.90 -16.08
CA ASN A 453 21.99 -9.82 -17.19
C ASN A 453 23.42 -10.10 -16.76
N GLN A 454 23.81 -9.58 -15.59
CA GLN A 454 25.16 -9.73 -15.08
C GLN A 454 25.50 -11.14 -14.68
N LEU A 455 24.59 -11.79 -13.97
CA LEU A 455 24.87 -13.13 -13.48
C LEU A 455 24.93 -14.08 -14.65
N ALA A 456 24.05 -13.85 -15.64
CA ALA A 456 24.04 -14.67 -16.84
C ALA A 456 25.35 -14.54 -17.58
N GLY A 457 25.87 -13.32 -17.67
CA GLY A 457 27.15 -13.10 -18.34
C GLY A 457 28.28 -13.83 -17.63
N ILE A 458 28.25 -13.80 -16.29
CA ILE A 458 29.29 -14.45 -15.48
C ILE A 458 29.32 -15.97 -15.65
N ASN A 459 28.15 -16.64 -15.63
CA ASN A 459 28.07 -18.09 -15.80
C ASN A 459 28.27 -18.53 -17.26
N GLN A 460 27.80 -17.70 -18.23
CA GLN A 460 27.97 -17.96 -19.68
C GLN A 460 29.45 -17.90 -20.11
N THR A 461 30.22 -16.94 -19.55
CA THR A 461 31.65 -16.78 -19.83
C THR A 461 32.43 -17.89 -19.11
N SER B 22 21.25 5.78 -27.03
CA SER B 22 20.46 5.84 -28.27
C SER B 22 19.95 4.43 -28.66
N LEU B 23 18.65 4.20 -28.49
CA LEU B 23 17.99 2.90 -28.76
C LEU B 23 17.95 2.51 -30.23
N HIS B 24 18.24 1.23 -30.52
CA HIS B 24 18.22 0.68 -31.87
C HIS B 24 16.97 -0.19 -32.06
N TYR B 25 15.99 0.34 -32.75
CA TYR B 25 14.68 -0.30 -32.77
C TYR B 25 14.56 -1.50 -33.70
N ASP B 26 15.29 -1.53 -34.79
CA ASP B 26 15.17 -2.66 -35.71
C ASP B 26 15.72 -3.95 -35.13
N SER B 27 16.86 -3.88 -34.43
CA SER B 27 17.37 -5.12 -33.88
C SER B 27 16.61 -5.53 -32.63
N LEU B 28 16.03 -4.57 -31.91
CA LEU B 28 15.23 -4.89 -30.74
C LEU B 28 13.91 -5.57 -31.07
N SER B 29 13.28 -5.19 -32.17
CA SER B 29 11.99 -5.79 -32.52
C SER B 29 12.15 -7.28 -32.82
N LYS B 30 13.35 -7.69 -33.20
CA LYS B 30 13.62 -9.07 -33.57
C LYS B 30 13.74 -9.98 -32.37
N VAL B 31 13.79 -9.40 -31.17
CA VAL B 31 13.80 -10.18 -29.95
C VAL B 31 12.57 -9.84 -29.12
N GLY B 32 11.55 -9.30 -29.80
CA GLY B 32 10.27 -9.02 -29.18
C GLY B 32 10.17 -7.71 -28.41
N ILE B 33 11.06 -6.76 -28.62
CA ILE B 33 10.94 -5.49 -27.90
C ILE B 33 10.48 -4.41 -28.86
N ILE B 34 9.23 -3.98 -28.69
CA ILE B 34 8.57 -3.08 -29.62
C ILE B 34 8.48 -1.67 -29.05
N LYS B 35 8.78 -0.65 -29.86
CA LYS B 35 8.75 0.73 -29.38
C LYS B 35 7.34 1.17 -28.96
N GLY B 36 7.20 1.65 -27.72
CA GLY B 36 5.93 2.12 -27.19
C GLY B 36 5.80 3.63 -27.19
N LEU B 37 5.08 4.18 -26.20
CA LEU B 37 4.82 5.61 -26.16
C LEU B 37 5.98 6.43 -25.62
N THR B 38 6.08 7.66 -26.10
CA THR B 38 7.13 8.56 -25.68
C THR B 38 6.56 9.65 -24.76
N TYR B 39 7.19 9.85 -23.62
CA TYR B 39 6.75 10.84 -22.64
C TYR B 39 7.87 11.85 -22.41
N ASN B 40 7.54 13.07 -22.02
CA ASN B 40 8.60 14.00 -21.64
C ASN B 40 8.83 13.90 -20.14
N TYR B 41 9.81 14.63 -19.62
CA TYR B 41 10.19 14.46 -18.22
C TYR B 41 10.12 15.75 -17.42
N LYS B 42 9.39 15.71 -16.30
CA LYS B 42 9.23 16.89 -15.45
C LYS B 42 9.60 16.60 -14.00
N ILE B 43 10.18 17.59 -13.34
CA ILE B 43 10.51 17.53 -11.91
C ILE B 43 9.98 18.76 -11.17
N LYS B 44 9.89 18.68 -9.85
CA LYS B 44 9.43 19.83 -9.08
C LYS B 44 10.32 21.05 -9.28
N GLY B 45 9.70 22.19 -9.52
CA GLY B 45 10.35 23.47 -9.72
C GLY B 45 10.24 24.36 -8.48
N SER B 46 10.13 25.67 -8.71
CA SER B 46 10.07 26.63 -7.61
C SER B 46 8.75 26.54 -6.84
N PRO B 47 8.75 26.83 -5.53
CA PRO B 47 7.61 26.89 -4.64
C PRO B 47 6.76 28.15 -4.77
N SER B 48 5.56 28.05 -4.24
CA SER B 48 4.61 29.14 -4.04
C SER B 48 3.76 28.72 -2.85
N THR B 49 3.46 29.61 -1.91
CA THR B 49 2.73 29.15 -0.73
C THR B 49 1.47 29.92 -0.35
N LYS B 50 0.61 29.23 0.39
CA LYS B 50 -0.60 29.77 1.01
C LYS B 50 -0.65 29.35 2.48
N LEU B 51 -1.29 30.18 3.31
CA LEU B 51 -1.39 29.85 4.73
C LEU B 51 -2.75 29.27 5.13
N MET B 52 -2.71 28.35 6.09
CA MET B 52 -3.91 27.71 6.63
C MET B 52 -3.85 27.48 8.14
N VAL B 53 -5.00 27.57 8.80
CA VAL B 53 -5.13 27.20 10.21
C VAL B 53 -6.17 26.11 10.41
N VAL B 54 -5.76 25.06 11.09
CA VAL B 54 -6.67 23.99 11.44
C VAL B 54 -7.00 24.10 12.91
N LYS B 55 -8.26 24.37 13.22
CA LYS B 55 -8.65 24.53 14.60
C LYS B 55 -8.97 23.21 15.25
N LEU B 56 -8.40 22.98 16.42
CA LEU B 56 -8.65 21.76 17.15
C LEU B 56 -9.72 22.00 18.18
N ILE B 57 -9.76 23.22 18.70
CA ILE B 57 -10.82 23.57 19.66
C ILE B 57 -11.87 24.43 18.95
N PRO B 58 -13.09 23.90 18.76
CA PRO B 58 -14.17 24.49 18.01
C PRO B 58 -14.92 25.59 18.74
N ASN B 59 -15.65 26.36 17.96
CA ASN B 59 -16.60 27.32 18.49
C ASN B 59 -17.92 26.61 18.72
N ILE B 60 -18.31 26.49 19.98
CA ILE B 60 -19.50 25.71 20.33
C ILE B 60 -20.62 26.61 20.80
N ASP B 61 -20.59 27.86 20.39
CA ASP B 61 -21.66 28.77 20.77
C ASP B 61 -23.01 28.21 20.33
N GLY B 62 -23.93 28.12 21.27
CA GLY B 62 -25.25 27.55 21.03
C GLY B 62 -25.49 26.29 21.82
N VAL B 63 -24.41 25.57 22.19
CA VAL B 63 -24.52 24.36 22.98
C VAL B 63 -23.64 24.38 24.24
N ARG B 64 -23.12 25.54 24.59
CA ARG B 64 -22.17 25.65 25.70
C ARG B 64 -22.68 25.14 27.07
N ASN B 65 -23.98 25.39 27.36
CA ASN B 65 -24.57 24.97 28.64
C ASN B 65 -24.82 23.48 28.76
N CYS B 66 -25.01 22.78 27.62
CA CYS B 66 -25.33 21.34 27.61
C CYS B 66 -24.09 20.50 27.50
N THR B 67 -23.03 21.05 26.91
CA THR B 67 -21.80 20.32 26.63
C THR B 67 -20.61 20.68 27.52
N GLN B 68 -20.85 21.44 28.59
CA GLN B 68 -19.77 21.94 29.42
C GLN B 68 -18.80 20.86 29.91
N LYS B 69 -19.33 19.72 30.35
CA LYS B 69 -18.47 18.67 30.89
C LYS B 69 -17.57 18.04 29.84
N GLN B 70 -18.16 17.73 28.68
CA GLN B 70 -17.46 17.06 27.61
C GLN B 70 -16.44 17.96 26.96
N PHE B 71 -16.78 19.24 26.88
CA PHE B 71 -15.92 20.21 26.22
C PHE B 71 -14.67 20.46 27.05
N ASP B 72 -14.80 20.59 28.36
CA ASP B 72 -13.63 20.83 29.18
C ASP B 72 -12.67 19.65 29.15
N GLU B 73 -13.19 18.42 29.15
CA GLU B 73 -12.31 17.27 29.05
C GLU B 73 -11.55 17.29 27.74
N TYR B 74 -12.25 17.62 26.66
CA TYR B 74 -11.66 17.70 25.33
C TYR B 74 -10.53 18.72 25.26
N LYS B 75 -10.78 19.91 25.79
CA LYS B 75 -9.76 20.96 25.73
C LYS B 75 -8.47 20.52 26.39
N ASN B 76 -8.59 19.81 27.52
CA ASN B 76 -7.41 19.33 28.21
C ASN B 76 -6.61 18.34 27.37
N LEU B 77 -7.33 17.48 26.62
CA LEU B 77 -6.65 16.51 25.76
C LEU B 77 -5.91 17.20 24.64
N VAL B 78 -6.50 18.25 24.08
CA VAL B 78 -5.86 18.98 22.99
C VAL B 78 -4.58 19.62 23.48
N LYS B 79 -4.64 20.23 24.66
CA LYS B 79 -3.46 20.86 25.25
C LYS B 79 -2.31 19.89 25.38
N ASN B 80 -2.60 18.69 25.87
CA ASN B 80 -1.56 17.67 26.06
C ASN B 80 -0.95 17.20 24.74
N VAL B 81 -1.73 17.21 23.67
CA VAL B 81 -1.21 16.84 22.36
C VAL B 81 -0.28 17.88 21.79
N LEU B 82 -0.65 19.16 21.91
CA LEU B 82 0.15 20.22 21.33
C LEU B 82 1.38 20.66 22.13
N GLU B 83 1.39 20.52 23.45
CA GLU B 83 2.56 21.00 24.19
C GLU B 83 3.91 20.47 23.67
N PRO B 84 4.09 19.15 23.42
CA PRO B 84 5.31 18.56 22.89
C PRO B 84 5.67 19.06 21.49
N VAL B 85 4.69 19.59 20.77
CA VAL B 85 4.92 20.05 19.41
C VAL B 85 5.54 21.43 19.50
N LYS B 86 5.01 22.23 20.42
CA LYS B 86 5.53 23.56 20.62
C LYS B 86 6.98 23.49 21.06
N LEU B 87 7.32 22.50 21.89
CA LEU B 87 8.70 22.35 22.33
C LEU B 87 9.62 21.97 21.19
N ALA B 88 9.19 21.06 20.32
CA ALA B 88 10.02 20.67 19.19
C ALA B 88 10.26 21.85 18.23
N LEU B 89 9.23 22.66 18.03
CA LEU B 89 9.36 23.80 17.14
C LEU B 89 10.26 24.86 17.71
N ASN B 90 10.15 25.11 19.02
CA ASN B 90 11.00 26.11 19.64
C ASN B 90 12.44 25.64 19.71
N ALA B 91 12.64 24.35 19.89
CA ALA B 91 13.99 23.82 19.97
C ALA B 91 14.74 24.07 18.67
N MET B 92 14.06 23.92 17.53
CA MET B 92 14.70 24.19 16.26
C MET B 92 14.88 25.67 16.00
N LEU B 93 13.90 26.49 16.37
CA LEU B 93 14.04 27.92 16.12
C LEU B 93 15.22 28.51 16.87
N ASP B 94 15.50 27.99 18.06
CA ASP B 94 16.62 28.48 18.85
C ASP B 94 17.99 28.10 18.29
N ASN B 95 18.03 27.22 17.28
CA ASN B 95 19.29 26.82 16.68
C ASN B 95 19.58 27.65 15.44
N VAL B 96 18.70 28.59 15.10
CA VAL B 96 18.91 29.40 13.91
C VAL B 96 18.91 30.88 14.25
N LYS B 97 19.95 31.59 13.82
CA LYS B 97 20.04 33.02 14.08
C LYS B 97 20.21 33.81 12.79
N SER B 98 19.83 35.09 12.78
CA SER B 98 19.98 36.00 11.65
C SER B 98 20.04 37.43 12.16
N GLY B 107 22.15 35.70 5.14
CA GLY B 107 21.22 34.62 5.35
C GLY B 107 21.24 34.19 6.82
N ALA B 108 20.40 33.19 7.14
CA ALA B 108 20.33 32.60 8.48
C ALA B 108 21.45 31.59 8.69
N ILE B 109 21.94 31.51 9.92
CA ILE B 109 23.00 30.59 10.29
C ILE B 109 22.52 29.52 11.25
N MET B 110 22.77 28.27 10.90
CA MET B 110 22.44 27.13 11.76
C MET B 110 23.55 26.88 12.75
N ALA B 111 23.20 26.55 13.98
CA ALA B 111 24.17 26.17 14.98
C ALA B 111 24.43 24.67 14.90
N GLY B 112 25.49 24.26 14.23
CA GLY B 112 25.75 22.85 14.01
C GLY B 112 26.01 22.11 15.31
N VAL B 113 26.65 22.77 16.26
CA VAL B 113 26.98 22.13 17.53
C VAL B 113 25.72 21.86 18.34
N ALA B 114 24.82 22.84 18.39
CA ALA B 114 23.56 22.70 19.12
C ALA B 114 22.66 21.64 18.49
N LEU B 115 22.65 21.55 17.16
CA LEU B 115 21.84 20.57 16.45
C LEU B 115 22.47 19.18 16.57
N GLY B 116 23.79 19.12 16.52
CA GLY B 116 24.55 17.90 16.71
C GLY B 116 24.60 16.99 15.50
N VAL B 117 23.49 16.33 15.22
CA VAL B 117 23.38 15.38 14.11
C VAL B 117 22.19 15.69 13.24
N ALA B 118 22.44 15.79 11.94
CA ALA B 118 21.40 16.07 10.96
C ALA B 118 21.81 15.75 9.52
N THR B 119 20.81 15.45 8.69
CA THR B 119 21.01 15.34 7.25
C THR B 119 20.98 16.72 6.64
N ALA B 120 21.40 16.84 5.39
CA ALA B 120 21.32 18.12 4.70
C ALA B 120 19.88 18.58 4.61
N ALA B 121 18.96 17.64 4.40
CA ALA B 121 17.54 17.94 4.30
C ALA B 121 16.99 18.50 5.61
N THR B 122 17.48 17.96 6.73
CA THR B 122 17.02 18.40 8.05
C THR B 122 17.48 19.81 8.33
N VAL B 123 18.73 20.11 7.97
CA VAL B 123 19.27 21.45 8.19
C VAL B 123 18.50 22.47 7.36
N THR B 124 18.19 22.10 6.11
CA THR B 124 17.43 22.97 5.22
C THR B 124 16.04 23.23 5.78
N ALA B 125 15.38 22.19 6.30
CA ALA B 125 14.06 22.32 6.89
C ALA B 125 14.08 23.26 8.10
N GLY B 126 15.14 23.18 8.89
CA GLY B 126 15.30 24.05 10.05
C GLY B 126 15.41 25.51 9.65
N ILE B 127 16.20 25.79 8.62
CA ILE B 127 16.33 27.16 8.14
C ILE B 127 15.01 27.66 7.59
N ALA B 128 14.30 26.82 6.85
CA ALA B 128 13.01 27.18 6.30
C ALA B 128 12.00 27.53 7.40
N LEU B 129 12.05 26.81 8.52
CA LEU B 129 11.15 27.07 9.62
C LEU B 129 11.37 28.47 10.15
N HIS B 130 12.63 28.87 10.25
CA HIS B 130 12.97 30.20 10.72
C HIS B 130 12.39 31.27 9.78
N ARG B 131 12.53 31.05 8.48
CA ARG B 131 12.02 31.99 7.49
C ARG B 131 10.50 32.16 7.56
N SER B 132 9.80 31.10 7.91
CA SER B 132 8.33 31.11 8.00
C SER B 132 7.83 31.72 9.29
N ASN B 133 8.74 32.09 10.19
CA ASN B 133 8.33 32.61 11.49
C ASN B 133 7.58 33.94 11.35
N GLU B 134 7.89 34.72 10.31
CA GLU B 134 7.19 35.98 10.10
C GLU B 134 5.69 35.74 9.87
N ASN B 135 5.37 34.67 9.15
CA ASN B 135 3.99 34.34 8.86
C ASN B 135 3.33 33.82 10.11
N ALA B 136 4.08 33.08 10.91
CA ALA B 136 3.56 32.53 12.15
C ALA B 136 3.14 33.66 13.09
N GLN B 137 3.92 34.73 13.12
CA GLN B 137 3.59 35.88 13.96
C GLN B 137 2.37 36.62 13.43
N ALA B 138 2.26 36.74 12.11
CA ALA B 138 1.10 37.41 11.49
C ALA B 138 -0.18 36.65 11.83
N ILE B 139 -0.09 35.32 11.87
CA ILE B 139 -1.23 34.48 12.22
C ILE B 139 -1.57 34.63 13.70
N ALA B 140 -0.56 34.63 14.56
CA ALA B 140 -0.78 34.76 16.00
C ALA B 140 -1.51 36.05 16.35
N ASN B 141 -1.23 37.12 15.62
CA ASN B 141 -1.85 38.41 15.90
C ASN B 141 -3.32 38.45 15.48
N MET B 142 -3.78 37.40 14.80
CA MET B 142 -5.17 37.27 14.39
C MET B 142 -5.91 36.26 15.25
N LYS B 143 -5.30 35.86 16.36
CA LYS B 143 -5.89 34.83 17.22
C LYS B 143 -7.36 35.05 17.54
N ASN B 144 -7.75 36.29 17.81
CA ASN B 144 -9.14 36.54 18.16
C ASN B 144 -10.09 36.33 16.99
N ALA B 145 -9.63 36.59 15.77
CA ALA B 145 -10.47 36.44 14.59
C ALA B 145 -10.68 34.97 14.27
N ILE B 146 -9.67 34.18 14.58
CA ILE B 146 -9.69 32.73 14.40
C ILE B 146 -10.64 32.12 15.42
N GLN B 147 -10.50 32.52 16.67
CA GLN B 147 -11.36 31.99 17.74
C GLN B 147 -12.83 32.36 17.58
N ASN B 148 -13.10 33.54 17.03
CA ASN B 148 -14.49 34.00 16.91
C ASN B 148 -15.15 33.62 15.60
N THR B 149 -14.51 32.78 14.80
CA THR B 149 -15.12 32.31 13.57
C THR B 149 -16.21 31.29 13.86
N ASN B 150 -17.37 31.43 13.22
CA ASN B 150 -18.52 30.56 13.47
C ASN B 150 -19.00 29.76 12.26
N GLU B 151 -18.18 29.68 11.22
CA GLU B 151 -18.46 28.94 10.00
C GLU B 151 -17.38 27.93 9.76
N ALA B 152 -17.73 26.78 9.20
CA ALA B 152 -16.75 25.71 8.98
C ALA B 152 -15.57 26.16 8.14
N VAL B 153 -15.82 27.03 7.16
CA VAL B 153 -14.75 27.53 6.33
C VAL B 153 -14.78 29.06 6.24
N LYS B 154 -13.68 29.70 6.58
CA LYS B 154 -13.61 31.16 6.53
C LYS B 154 -12.27 31.68 6.01
N GLN B 155 -12.30 32.81 5.30
CA GLN B 155 -11.06 33.44 4.87
C GLN B 155 -10.80 34.75 5.62
N LEU B 156 -9.66 34.84 6.26
CA LEU B 156 -9.25 36.03 7.00
C LEU B 156 -8.14 36.78 6.27
N GLN B 157 -8.02 38.07 6.53
CA GLN B 157 -6.93 38.85 5.97
C GLN B 157 -5.86 39.10 7.02
N LEU B 158 -4.59 38.96 6.64
CA LEU B 158 -3.50 39.23 7.56
C LEU B 158 -2.96 40.64 7.34
N ALA B 159 -2.24 41.15 8.33
CA ALA B 159 -1.67 42.50 8.28
C ALA B 159 -0.67 42.68 7.15
N ASN B 160 -0.12 41.58 6.64
CA ASN B 160 0.86 41.63 5.57
C ASN B 160 0.22 41.41 4.20
N LYS B 161 -1.10 41.53 4.15
CA LYS B 161 -1.92 41.40 2.94
C LYS B 161 -2.01 39.98 2.39
N GLN B 162 -1.56 39.01 3.17
CA GLN B 162 -1.75 37.62 2.78
C GLN B 162 -3.09 37.15 3.29
N THR B 163 -3.67 36.16 2.64
CA THR B 163 -4.92 35.59 3.13
C THR B 163 -4.64 34.41 4.01
N LEU B 164 -5.60 34.06 4.86
CA LEU B 164 -5.49 32.88 5.69
C LEU B 164 -6.75 32.04 5.61
N ALA B 165 -6.59 30.75 5.31
CA ALA B 165 -7.72 29.84 5.25
C ALA B 165 -7.92 29.18 6.62
N VAL B 166 -9.06 29.41 7.25
CA VAL B 166 -9.29 28.87 8.58
C VAL B 166 -10.42 27.85 8.57
N ILE B 167 -10.16 26.65 9.06
CA ILE B 167 -11.22 25.63 9.11
C ILE B 167 -11.49 25.04 10.49
N ASP B 168 -12.77 24.80 10.78
CA ASP B 168 -13.24 24.14 12.01
C ASP B 168 -14.40 23.18 11.73
N THR B 169 -14.03 21.98 11.31
CA THR B 169 -14.94 20.95 10.85
C THR B 169 -16.10 20.70 11.83
N ILE B 170 -15.76 20.69 13.11
CA ILE B 170 -16.75 20.45 14.16
C ILE B 170 -17.86 21.47 14.17
N ARG B 171 -17.53 22.74 13.89
CA ARG B 171 -18.54 23.79 13.90
C ARG B 171 -19.54 23.52 12.81
N GLY B 172 -19.06 23.01 11.69
CA GLY B 172 -19.91 22.68 10.57
C GLY B 172 -20.92 21.62 10.98
N GLU B 173 -20.44 20.57 11.64
CA GLU B 173 -21.30 19.49 12.09
C GLU B 173 -22.35 19.96 13.09
N ILE B 174 -22.00 20.88 13.97
CA ILE B 174 -22.99 21.43 14.91
C ILE B 174 -24.04 22.25 14.16
N ASN B 175 -23.60 23.11 13.24
CA ASN B 175 -24.51 23.94 12.47
C ASN B 175 -25.47 23.12 11.62
N ASN B 176 -25.00 21.99 11.12
CA ASN B 176 -25.84 21.18 10.25
C ASN B 176 -26.67 20.11 10.94
N ASN B 177 -26.14 19.48 11.99
CA ASN B 177 -26.87 18.36 12.58
C ASN B 177 -27.52 18.62 13.93
N ILE B 178 -27.08 19.63 14.69
CA ILE B 178 -27.66 19.84 16.02
C ILE B 178 -28.57 21.05 16.08
N ILE B 179 -28.09 22.18 15.57
CA ILE B 179 -28.88 23.39 15.72
C ILE B 179 -30.28 23.34 15.09
N PRO B 180 -30.48 22.84 13.87
CA PRO B 180 -31.77 22.76 13.20
C PRO B 180 -32.81 21.94 13.95
N VAL B 181 -32.37 21.08 14.87
CA VAL B 181 -33.28 20.23 15.63
C VAL B 181 -33.09 20.39 17.11
N ILE B 182 -32.44 21.47 17.53
CA ILE B 182 -32.06 21.62 18.93
C ILE B 182 -33.26 21.66 19.87
N ASN B 183 -34.40 22.12 19.39
CA ASN B 183 -35.58 22.19 20.24
C ASN B 183 -36.21 20.83 20.49
N GLN B 184 -35.70 19.80 19.82
CA GLN B 184 -36.18 18.43 19.99
C GLN B 184 -35.25 17.65 20.90
N LEU B 185 -34.16 18.26 21.34
CA LEU B 185 -33.15 17.55 22.10
C LEU B 185 -33.00 18.09 23.52
N SER B 186 -32.93 17.18 24.49
CA SER B 186 -32.64 17.58 25.87
C SER B 186 -31.14 17.80 25.99
N CYS B 187 -30.66 18.44 27.08
CA CYS B 187 -29.21 18.64 27.29
C CYS B 187 -28.43 17.35 27.41
N ASP B 188 -29.01 16.32 28.02
CA ASP B 188 -28.24 15.09 28.13
C ASP B 188 -27.90 14.57 26.75
N THR B 189 -28.85 14.68 25.83
CA THR B 189 -28.68 14.23 24.45
C THR B 189 -27.68 15.10 23.70
N ILE B 190 -27.78 16.41 23.87
CA ILE B 190 -26.86 17.33 23.21
C ILE B 190 -25.45 17.10 23.70
N GLY B 191 -25.30 16.90 25.00
CA GLY B 191 -24.02 16.65 25.62
C GLY B 191 -23.37 15.40 25.03
N LEU B 192 -24.12 14.30 25.00
CA LEU B 192 -23.60 13.04 24.48
C LEU B 192 -23.31 13.12 22.99
N SER B 193 -24.18 13.78 22.24
CA SER B 193 -24.05 13.87 20.79
C SER B 193 -22.80 14.65 20.39
N VAL B 194 -22.57 15.78 21.06
CA VAL B 194 -21.39 16.59 20.78
C VAL B 194 -20.13 15.85 21.23
N GLY B 195 -20.19 15.19 22.38
CA GLY B 195 -19.04 14.46 22.89
C GLY B 195 -18.53 13.44 21.86
N ILE B 196 -19.43 12.69 21.23
CA ILE B 196 -19.03 11.74 20.20
C ILE B 196 -18.39 12.45 19.01
N LYS B 197 -18.93 13.59 18.59
CA LYS B 197 -18.34 14.33 17.48
C LYS B 197 -16.94 14.84 17.81
N LEU B 198 -16.75 15.35 19.03
CA LEU B 198 -15.44 15.87 19.42
C LEU B 198 -14.42 14.75 19.40
N THR B 199 -14.84 13.60 19.89
CA THR B 199 -13.98 12.44 20.00
C THR B 199 -13.60 11.87 18.65
N GLN B 200 -14.51 11.75 17.70
CA GLN B 200 -14.14 11.19 16.42
C GLN B 200 -13.22 12.15 15.65
N TYR B 201 -13.43 13.46 15.85
CA TYR B 201 -12.55 14.44 15.23
C TYR B 201 -11.13 14.25 15.72
N TYR B 202 -10.99 14.09 17.03
CA TYR B 202 -9.69 13.88 17.65
C TYR B 202 -8.98 12.68 17.01
N SER B 203 -9.71 11.59 16.78
CA SER B 203 -9.14 10.41 16.13
C SER B 203 -8.66 10.71 14.71
N GLU B 204 -9.39 11.56 13.98
CA GLU B 204 -9.00 11.92 12.62
C GLU B 204 -7.72 12.74 12.63
N ILE B 205 -7.55 13.58 13.65
CA ILE B 205 -6.33 14.37 13.78
C ILE B 205 -5.14 13.48 14.06
N LEU B 206 -5.31 12.51 14.96
CA LEU B 206 -4.20 11.62 15.27
C LEU B 206 -3.77 10.82 14.07
N THR B 207 -4.71 10.45 13.23
CA THR B 207 -4.39 9.68 12.04
C THR B 207 -3.73 10.54 10.94
N ALA B 208 -4.28 11.73 10.69
CA ALA B 208 -3.78 12.58 9.61
C ALA B 208 -2.47 13.31 9.96
N PHE B 209 -2.36 13.81 11.18
CA PHE B 209 -1.19 14.58 11.58
C PHE B 209 -0.30 13.82 12.53
N GLY B 210 -0.55 12.54 12.74
CA GLY B 210 0.22 11.79 13.72
C GLY B 210 1.72 12.03 13.61
N PRO B 211 2.34 11.59 12.50
CA PRO B 211 3.75 11.76 12.18
C PRO B 211 4.21 13.20 12.23
N ALA B 212 3.32 14.13 11.88
CA ALA B 212 3.66 15.55 11.86
C ALA B 212 3.73 16.15 13.25
N LEU B 213 3.02 15.57 14.20
CA LEU B 213 3.05 16.10 15.54
C LEU B 213 4.28 15.57 16.25
N GLN B 214 4.71 14.37 15.85
CA GLN B 214 5.90 13.77 16.43
C GLN B 214 7.18 14.38 15.84
N ASN B 215 7.14 14.78 14.58
CA ASN B 215 8.29 15.39 13.91
C ASN B 215 7.85 16.57 13.02
N PRO B 216 7.44 17.70 13.62
CA PRO B 216 6.84 18.85 12.97
C PRO B 216 7.80 19.62 12.07
N VAL B 217 9.08 19.38 12.23
CA VAL B 217 10.08 20.08 11.45
C VAL B 217 10.30 19.42 10.10
N ASN B 218 10.35 18.08 10.07
CA ASN B 218 10.68 17.38 8.84
C ASN B 218 9.51 16.75 8.08
N THR B 219 8.37 16.56 8.73
CA THR B 219 7.26 15.89 8.08
C THR B 219 6.40 16.80 7.22
N ARG B 220 6.04 16.34 6.03
CA ARG B 220 5.15 17.08 5.15
C ARG B 220 3.87 16.26 4.92
N ILE B 221 2.74 16.95 4.78
CA ILE B 221 1.43 16.30 4.63
C ILE B 221 0.80 16.69 3.30
N THR B 222 0.29 15.73 2.53
CA THR B 222 -0.35 16.07 1.25
C THR B 222 -1.71 16.73 1.49
N ILE B 223 -2.20 17.49 0.53
CA ILE B 223 -3.48 18.17 0.68
C ILE B 223 -4.65 17.19 0.84
N GLN B 224 -4.56 16.04 0.19
CA GLN B 224 -5.61 15.02 0.30
C GLN B 224 -5.61 14.38 1.68
N ALA B 225 -4.50 14.52 2.42
CA ALA B 225 -4.41 13.97 3.75
C ALA B 225 -4.93 14.99 4.76
N ILE B 226 -4.65 16.27 4.50
CA ILE B 226 -5.13 17.36 5.35
C ILE B 226 -6.66 17.38 5.31
N SER B 227 -7.18 17.20 4.11
CA SER B 227 -8.61 17.20 3.88
C SER B 227 -9.34 16.07 4.56
N SER B 228 -8.63 15.05 5.07
CA SER B 228 -9.28 13.93 5.74
C SER B 228 -9.78 14.37 7.12
N VAL B 229 -9.32 15.52 7.57
CA VAL B 229 -9.89 16.10 8.81
C VAL B 229 -11.17 16.81 8.36
N PHE B 230 -11.12 17.52 7.23
CA PHE B 230 -12.33 18.19 6.67
C PHE B 230 -13.24 17.33 5.76
N ASN B 231 -13.78 16.20 6.23
CA ASN B 231 -14.76 15.36 5.49
C ASN B 231 -14.23 14.98 4.10
N ARG B 232 -12.95 15.13 3.81
CA ARG B 232 -12.26 14.64 2.58
C ARG B 232 -12.46 15.62 1.43
N ASN B 233 -12.86 16.82 1.77
CA ASN B 233 -13.20 17.82 0.79
C ASN B 233 -12.02 18.71 0.44
N PHE B 234 -11.12 18.19 -0.38
CA PHE B 234 -9.96 18.97 -0.75
C PHE B 234 -10.31 20.03 -1.78
N ASP B 235 -11.43 19.86 -2.49
CA ASP B 235 -11.83 20.85 -3.48
C ASP B 235 -12.22 22.15 -2.79
N GLU B 236 -12.85 22.06 -1.64
CA GLU B 236 -13.23 23.25 -0.89
C GLU B 236 -12.00 23.95 -0.36
N LEU B 237 -11.02 23.19 0.13
CA LEU B 237 -9.83 23.81 0.67
C LEU B 237 -9.06 24.54 -0.42
N LEU B 238 -8.98 23.93 -1.60
CA LEU B 238 -8.27 24.55 -2.71
C LEU B 238 -8.99 25.80 -3.19
N LYS B 239 -10.32 25.76 -3.22
CA LYS B 239 -11.12 26.91 -3.63
C LYS B 239 -10.88 28.13 -2.75
N ILE B 240 -10.82 27.93 -1.44
CA ILE B 240 -10.57 29.03 -0.50
C ILE B 240 -9.20 29.64 -0.74
N MET B 241 -8.23 28.78 -1.04
CA MET B 241 -6.87 29.22 -1.30
C MET B 241 -6.70 29.82 -2.70
N GLY B 242 -7.78 29.92 -3.48
CA GLY B 242 -7.75 30.55 -4.80
C GLY B 242 -7.45 29.63 -5.98
N TYR B 243 -7.64 28.32 -5.83
CA TYR B 243 -7.34 27.41 -6.92
C TYR B 243 -8.52 26.56 -7.37
N THR B 244 -8.48 26.13 -8.63
CA THR B 244 -9.45 25.21 -9.19
C THR B 244 -8.83 23.82 -9.27
N SER B 245 -9.50 22.81 -8.73
CA SER B 245 -8.90 21.47 -8.71
C SER B 245 -8.60 20.95 -10.11
N GLY B 246 -9.48 21.24 -11.05
CA GLY B 246 -9.34 20.76 -12.42
C GLY B 246 -8.11 21.34 -13.13
N ASP B 247 -7.58 22.45 -12.62
CA ASP B 247 -6.43 23.06 -13.25
C ASP B 247 -5.13 22.63 -12.59
N LEU B 248 -5.24 21.84 -11.53
CA LEU B 248 -4.07 21.42 -10.77
C LEU B 248 -3.82 19.94 -10.92
N TYR B 249 -4.37 19.33 -11.95
CA TYR B 249 -4.24 17.88 -12.08
C TYR B 249 -2.81 17.37 -11.92
N GLU B 250 -1.84 17.98 -12.59
CA GLU B 250 -0.47 17.45 -12.55
C GLU B 250 0.18 17.48 -11.17
N ILE B 251 -0.03 18.53 -10.39
CA ILE B 251 0.62 18.58 -9.09
C ILE B 251 -0.27 18.00 -7.99
N LEU B 252 -1.58 18.04 -8.19
CA LEU B 252 -2.50 17.48 -7.22
C LEU B 252 -2.43 15.97 -7.22
N HIS B 253 -2.53 15.38 -8.40
CA HIS B 253 -2.51 13.92 -8.57
C HIS B 253 -1.15 13.32 -8.25
N SER B 254 -0.09 14.06 -8.49
CA SER B 254 1.25 13.57 -8.24
C SER B 254 1.66 13.63 -6.77
N GLY B 255 0.81 14.24 -5.93
CA GLY B 255 1.10 14.37 -4.52
C GLY B 255 2.12 15.47 -4.21
N LEU B 256 2.18 16.50 -5.05
CA LEU B 256 3.16 17.55 -4.82
C LEU B 256 2.60 18.76 -4.07
N ILE B 257 1.30 18.78 -3.81
CA ILE B 257 0.75 19.87 -2.99
C ILE B 257 0.79 19.39 -1.56
N ARG B 258 1.68 20.00 -0.79
CA ARG B 258 1.98 19.53 0.57
C ARG B 258 2.14 20.68 1.53
N GLY B 259 1.84 20.44 2.80
CA GLY B 259 2.09 21.45 3.81
C GLY B 259 2.96 20.96 4.94
N ASN B 260 3.35 21.89 5.79
CA ASN B 260 4.13 21.58 6.97
C ASN B 260 3.73 22.49 8.12
N ILE B 261 4.01 22.06 9.34
CA ILE B 261 3.64 22.85 10.51
C ILE B 261 4.65 23.95 10.75
N ILE B 262 4.17 25.18 10.82
CA ILE B 262 5.07 26.30 11.06
C ILE B 262 4.89 26.82 12.48
N ASP B 263 3.72 26.58 13.05
CA ASP B 263 3.47 26.98 14.44
C ASP B 263 2.26 26.28 15.03
N VAL B 264 2.20 26.27 16.35
CA VAL B 264 0.99 25.82 17.05
C VAL B 264 0.66 26.79 18.17
N ASP B 265 -0.60 26.84 18.56
CA ASP B 265 -1.00 27.63 19.71
C ASP B 265 -1.72 26.74 20.68
N VAL B 266 -1.02 26.42 21.78
CA VAL B 266 -1.46 25.44 22.75
C VAL B 266 -2.75 25.83 23.48
N GLU B 267 -2.85 27.09 23.89
CA GLU B 267 -4.02 27.53 24.63
C GLU B 267 -5.21 27.79 23.71
N ALA B 268 -4.95 28.30 22.50
CA ALA B 268 -6.03 28.57 21.55
C ALA B 268 -6.48 27.29 20.91
N GLY B 269 -5.59 26.32 20.78
CA GLY B 269 -5.98 25.04 20.22
C GLY B 269 -5.97 25.01 18.71
N TYR B 270 -4.89 25.47 18.09
CA TYR B 270 -4.82 25.38 16.63
C TYR B 270 -3.43 25.08 16.09
N ILE B 271 -3.40 24.56 14.87
CA ILE B 271 -2.17 24.28 14.12
C ILE B 271 -2.07 25.17 12.89
N ALA B 272 -0.95 25.88 12.76
CA ALA B 272 -0.71 26.73 11.61
C ALA B 272 0.15 26.01 10.59
N LEU B 273 -0.37 25.87 9.39
CA LEU B 273 0.28 25.19 8.27
C LEU B 273 0.67 26.14 7.16
N GLU B 274 1.70 25.78 6.44
CA GLU B 274 2.06 26.49 5.23
C GLU B 274 2.02 25.48 4.09
N ILE B 275 1.22 25.76 3.06
CA ILE B 275 0.99 24.82 1.97
C ILE B 275 1.61 25.27 0.66
N GLU B 276 2.42 24.38 0.07
CA GLU B 276 3.14 24.64 -1.16
C GLU B 276 2.40 24.13 -2.40
N PHE B 277 2.37 24.98 -3.42
CA PHE B 277 1.81 24.73 -4.74
C PHE B 277 2.89 24.96 -5.80
N PRO B 278 3.77 23.98 -6.03
CA PRO B 278 4.98 24.10 -6.82
C PRO B 278 4.70 24.20 -8.31
N ASN B 279 5.64 24.82 -9.01
CA ASN B 279 5.64 24.83 -10.46
C ASN B 279 6.40 23.60 -10.92
N LEU B 280 6.16 23.16 -12.14
CA LEU B 280 6.93 22.04 -12.68
C LEU B 280 7.96 22.51 -13.67
N THR B 281 9.11 21.86 -13.64
CA THR B 281 10.22 22.14 -14.54
C THR B 281 10.35 21.07 -15.59
N LEU B 282 10.37 21.49 -16.84
CA LEU B 282 10.57 20.54 -17.93
C LEU B 282 12.06 20.34 -18.10
N VAL B 283 12.50 19.10 -18.05
CA VAL B 283 13.92 18.81 -18.12
C VAL B 283 14.39 18.73 -19.57
N PRO B 284 15.31 19.61 -20.01
CA PRO B 284 15.73 19.75 -21.38
C PRO B 284 16.45 18.51 -21.87
N ASN B 285 16.10 18.10 -23.08
CA ASN B 285 16.71 16.95 -23.76
C ASN B 285 16.48 15.63 -23.04
N ALA B 286 15.52 15.59 -22.11
CA ALA B 286 15.21 14.35 -21.41
C ALA B 286 13.93 13.74 -21.94
N VAL B 287 14.04 12.51 -22.41
CA VAL B 287 12.90 11.78 -22.97
C VAL B 287 12.73 10.43 -22.30
N VAL B 288 11.50 10.08 -21.95
CA VAL B 288 11.23 8.77 -21.36
C VAL B 288 10.54 7.88 -22.40
N GLN B 289 11.18 6.79 -22.76
CA GLN B 289 10.64 5.91 -23.78
C GLN B 289 10.14 4.60 -23.20
N GLU B 290 8.89 4.28 -23.51
CA GLU B 290 8.28 3.02 -23.12
C GLU B 290 8.61 1.91 -24.10
N LEU B 291 8.90 0.73 -23.56
CA LEU B 291 9.14 -0.46 -24.39
C LEU B 291 8.02 -1.47 -24.15
N MET B 292 7.58 -2.14 -25.20
CA MET B 292 6.50 -3.13 -25.10
C MET B 292 6.99 -4.52 -25.48
N PRO B 293 7.29 -5.41 -24.53
CA PRO B 293 7.77 -6.74 -24.79
C PRO B 293 6.66 -7.66 -25.29
N ILE B 294 6.98 -8.51 -26.25
CA ILE B 294 6.10 -9.58 -26.70
C ILE B 294 6.88 -10.88 -26.71
N SER B 295 6.19 -12.00 -26.75
CA SER B 295 6.90 -13.25 -26.85
C SER B 295 7.47 -13.46 -28.25
N TYR B 296 8.43 -14.37 -28.34
CA TYR B 296 9.01 -14.75 -29.62
C TYR B 296 9.39 -16.22 -29.66
N ASN B 297 9.59 -16.71 -30.87
CA ASN B 297 9.92 -18.11 -31.10
C ASN B 297 11.39 -18.44 -31.16
N VAL B 298 11.76 -19.51 -30.45
CA VAL B 298 13.09 -20.07 -30.54
C VAL B 298 13.00 -21.58 -30.76
N ASP B 299 13.05 -22.00 -32.01
CA ASP B 299 13.00 -23.42 -32.35
C ASP B 299 11.83 -24.17 -31.71
N GLY B 300 10.64 -23.56 -31.64
CA GLY B 300 9.47 -24.22 -31.08
C GLY B 300 9.15 -23.80 -29.64
N ASP B 301 10.10 -23.17 -28.95
CA ASP B 301 9.85 -22.70 -27.59
C ASP B 301 9.43 -21.23 -27.59
N GLU B 302 8.72 -20.83 -26.54
CA GLU B 302 8.28 -19.44 -26.42
C GLU B 302 9.07 -18.69 -25.35
N TRP B 303 9.72 -17.61 -25.75
CA TRP B 303 10.60 -16.81 -24.90
C TRP B 303 10.24 -15.33 -24.88
N VAL B 304 10.58 -14.65 -23.78
CA VAL B 304 10.42 -13.21 -23.72
C VAL B 304 11.73 -12.54 -23.24
N THR B 305 12.09 -11.41 -23.86
CA THR B 305 13.32 -10.68 -23.52
C THR B 305 13.10 -9.78 -22.31
N LEU B 306 14.10 -9.70 -21.44
CA LEU B 306 14.00 -8.90 -20.23
C LEU B 306 14.68 -7.53 -20.33
N VAL B 307 13.86 -6.49 -20.40
CA VAL B 307 14.27 -5.10 -20.45
C VAL B 307 13.38 -4.33 -19.48
N PRO B 308 13.78 -3.15 -19.00
CA PRO B 308 12.95 -2.26 -18.21
C PRO B 308 11.84 -1.71 -19.07
N ARG B 309 10.67 -1.46 -18.47
CA ARG B 309 9.57 -0.85 -19.21
C ARG B 309 9.91 0.55 -19.68
N PHE B 310 10.56 1.32 -18.83
CA PHE B 310 10.90 2.68 -19.20
C PHE B 310 12.38 2.93 -19.21
N VAL B 311 12.84 3.60 -20.25
CA VAL B 311 14.22 4.00 -20.41
C VAL B 311 14.32 5.51 -20.53
N LEU B 312 15.21 6.11 -19.76
CA LEU B 312 15.38 7.55 -19.81
C LEU B 312 16.59 7.91 -20.66
N THR B 313 16.40 8.82 -21.59
CA THR B 313 17.51 9.26 -22.42
C THR B 313 17.78 10.74 -22.23
N ARG B 314 19.03 11.08 -22.01
CA ARG B 314 19.44 12.48 -21.88
C ARG B 314 20.46 12.80 -22.94
N THR B 315 19.99 13.55 -23.94
CA THR B 315 20.71 13.88 -25.17
C THR B 315 21.05 12.58 -25.92
N THR B 316 22.10 11.90 -25.47
CA THR B 316 22.56 10.66 -26.09
C THR B 316 22.69 9.46 -25.13
N LEU B 317 22.65 9.71 -23.82
CA LEU B 317 22.95 8.66 -22.84
C LEU B 317 21.71 7.97 -22.31
N LEU B 318 21.82 6.66 -22.05
CA LEU B 318 20.71 5.90 -21.49
C LEU B 318 20.90 5.74 -19.99
N SER B 319 19.79 5.76 -19.26
CA SER B 319 19.79 5.50 -17.83
C SER B 319 18.47 4.86 -17.43
N ASN B 320 18.42 4.34 -16.22
CA ASN B 320 17.20 3.74 -15.70
C ASN B 320 16.33 4.77 -15.01
N ILE B 321 15.02 4.63 -15.14
CA ILE B 321 14.10 5.50 -14.41
C ILE B 321 13.09 4.69 -13.64
N ASP B 322 13.06 4.87 -12.33
CA ASP B 322 12.14 4.10 -11.53
C ASP B 322 10.80 4.81 -11.43
N THR B 323 9.92 4.49 -12.36
CA THR B 323 8.64 5.17 -12.47
C THR B 323 7.65 4.76 -11.41
N SER B 324 8.01 3.79 -10.55
CA SER B 324 7.06 3.39 -9.51
C SER B 324 6.99 4.47 -8.44
N ARG B 325 7.96 5.37 -8.49
CA ARG B 325 8.04 6.51 -7.58
C ARG B 325 7.56 7.82 -8.21
N CYS B 326 7.01 7.78 -9.43
CA CYS B 326 6.62 8.93 -10.25
C CYS B 326 5.17 8.77 -10.74
N THR B 327 4.57 9.87 -11.15
CA THR B 327 3.25 9.79 -11.74
C THR B 327 3.33 9.85 -13.24
N VAL B 328 2.79 8.84 -13.91
CA VAL B 328 2.81 8.84 -15.35
C VAL B 328 1.48 9.33 -15.87
N THR B 329 1.52 10.37 -16.68
CA THR B 329 0.35 11.00 -17.25
C THR B 329 0.33 10.75 -18.74
N GLU B 330 -0.67 11.26 -19.42
CA GLU B 330 -0.80 11.06 -20.86
C GLU B 330 0.45 11.44 -21.65
N SER B 331 1.09 12.55 -21.30
CA SER B 331 2.24 13.03 -22.06
C SER B 331 3.53 13.20 -21.24
N SER B 332 3.44 13.15 -19.93
CA SER B 332 4.60 13.44 -19.08
C SER B 332 4.81 12.44 -17.96
N VAL B 333 6.07 12.26 -17.58
CA VAL B 333 6.38 11.55 -16.34
C VAL B 333 6.79 12.57 -15.31
N ILE B 334 6.00 12.69 -14.26
CA ILE B 334 6.23 13.73 -13.27
C ILE B 334 6.75 13.15 -11.96
N CYS B 335 7.98 13.53 -11.61
CA CYS B 335 8.68 13.04 -10.42
C CYS B 335 8.88 14.21 -9.47
N ASP B 336 8.95 13.94 -8.18
CA ASP B 336 9.25 14.99 -7.21
C ASP B 336 10.66 15.48 -7.46
N ASN B 337 11.60 14.55 -7.47
CA ASN B 337 13.00 14.87 -7.74
C ASN B 337 13.49 14.07 -8.93
N ASP B 338 14.75 14.25 -9.27
CA ASP B 338 15.38 13.52 -10.36
C ASP B 338 15.80 12.13 -9.88
N TYR B 339 15.14 11.09 -10.37
CA TYR B 339 15.39 9.75 -9.89
C TYR B 339 16.15 8.86 -10.88
N ALA B 340 16.90 9.48 -11.80
CA ALA B 340 17.69 8.68 -12.73
C ALA B 340 18.71 7.81 -11.99
N LEU B 341 18.83 6.55 -12.44
CA LEU B 341 19.75 5.57 -11.88
C LEU B 341 20.65 5.05 -12.98
N PRO B 342 21.88 4.61 -12.68
CA PRO B 342 22.82 4.08 -13.63
C PRO B 342 22.30 2.79 -14.23
N MET B 343 22.63 2.60 -15.50
CA MET B 343 22.29 1.40 -16.24
C MET B 343 23.54 0.55 -16.44
N SER B 344 23.38 -0.77 -16.38
CA SER B 344 24.53 -1.65 -16.54
C SER B 344 25.07 -1.63 -17.95
N TYR B 345 26.33 -2.04 -18.10
CA TYR B 345 27.00 -2.08 -19.38
C TYR B 345 26.30 -3.01 -20.36
N GLU B 346 25.94 -4.21 -19.89
CA GLU B 346 25.32 -5.19 -20.75
C GLU B 346 23.96 -4.70 -21.27
N LEU B 347 23.18 -4.07 -20.40
CA LEU B 347 21.87 -3.59 -20.80
C LEU B 347 21.99 -2.46 -21.82
N ILE B 348 22.97 -1.58 -21.65
CA ILE B 348 23.16 -0.54 -22.65
C ILE B 348 23.53 -1.17 -23.98
N GLY B 349 24.42 -2.15 -23.97
CA GLY B 349 24.81 -2.84 -25.21
C GLY B 349 23.61 -3.47 -25.94
N CYS B 350 22.72 -4.13 -25.18
CA CYS B 350 21.44 -4.71 -25.64
C CYS B 350 20.57 -3.65 -26.31
N LEU B 351 20.30 -2.58 -25.58
CA LEU B 351 19.40 -1.56 -26.05
C LEU B 351 19.94 -0.79 -27.23
N GLN B 352 21.26 -0.71 -27.35
CA GLN B 352 21.90 -0.03 -28.47
C GLN B 352 22.13 -0.92 -29.69
N GLY B 353 21.63 -2.15 -29.67
CA GLY B 353 21.69 -2.98 -30.89
C GLY B 353 22.44 -4.32 -30.85
N ASP B 354 23.13 -4.65 -29.76
CA ASP B 354 23.80 -5.95 -29.69
C ASP B 354 22.92 -6.95 -28.96
N THR B 355 22.15 -7.74 -29.71
CA THR B 355 21.13 -8.58 -29.11
C THR B 355 21.69 -9.80 -28.41
N SER B 356 22.99 -10.06 -28.58
CA SER B 356 23.60 -11.21 -27.94
C SER B 356 23.75 -10.95 -26.44
N LYS B 357 23.55 -9.70 -26.04
CA LYS B 357 23.63 -9.28 -24.65
C LYS B 357 22.28 -9.15 -23.92
N CYS B 358 21.17 -9.50 -24.60
CA CYS B 358 19.82 -9.37 -24.05
C CYS B 358 19.37 -10.69 -23.40
N ALA B 359 19.33 -10.71 -22.07
CA ALA B 359 18.94 -11.93 -21.36
C ALA B 359 17.48 -12.23 -21.63
N ARG B 360 17.16 -13.51 -21.73
CA ARG B 360 15.79 -13.96 -22.00
C ARG B 360 15.28 -14.95 -20.98
N GLU B 361 13.96 -14.97 -20.81
CA GLU B 361 13.29 -15.87 -19.88
C GLU B 361 12.23 -16.69 -20.60
N LYS B 362 12.12 -17.97 -20.26
CA LYS B 362 11.15 -18.84 -20.92
C LYS B 362 9.74 -18.59 -20.38
N VAL B 363 8.75 -18.65 -21.26
CA VAL B 363 7.36 -18.48 -20.87
C VAL B 363 6.75 -19.82 -20.46
N VAL B 364 6.19 -19.88 -19.25
CA VAL B 364 5.56 -21.12 -18.78
C VAL B 364 4.06 -20.96 -18.54
N SER B 365 3.61 -19.72 -18.36
CA SER B 365 2.20 -19.42 -18.15
C SER B 365 1.46 -19.49 -19.47
N SER B 366 0.14 -19.62 -19.39
CA SER B 366 -0.69 -19.64 -20.59
C SER B 366 -0.83 -18.29 -21.32
N TYR B 367 -0.61 -17.16 -20.63
CA TYR B 367 -0.77 -15.92 -21.37
C TYR B 367 0.52 -15.12 -21.32
N VAL B 368 0.74 -14.40 -22.40
CA VAL B 368 1.83 -13.47 -22.58
C VAL B 368 1.36 -12.65 -23.76
N PRO B 369 1.66 -11.37 -23.87
CA PRO B 369 1.41 -10.59 -25.06
C PRO B 369 2.06 -11.28 -26.24
N ARG B 370 1.35 -11.46 -27.34
CA ARG B 370 1.92 -12.13 -28.50
C ARG B 370 1.98 -11.24 -29.73
N PHE B 371 1.54 -9.99 -29.57
CA PHE B 371 1.64 -9.02 -30.64
C PHE B 371 1.58 -7.58 -30.09
N ALA B 372 2.03 -6.63 -30.89
CA ALA B 372 1.93 -5.21 -30.56
C ALA B 372 1.91 -4.35 -31.81
N LEU B 373 1.31 -3.16 -31.69
CA LEU B 373 1.22 -2.19 -32.79
C LEU B 373 2.22 -1.05 -32.60
N SER B 374 3.03 -0.80 -33.64
CA SER B 374 4.01 0.28 -33.61
C SER B 374 4.16 0.94 -34.98
N ASP B 375 3.93 2.25 -35.02
CA ASP B 375 3.98 3.03 -36.26
C ASP B 375 3.07 2.45 -37.35
N GLY B 376 1.91 1.96 -36.95
CA GLY B 376 0.93 1.41 -37.88
C GLY B 376 1.21 -0.02 -38.30
N LEU B 377 2.29 -0.64 -37.80
CA LEU B 377 2.62 -2.01 -38.18
C LEU B 377 2.44 -2.97 -37.04
N VAL B 378 2.16 -4.23 -37.36
CA VAL B 378 2.00 -5.21 -36.30
C VAL B 378 3.11 -6.24 -36.26
N TYR B 379 3.68 -6.39 -35.08
CA TYR B 379 4.70 -7.39 -34.84
C TYR B 379 4.05 -8.52 -34.08
N ALA B 380 4.25 -9.76 -34.51
CA ALA B 380 3.59 -10.87 -33.83
C ALA B 380 4.36 -12.18 -33.89
N ASN B 381 4.11 -13.02 -32.88
CA ASN B 381 4.62 -14.38 -32.86
C ASN B 381 3.59 -15.36 -33.40
N CYS B 382 3.66 -15.64 -34.72
CA CYS B 382 2.59 -16.36 -35.42
C CYS B 382 2.67 -17.84 -35.23
N LEU B 383 3.63 -18.30 -34.41
CA LEU B 383 3.69 -19.70 -34.06
C LEU B 383 2.96 -19.97 -32.76
N ASN B 384 2.69 -18.92 -31.99
CA ASN B 384 2.01 -19.09 -30.73
C ASN B 384 0.62 -18.46 -30.74
N THR B 385 0.37 -17.56 -31.69
CA THR B 385 -0.97 -16.97 -31.84
C THR B 385 -1.45 -17.23 -33.26
N ILE B 386 -2.64 -16.74 -33.57
CA ILE B 386 -3.21 -16.94 -34.90
C ILE B 386 -3.02 -15.72 -35.79
N CYS B 387 -2.35 -15.88 -36.94
CA CYS B 387 -2.13 -14.83 -37.91
C CYS B 387 -2.73 -15.28 -39.26
N ARG B 388 -3.65 -14.48 -39.79
CA ARG B 388 -4.27 -14.77 -41.08
C ARG B 388 -4.47 -13.49 -41.92
N CYS B 389 -4.42 -13.65 -43.25
CA CYS B 389 -4.74 -12.54 -44.20
C CYS B 389 -6.19 -12.64 -44.63
N MET B 390 -6.94 -11.57 -44.36
CA MET B 390 -8.37 -11.55 -44.66
C MET B 390 -8.67 -11.28 -46.11
N ASP B 391 -7.74 -10.64 -46.82
CA ASP B 391 -7.98 -10.33 -48.21
C ASP B 391 -7.98 -11.60 -49.06
N THR B 392 -7.17 -12.59 -48.66
CA THR B 392 -7.05 -13.83 -49.39
C THR B 392 -7.59 -15.05 -48.63
N ASP B 393 -7.87 -14.88 -47.34
CA ASP B 393 -8.33 -15.96 -46.47
C ASP B 393 -7.31 -17.10 -46.43
N THR B 394 -6.07 -16.74 -46.18
CA THR B 394 -4.98 -17.70 -46.05
C THR B 394 -4.26 -17.49 -44.72
N PRO B 395 -3.67 -18.54 -44.15
CA PRO B 395 -2.86 -18.49 -42.95
C PRO B 395 -1.52 -17.86 -43.24
N ILE B 396 -0.91 -17.29 -42.21
CA ILE B 396 0.42 -16.72 -42.32
C ILE B 396 1.43 -17.62 -41.67
N SER B 397 2.38 -18.09 -42.47
CA SER B 397 3.38 -19.01 -41.96
C SER B 397 4.54 -18.29 -41.32
N GLN B 398 5.26 -19.02 -40.50
CA GLN B 398 6.49 -18.57 -39.87
C GLN B 398 7.36 -19.80 -39.68
N SER B 399 8.58 -19.76 -40.18
CA SER B 399 9.42 -20.94 -40.03
C SER B 399 9.87 -21.06 -38.60
N LEU B 400 10.31 -22.25 -38.20
CA LEU B 400 10.74 -22.44 -36.82
C LEU B 400 11.98 -21.64 -36.48
N GLY B 401 12.81 -21.35 -37.48
CA GLY B 401 14.00 -20.54 -37.25
C GLY B 401 13.71 -19.04 -37.23
N THR B 402 12.47 -18.63 -37.49
CA THR B 402 12.10 -17.21 -37.50
C THR B 402 11.61 -16.79 -36.13
N THR B 403 12.15 -15.69 -35.63
CA THR B 403 11.83 -15.24 -34.28
C THR B 403 10.49 -14.49 -34.19
N VAL B 404 10.30 -13.47 -35.03
CA VAL B 404 9.03 -12.72 -35.09
C VAL B 404 8.63 -12.49 -36.53
N SER B 405 7.35 -12.22 -36.77
CA SER B 405 6.88 -11.87 -38.10
C SER B 405 6.32 -10.45 -38.14
N LEU B 406 6.58 -9.74 -39.24
CA LEU B 406 6.05 -8.39 -39.42
C LEU B 406 4.89 -8.35 -40.39
N LEU B 407 3.78 -7.77 -39.95
CA LEU B 407 2.60 -7.66 -40.77
C LEU B 407 2.41 -6.23 -41.28
N ASP B 408 2.56 -6.04 -42.59
CA ASP B 408 2.44 -4.71 -43.20
C ASP B 408 1.51 -4.78 -44.42
N ASN B 409 1.34 -3.66 -45.12
CA ASN B 409 0.39 -3.63 -46.23
C ASN B 409 0.97 -3.92 -47.59
N LYS B 410 2.17 -4.51 -47.64
CA LYS B 410 2.76 -4.80 -48.93
C LYS B 410 1.97 -5.85 -49.69
N LYS B 411 1.44 -6.82 -48.95
CA LYS B 411 0.72 -7.94 -49.57
C LYS B 411 -0.78 -8.05 -49.19
N CYS B 412 -1.15 -7.56 -47.99
CA CYS B 412 -2.48 -7.76 -47.39
C CYS B 412 -2.82 -6.55 -46.54
N LEU B 413 -4.06 -6.06 -46.62
CA LEU B 413 -4.43 -4.86 -45.87
C LEU B 413 -5.00 -5.17 -44.49
N VAL B 414 -5.86 -6.18 -44.41
CA VAL B 414 -6.49 -6.50 -43.14
C VAL B 414 -6.05 -7.85 -42.63
N TYR B 415 -5.49 -7.85 -41.45
CA TYR B 415 -5.01 -9.06 -40.83
C TYR B 415 -5.85 -9.47 -39.65
N GLN B 416 -5.96 -10.76 -39.44
CA GLN B 416 -6.53 -11.27 -38.21
C GLN B 416 -5.39 -11.65 -37.32
N VAL B 417 -5.37 -11.08 -36.13
CA VAL B 417 -4.33 -11.40 -35.17
C VAL B 417 -5.00 -11.82 -33.89
N GLY B 418 -4.92 -13.08 -33.54
CA GLY B 418 -5.66 -13.57 -32.39
C GLY B 418 -7.16 -13.45 -32.64
N ASP B 419 -7.86 -12.73 -31.77
CA ASP B 419 -9.31 -12.56 -31.88
C ASP B 419 -9.76 -11.21 -32.43
N ILE B 420 -8.83 -10.46 -33.03
CA ILE B 420 -9.17 -9.13 -33.57
C ILE B 420 -8.81 -8.99 -35.04
N LEU B 421 -9.42 -8.01 -35.70
CA LEU B 421 -9.04 -7.66 -37.06
C LEU B 421 -8.40 -6.30 -37.05
N ILE B 422 -7.32 -6.12 -37.80
CA ILE B 422 -6.65 -4.82 -37.83
C ILE B 422 -6.06 -4.48 -39.20
N SER B 423 -6.20 -3.20 -39.58
CA SER B 423 -5.59 -2.67 -40.80
C SER B 423 -4.19 -2.17 -40.49
N VAL B 424 -3.26 -2.39 -41.41
CA VAL B 424 -1.88 -1.94 -41.18
C VAL B 424 -1.33 -1.03 -42.29
N GLY B 425 -0.25 -0.33 -41.95
CA GLY B 425 0.46 0.57 -42.87
C GLY B 425 1.65 -0.10 -43.57
N SER B 426 2.56 0.71 -44.11
CA SER B 426 3.69 0.20 -44.87
C SER B 426 4.98 0.14 -44.07
N TYR B 427 5.87 -0.76 -44.47
CA TYR B 427 7.16 -0.90 -43.84
C TYR B 427 8.20 -0.01 -44.50
N LEU B 428 8.92 0.73 -43.67
CA LEU B 428 9.97 1.60 -44.16
C LEU B 428 11.32 0.99 -43.86
N GLY B 429 12.08 0.69 -44.91
CA GLY B 429 13.36 0.03 -44.74
C GLY B 429 14.03 -0.22 -46.08
N GLU B 430 15.21 -0.83 -46.04
CA GLU B 430 16.02 -1.09 -47.22
C GLU B 430 15.57 -2.32 -48.02
N GLY B 431 14.69 -3.12 -47.45
CA GLY B 431 14.24 -4.34 -48.08
C GLY B 431 13.25 -5.06 -47.20
N GLU B 432 12.87 -6.26 -47.58
CA GLU B 432 11.89 -7.01 -46.80
C GLU B 432 12.40 -7.32 -45.40
N TYR B 433 11.55 -7.13 -44.40
CA TYR B 433 11.88 -7.42 -43.01
C TYR B 433 12.02 -8.92 -42.81
N SER B 434 13.06 -9.32 -42.09
CA SER B 434 13.23 -10.73 -41.78
C SER B 434 13.92 -10.90 -40.44
N ALA B 435 13.72 -12.07 -39.84
CA ALA B 435 14.31 -12.40 -38.57
C ALA B 435 14.73 -13.85 -38.58
N ASP B 436 15.58 -14.18 -39.56
CA ASP B 436 15.98 -15.57 -39.80
C ASP B 436 17.22 -15.98 -39.04
N ASN B 437 18.09 -15.02 -38.76
CA ASN B 437 19.36 -15.31 -38.11
C ASN B 437 19.60 -14.31 -37.00
N VAL B 438 18.91 -14.52 -35.90
CA VAL B 438 18.95 -13.60 -34.78
C VAL B 438 19.80 -14.16 -33.67
N GLU B 439 20.80 -13.40 -33.25
CA GLU B 439 21.64 -13.84 -32.16
C GLU B 439 20.95 -13.56 -30.84
N LEU B 440 20.83 -14.59 -30.01
CA LEU B 440 20.11 -14.45 -28.75
C LEU B 440 21.05 -14.45 -27.56
N GLY B 441 20.65 -13.77 -26.51
CA GLY B 441 21.42 -13.75 -25.28
C GLY B 441 21.14 -15.00 -24.46
N PRO B 442 21.73 -15.11 -23.27
CA PRO B 442 21.62 -16.24 -22.39
C PRO B 442 20.23 -16.31 -21.76
N PRO B 443 19.73 -17.51 -21.47
CA PRO B 443 18.54 -17.76 -20.71
C PRO B 443 18.77 -17.50 -19.24
N VAL B 444 17.77 -16.94 -18.56
CA VAL B 444 17.83 -16.75 -17.12
C VAL B 444 16.53 -17.14 -16.43
N VAL B 445 16.64 -17.36 -15.13
CA VAL B 445 15.48 -17.43 -14.25
C VAL B 445 15.73 -16.46 -13.13
N ILE B 446 14.89 -15.43 -12.97
CA ILE B 446 15.18 -14.48 -11.93
C ILE B 446 14.07 -14.33 -10.89
N ASP B 447 14.47 -14.51 -9.64
CA ASP B 447 13.63 -14.38 -8.46
C ASP B 447 14.57 -14.15 -7.27
N LYS B 448 14.03 -13.92 -6.08
CA LYS B 448 14.90 -13.71 -4.92
C LYS B 448 15.58 -15.01 -4.49
N ILE B 449 14.78 -16.06 -4.47
CA ILE B 449 15.25 -17.37 -4.03
C ILE B 449 16.13 -17.99 -5.09
N ASP B 450 15.74 -17.84 -6.34
CA ASP B 450 16.49 -18.41 -7.45
C ASP B 450 17.88 -17.80 -7.54
N ILE B 451 18.02 -16.49 -7.33
CA ILE B 451 19.35 -15.88 -7.35
C ILE B 451 20.17 -16.41 -6.19
N GLY B 452 19.56 -16.53 -5.01
CA GLY B 452 20.28 -17.08 -3.87
C GLY B 452 20.89 -18.43 -4.21
N ASN B 453 20.07 -19.34 -4.75
CA ASN B 453 20.54 -20.68 -5.10
C ASN B 453 21.60 -20.66 -6.19
N GLN B 454 21.40 -19.79 -7.20
CA GLN B 454 22.30 -19.71 -8.33
C GLN B 454 23.66 -19.14 -7.97
N LEU B 455 23.67 -18.08 -7.20
CA LEU B 455 24.92 -17.43 -6.88
C LEU B 455 25.73 -18.34 -5.98
N ALA B 456 25.03 -19.04 -5.07
CA ALA B 456 25.69 -19.98 -4.18
C ALA B 456 26.33 -21.10 -4.96
N GLY B 457 25.63 -21.59 -5.99
CA GLY B 457 26.18 -22.65 -6.83
C GLY B 457 27.43 -22.19 -7.56
N ILE B 458 27.39 -20.94 -8.05
CA ILE B 458 28.53 -20.37 -8.78
C ILE B 458 29.79 -20.23 -7.93
N ASN B 459 29.67 -19.71 -6.68
CA ASN B 459 30.81 -19.54 -5.80
C ASN B 459 31.27 -20.87 -5.17
N GLN B 460 30.31 -21.81 -4.90
CA GLN B 460 30.61 -23.14 -4.36
C GLN B 460 31.42 -24.01 -5.35
N THR B 461 31.08 -23.92 -6.66
CA THR B 461 31.76 -24.66 -7.73
C THR B 461 33.13 -23.99 -7.99
N SER C 22 7.27 -32.82 -9.28
CA SER C 22 6.75 -33.74 -8.25
C SER C 22 7.61 -33.66 -6.96
N LEU C 23 7.06 -33.05 -5.92
CA LEU C 23 7.74 -32.84 -4.61
C LEU C 23 8.02 -34.11 -3.83
N HIS C 24 9.24 -34.19 -3.27
CA HIS C 24 9.67 -35.34 -2.46
C HIS C 24 9.66 -34.95 -0.97
N TYR C 25 8.66 -35.41 -0.25
CA TYR C 25 8.43 -34.89 1.09
C TYR C 25 9.33 -35.46 2.17
N ASP C 26 9.77 -36.70 2.03
CA ASP C 26 10.62 -37.29 3.07
C ASP C 26 12.00 -36.65 3.12
N SER C 27 12.60 -36.36 1.98
CA SER C 27 13.90 -35.75 2.03
C SER C 27 13.82 -34.27 2.38
N LEU C 28 12.71 -33.62 2.04
CA LEU C 28 12.52 -32.22 2.38
C LEU C 28 12.32 -31.99 3.88
N SER C 29 11.62 -32.91 4.55
CA SER C 29 11.38 -32.71 5.99
C SER C 29 12.68 -32.72 6.77
N LYS C 30 13.71 -33.36 6.23
CA LYS C 30 14.99 -33.50 6.90
C LYS C 30 15.82 -32.23 6.85
N VAL C 31 15.39 -31.25 6.05
CA VAL C 31 16.04 -29.95 6.02
C VAL C 31 15.05 -28.89 6.47
N GLY C 32 14.02 -29.32 7.20
CA GLY C 32 13.06 -28.41 7.79
C GLY C 32 11.93 -27.94 6.89
N ILE C 33 11.67 -28.60 5.77
CA ILE C 33 10.56 -28.15 4.92
C ILE C 33 9.41 -29.13 5.05
N ILE C 34 8.34 -28.67 5.70
CA ILE C 34 7.22 -29.53 6.06
C ILE C 34 6.02 -29.25 5.16
N LYS C 35 5.35 -30.31 4.70
CA LYS C 35 4.20 -30.14 3.80
C LYS C 35 3.03 -29.41 4.47
N GLY C 36 2.57 -28.32 3.86
CA GLY C 36 1.46 -27.52 4.38
C GLY C 36 0.15 -27.79 3.67
N LEU C 37 -0.70 -26.77 3.55
CA LEU C 37 -2.02 -26.95 2.98
C LEU C 37 -2.02 -26.96 1.45
N THR C 38 -2.98 -27.70 0.89
CA THR C 38 -3.11 -27.81 -0.55
C THR C 38 -4.32 -27.01 -1.03
N TYR C 39 -4.11 -26.18 -2.04
CA TYR C 39 -5.17 -25.34 -2.60
C TYR C 39 -5.35 -25.67 -4.08
N ASN C 40 -6.54 -25.46 -4.62
CA ASN C 40 -6.68 -25.63 -6.06
C ASN C 40 -6.45 -24.29 -6.74
N TYR C 41 -6.49 -24.26 -8.07
CA TYR C 41 -6.11 -23.03 -8.77
C TYR C 41 -7.21 -22.53 -9.71
N LYS C 42 -7.59 -21.26 -9.55
CA LYS C 42 -8.64 -20.66 -10.37
C LYS C 42 -8.18 -19.37 -11.04
N ILE C 43 -8.65 -19.14 -12.25
CA ILE C 43 -8.40 -17.90 -12.98
C ILE C 43 -9.71 -17.30 -13.51
N LYS C 44 -9.69 -16.03 -13.91
CA LYS C 44 -10.88 -15.41 -14.44
C LYS C 44 -11.37 -16.11 -15.70
N GLY C 45 -12.67 -16.38 -15.76
CA GLY C 45 -13.33 -17.03 -16.87
C GLY C 45 -14.12 -16.03 -17.71
N SER C 46 -15.25 -16.47 -18.24
CA SER C 46 -16.07 -15.64 -19.12
C SER C 46 -16.75 -14.50 -18.35
N PRO C 47 -16.98 -13.35 -18.99
CA PRO C 47 -17.68 -12.17 -18.50
C PRO C 47 -19.19 -12.30 -18.47
N SER C 48 -19.80 -11.42 -17.70
CA SER C 48 -21.24 -11.16 -17.65
C SER C 48 -21.37 -9.71 -17.20
N THR C 49 -22.27 -8.93 -17.81
CA THR C 49 -22.30 -7.51 -17.43
C THR C 49 -23.65 -6.94 -17.03
N LYS C 50 -23.57 -5.84 -16.29
CA LYS C 50 -24.70 -5.01 -15.89
C LYS C 50 -24.38 -3.54 -16.16
N LEU C 51 -25.41 -2.74 -16.42
CA LEU C 51 -25.19 -1.32 -16.70
C LEU C 51 -25.49 -0.42 -15.50
N MET C 52 -24.72 0.66 -15.39
CA MET C 52 -24.88 1.65 -14.34
C MET C 52 -24.64 3.09 -14.82
N VAL C 53 -25.37 4.03 -14.23
CA VAL C 53 -25.14 5.46 -14.46
C VAL C 53 -24.84 6.19 -13.16
N VAL C 54 -23.73 6.91 -13.16
CA VAL C 54 -23.38 7.73 -12.02
C VAL C 54 -23.65 9.18 -12.37
N LYS C 55 -24.59 9.80 -11.67
CA LYS C 55 -24.94 11.17 -11.97
C LYS C 55 -24.03 12.14 -11.25
N LEU C 56 -23.51 13.10 -12.00
CA LEU C 56 -22.65 14.10 -11.42
C LEU C 56 -23.46 15.34 -11.12
N ILE C 57 -24.47 15.59 -11.93
CA ILE C 57 -25.35 16.73 -11.68
C ILE C 57 -26.67 16.21 -11.07
N PRO C 58 -26.94 16.51 -9.80
CA PRO C 58 -28.05 16.03 -9.01
C PRO C 58 -29.37 16.71 -9.30
N ASN C 59 -30.43 16.06 -8.87
CA ASN C 59 -31.76 16.64 -8.87
C ASN C 59 -31.93 17.40 -7.57
N ILE C 60 -32.05 18.71 -7.66
CA ILE C 60 -32.09 19.56 -6.48
C ILE C 60 -33.47 20.16 -6.27
N ASP C 61 -34.48 19.52 -6.82
CA ASP C 61 -35.84 20.01 -6.64
C ASP C 61 -36.15 20.13 -5.15
N GLY C 62 -36.60 21.30 -4.75
CA GLY C 62 -36.89 21.59 -3.35
C GLY C 62 -35.99 22.67 -2.79
N VAL C 63 -34.79 22.82 -3.36
CA VAL C 63 -33.84 23.85 -2.91
C VAL C 63 -33.35 24.74 -4.05
N ARG C 64 -33.99 24.67 -5.20
CA ARG C 64 -33.53 25.39 -6.39
C ARG C 64 -33.40 26.92 -6.24
N ASN C 65 -34.34 27.54 -5.49
CA ASN C 65 -34.34 29.00 -5.30
C ASN C 65 -33.25 29.49 -4.35
N CYS C 66 -32.80 28.63 -3.41
CA CYS C 66 -31.81 29.02 -2.40
C CYS C 66 -30.40 28.70 -2.84
N THR C 67 -30.26 27.72 -3.72
CA THR C 67 -28.95 27.24 -4.16
C THR C 67 -28.56 27.63 -5.58
N GLN C 68 -29.30 28.53 -6.19
CA GLN C 68 -29.10 28.88 -7.61
C GLN C 68 -27.64 29.26 -7.93
N LYS C 69 -27.01 30.06 -7.09
CA LYS C 69 -25.66 30.51 -7.38
C LYS C 69 -24.63 29.39 -7.33
N GLN C 70 -24.73 28.57 -6.30
CA GLN C 70 -23.78 27.49 -6.07
C GLN C 70 -23.95 26.38 -7.08
N PHE C 71 -25.18 26.16 -7.48
CA PHE C 71 -25.48 25.09 -8.41
C PHE C 71 -24.97 25.41 -9.80
N ASP C 72 -25.14 26.65 -10.26
CA ASP C 72 -24.66 27.01 -11.57
C ASP C 72 -23.14 26.93 -11.66
N GLU C 73 -22.44 27.33 -10.61
CA GLU C 73 -20.98 27.22 -10.62
C GLU C 73 -20.58 25.75 -10.73
N TYR C 74 -21.26 24.90 -9.97
CA TYR C 74 -20.99 23.47 -9.97
C TYR C 74 -21.18 22.85 -11.35
N LYS C 75 -22.29 23.17 -12.01
CA LYS C 75 -22.57 22.59 -13.30
C LYS C 75 -21.46 22.91 -14.31
N ASN C 76 -20.95 24.12 -14.24
CA ASN C 76 -19.86 24.51 -15.15
C ASN C 76 -18.60 23.68 -14.90
N LEU C 77 -18.31 23.40 -13.62
CA LEU C 77 -17.14 22.58 -13.31
C LEU C 77 -17.28 21.17 -13.82
N VAL C 78 -18.49 20.61 -13.73
CA VAL C 78 -18.73 19.26 -14.21
C VAL C 78 -18.51 19.18 -15.70
N LYS C 79 -19.03 20.18 -16.42
CA LYS C 79 -18.87 20.23 -17.87
C LYS C 79 -17.41 20.20 -18.27
N ASN C 80 -16.59 20.99 -17.58
CA ASN C 80 -15.17 21.05 -17.89
C ASN C 80 -14.43 19.75 -17.62
N VAL C 81 -14.90 18.99 -16.63
CA VAL C 81 -14.31 17.68 -16.34
C VAL C 81 -14.63 16.65 -17.41
N LEU C 82 -15.89 16.63 -17.86
CA LEU C 82 -16.30 15.61 -18.82
C LEU C 82 -15.95 15.89 -20.28
N GLU C 83 -15.82 17.15 -20.70
CA GLU C 83 -15.53 17.38 -22.12
C GLU C 83 -14.33 16.59 -22.67
N PRO C 84 -13.15 16.57 -22.01
CA PRO C 84 -11.97 15.83 -22.42
C PRO C 84 -12.18 14.32 -22.46
N VAL C 85 -13.18 13.84 -21.73
CA VAL C 85 -13.44 12.42 -21.65
C VAL C 85 -14.20 12.03 -22.88
N LYS C 86 -15.16 12.87 -23.25
CA LYS C 86 -15.95 12.62 -24.43
C LYS C 86 -15.05 12.61 -25.67
N LEU C 87 -14.05 13.48 -25.69
CA LEU C 87 -13.12 13.50 -26.83
C LEU C 87 -12.30 12.23 -26.90
N ALA C 88 -11.80 11.75 -25.77
CA ALA C 88 -11.02 10.52 -25.77
C ALA C 88 -11.85 9.32 -26.22
N LEU C 89 -13.11 9.27 -25.80
CA LEU C 89 -13.97 8.17 -26.18
C LEU C 89 -14.32 8.21 -27.66
N ASN C 90 -14.58 9.41 -28.18
CA ASN C 90 -14.90 9.52 -29.59
C ASN C 90 -13.69 9.24 -30.46
N ALA C 91 -12.51 9.62 -29.98
CA ALA C 91 -11.30 9.37 -30.75
C ALA C 91 -11.09 7.90 -30.98
N MET C 92 -11.37 7.07 -29.96
CA MET C 92 -11.23 5.64 -30.13
C MET C 92 -12.35 5.03 -30.96
N LEU C 93 -13.58 5.51 -30.80
CA LEU C 93 -14.66 4.95 -31.58
C LEU C 93 -14.47 5.16 -33.07
N ASP C 94 -13.87 6.29 -33.44
CA ASP C 94 -13.62 6.57 -34.85
C ASP C 94 -12.53 5.72 -35.47
N ASN C 95 -11.80 4.95 -34.66
CA ASN C 95 -10.75 4.08 -35.17
C ASN C 95 -11.27 2.67 -35.39
N VAL C 96 -12.54 2.43 -35.10
CA VAL C 96 -13.10 1.10 -35.25
C VAL C 96 -14.30 1.10 -36.17
N LYS C 97 -14.29 0.25 -37.19
CA LYS C 97 -15.41 0.16 -38.11
C LYS C 97 -15.97 -1.26 -38.19
N SER C 98 -17.23 -1.40 -38.58
CA SER C 98 -17.90 -2.69 -38.77
C SER C 98 -19.03 -2.53 -39.77
N GLY C 107 -16.46 -9.35 -37.87
CA GLY C 107 -16.11 -8.65 -36.66
C GLY C 107 -15.73 -7.20 -36.97
N ALA C 108 -15.39 -6.43 -35.92
CA ALA C 108 -14.94 -5.04 -36.05
C ALA C 108 -13.46 -4.98 -36.43
N ILE C 109 -13.11 -3.98 -37.21
CA ILE C 109 -11.75 -3.76 -37.66
C ILE C 109 -11.14 -2.51 -37.08
N MET C 110 -9.97 -2.65 -36.46
CA MET C 110 -9.23 -1.52 -35.92
C MET C 110 -8.37 -0.88 -37.00
N ALA C 111 -8.30 0.44 -37.01
CA ALA C 111 -7.41 1.15 -37.91
C ALA C 111 -6.05 1.31 -37.27
N GLY C 112 -5.10 0.44 -37.60
CA GLY C 112 -3.80 0.45 -36.97
C GLY C 112 -3.04 1.73 -37.26
N VAL C 113 -3.21 2.28 -38.44
CA VAL C 113 -2.48 3.48 -38.81
C VAL C 113 -2.98 4.68 -38.01
N ALA C 114 -4.30 4.80 -37.88
CA ALA C 114 -4.90 5.90 -37.11
C ALA C 114 -4.55 5.81 -35.63
N LEU C 115 -4.50 4.59 -35.09
CA LEU C 115 -4.16 4.38 -33.68
C LEU C 115 -2.66 4.59 -33.45
N GLY C 116 -1.86 4.15 -34.41
CA GLY C 116 -0.42 4.34 -34.39
C GLY C 116 0.34 3.38 -33.50
N VAL C 117 0.24 3.61 -32.20
CA VAL C 117 0.95 2.81 -31.20
C VAL C 117 0.01 2.29 -30.14
N ALA C 118 0.06 0.98 -29.91
CA ALA C 118 -0.78 0.34 -28.91
C ALA C 118 -0.29 -1.06 -28.51
N THR C 119 -0.63 -1.47 -27.29
CA THR C 119 -0.43 -2.84 -26.85
C THR C 119 -1.58 -3.68 -27.34
N ALA C 120 -1.45 -5.00 -27.27
CA ALA C 120 -2.55 -5.88 -27.64
C ALA C 120 -3.76 -5.61 -26.76
N ALA C 121 -3.52 -5.34 -25.48
CA ALA C 121 -4.58 -5.06 -24.53
C ALA C 121 -5.34 -3.79 -24.89
N THR C 122 -4.61 -2.79 -25.39
CA THR C 122 -5.22 -1.52 -25.76
C THR C 122 -6.11 -1.69 -26.97
N VAL C 123 -5.64 -2.46 -27.94
CA VAL C 123 -6.42 -2.69 -29.15
C VAL C 123 -7.70 -3.44 -28.80
N THR C 124 -7.60 -4.43 -27.92
CA THR C 124 -8.74 -5.20 -27.48
C THR C 124 -9.76 -4.32 -26.76
N ALA C 125 -9.28 -3.42 -25.89
CA ALA C 125 -10.14 -2.49 -25.19
C ALA C 125 -10.89 -1.57 -26.15
N GLY C 126 -10.21 -1.14 -27.21
CA GLY C 126 -10.82 -0.29 -28.22
C GLY C 126 -11.96 -0.99 -28.94
N ILE C 127 -11.74 -2.25 -29.31
CA ILE C 127 -12.79 -3.02 -29.97
C ILE C 127 -13.96 -3.23 -29.03
N ALA C 128 -13.68 -3.52 -27.76
CA ALA C 128 -14.73 -3.71 -26.78
C ALA C 128 -15.59 -2.47 -26.60
N LEU C 129 -14.96 -1.29 -26.67
CA LEU C 129 -15.68 -0.04 -26.53
C LEU C 129 -16.70 0.10 -27.64
N HIS C 130 -16.30 -0.27 -28.85
CA HIS C 130 -17.19 -0.22 -30.00
C HIS C 130 -18.40 -1.13 -29.79
N ARG C 131 -18.15 -2.34 -29.30
CA ARG C 131 -19.23 -3.30 -29.05
C ARG C 131 -20.24 -2.81 -28.01
N SER C 132 -19.77 -2.05 -27.03
CA SER C 132 -20.62 -1.52 -25.96
C SER C 132 -21.39 -0.28 -26.38
N ASN C 133 -21.17 0.20 -27.61
CA ASN C 133 -21.82 1.41 -28.05
C ASN C 133 -23.34 1.24 -28.15
N GLU C 134 -23.81 0.03 -28.42
CA GLU C 134 -25.25 -0.22 -28.47
C GLU C 134 -25.91 0.08 -27.13
N ASN C 135 -25.22 -0.28 -26.04
CA ASN C 135 -25.75 -0.06 -24.71
C ASN C 135 -25.69 1.41 -24.39
N ALA C 136 -24.65 2.08 -24.86
CA ALA C 136 -24.49 3.51 -24.64
C ALA C 136 -25.64 4.28 -25.26
N GLN C 137 -26.07 3.85 -26.44
CA GLN C 137 -27.20 4.49 -27.11
C GLN C 137 -28.51 4.22 -26.38
N ALA C 138 -28.68 3.00 -25.88
CA ALA C 138 -29.89 2.65 -25.13
C ALA C 138 -30.01 3.50 -23.87
N ILE C 139 -28.87 3.79 -23.25
CA ILE C 139 -28.84 4.64 -22.06
C ILE C 139 -29.14 6.09 -22.42
N ALA C 140 -28.56 6.57 -23.51
CA ALA C 140 -28.78 7.95 -23.94
C ALA C 140 -30.25 8.24 -24.22
N ASN C 141 -30.97 7.26 -24.73
CA ASN C 141 -32.38 7.43 -25.05
C ASN C 141 -33.26 7.50 -23.81
N MET C 142 -32.67 7.22 -22.65
CA MET C 142 -33.36 7.28 -21.37
C MET C 142 -32.96 8.52 -20.58
N LYS C 143 -32.27 9.45 -21.24
CA LYS C 143 -31.76 10.63 -20.56
C LYS C 143 -32.79 11.34 -19.68
N ASN C 144 -34.02 11.46 -20.13
CA ASN C 144 -35.02 12.15 -19.35
C ASN C 144 -35.40 11.40 -18.08
N ALA C 145 -35.36 10.07 -18.12
CA ALA C 145 -35.74 9.26 -16.97
C ALA C 145 -34.65 9.33 -15.91
N ILE C 146 -33.41 9.48 -16.37
CA ILE C 146 -32.24 9.61 -15.51
C ILE C 146 -32.29 10.97 -14.83
N GLN C 147 -32.52 12.02 -15.62
CA GLN C 147 -32.58 13.38 -15.08
C GLN C 147 -33.73 13.60 -14.10
N ASN C 148 -34.85 12.94 -14.33
CA ASN C 148 -36.02 13.15 -13.48
C ASN C 148 -36.11 12.21 -12.28
N THR C 149 -35.05 11.45 -12.01
CA THR C 149 -35.03 10.58 -10.84
C THR C 149 -34.82 11.41 -9.58
N ASN C 150 -35.60 11.12 -8.53
CA ASN C 150 -35.55 11.89 -7.30
C ASN C 150 -35.18 11.07 -6.04
N GLU C 151 -34.65 9.88 -6.26
CA GLU C 151 -34.22 8.99 -5.19
C GLU C 151 -32.77 8.63 -5.38
N ALA C 152 -32.03 8.46 -4.29
CA ALA C 152 -30.60 8.17 -4.37
C ALA C 152 -30.30 6.94 -5.21
N VAL C 153 -31.16 5.93 -5.12
CA VAL C 153 -30.96 4.72 -5.90
C VAL C 153 -32.23 4.33 -6.66
N LYS C 154 -32.13 4.18 -7.96
CA LYS C 154 -33.28 3.82 -8.79
C LYS C 154 -32.93 2.81 -9.89
N GLN C 155 -33.87 1.93 -10.21
CA GLN C 155 -33.69 1.02 -11.33
C GLN C 155 -34.60 1.37 -12.50
N LEU C 156 -34.01 1.61 -13.66
CA LEU C 156 -34.76 1.92 -14.88
C LEU C 156 -34.73 0.74 -15.84
N GLN C 157 -35.72 0.69 -16.73
CA GLN C 157 -35.73 -0.33 -17.78
C GLN C 157 -35.32 0.27 -19.11
N LEU C 158 -34.47 -0.44 -19.85
CA LEU C 158 -34.07 0.02 -21.17
C LEU C 158 -34.90 -0.64 -22.25
N ALA C 159 -34.90 -0.04 -23.44
CA ALA C 159 -35.68 -0.54 -24.58
C ALA C 159 -35.27 -1.94 -25.02
N ASN C 160 -34.05 -2.35 -24.65
CA ASN C 160 -33.53 -3.65 -25.04
C ASN C 160 -33.74 -4.69 -23.93
N LYS C 161 -34.60 -4.36 -22.97
CA LYS C 161 -34.97 -5.20 -21.82
C LYS C 161 -33.87 -5.40 -20.80
N GLN C 162 -32.80 -4.62 -20.89
CA GLN C 162 -31.78 -4.63 -19.87
C GLN C 162 -32.16 -3.64 -18.78
N THR C 163 -31.69 -3.87 -17.58
CA THR C 163 -31.93 -2.91 -16.50
C THR C 163 -30.80 -1.93 -16.40
N LEU C 164 -31.07 -0.79 -15.81
CA LEU C 164 -30.03 0.19 -15.57
C LEU C 164 -30.06 0.69 -14.12
N ALA C 165 -28.91 0.61 -13.45
CA ALA C 165 -28.81 1.11 -12.07
C ALA C 165 -28.38 2.56 -12.07
N VAL C 166 -29.22 3.45 -11.57
CA VAL C 166 -28.91 4.88 -11.59
C VAL C 166 -28.72 5.42 -10.18
N ILE C 167 -27.57 6.05 -9.91
CA ILE C 167 -27.36 6.62 -8.59
C ILE C 167 -27.02 8.11 -8.57
N ASP C 168 -27.55 8.82 -7.57
CA ASP C 168 -27.27 10.24 -7.32
C ASP C 168 -27.15 10.53 -5.82
N THR C 169 -25.96 10.28 -5.30
CA THR C 169 -25.64 10.34 -3.88
C THR C 169 -26.10 11.66 -3.25
N ILE C 170 -25.89 12.74 -3.96
CA ILE C 170 -26.25 14.07 -3.47
C ILE C 170 -27.73 14.21 -3.18
N ARG C 171 -28.58 13.59 -4.00
CA ARG C 171 -30.02 13.70 -3.80
C ARG C 171 -30.37 13.04 -2.49
N GLY C 172 -29.70 11.95 -2.18
CA GLY C 172 -29.92 11.24 -0.94
C GLY C 172 -29.63 12.15 0.25
N GLU C 173 -28.49 12.84 0.19
CA GLU C 173 -28.09 13.74 1.27
C GLU C 173 -29.07 14.90 1.45
N ILE C 174 -29.62 15.42 0.35
CA ILE C 174 -30.63 16.48 0.48
C ILE C 174 -31.91 15.93 1.10
N ASN C 175 -32.37 14.77 0.64
CA ASN C 175 -33.58 14.15 1.17
C ASN C 175 -33.46 13.83 2.65
N ASN C 176 -32.28 13.45 3.09
CA ASN C 176 -32.10 13.07 4.49
C ASN C 176 -31.69 14.19 5.43
N ASN C 177 -30.87 15.13 4.98
CA ASN C 177 -30.36 16.13 5.92
C ASN C 177 -30.94 17.54 5.78
N ILE C 178 -31.52 17.89 4.62
CA ILE C 178 -32.00 19.25 4.46
C ILE C 178 -33.52 19.34 4.48
N ILE C 179 -34.17 18.49 3.70
CA ILE C 179 -35.62 18.62 3.59
C ILE C 179 -36.38 18.49 4.91
N PRO C 180 -36.10 17.51 5.79
CA PRO C 180 -36.78 17.30 7.05
C PRO C 180 -36.70 18.48 8.01
N VAL C 181 -35.74 19.38 7.79
CA VAL C 181 -35.56 20.54 8.66
C VAL C 181 -35.57 21.83 7.88
N ILE C 182 -36.08 21.79 6.65
CA ILE C 182 -35.97 22.94 5.77
C ILE C 182 -36.68 24.18 6.31
N ASN C 183 -37.72 23.99 7.11
CA ASN C 183 -38.45 25.12 7.66
C ASN C 183 -37.69 25.83 8.77
N GLN C 184 -36.57 25.26 9.19
CA GLN C 184 -35.72 25.85 10.22
C GLN C 184 -34.53 26.57 9.60
N LEU C 185 -34.41 26.52 8.27
CA LEU C 185 -33.24 27.07 7.62
C LEU C 185 -33.58 28.23 6.69
N SER C 186 -32.79 29.30 6.77
CA SER C 186 -32.95 30.41 5.82
C SER C 186 -32.26 30.02 4.52
N CYS C 187 -32.50 30.76 3.40
CA CYS C 187 -31.83 30.45 2.12
C CYS C 187 -30.32 30.61 2.18
N ASP C 188 -29.81 31.56 2.95
CA ASP C 188 -28.36 31.68 2.98
C ASP C 188 -27.75 30.39 3.51
N THR C 189 -28.39 29.81 4.51
CA THR C 189 -27.93 28.57 5.13
C THR C 189 -28.08 27.39 4.19
N ILE C 190 -29.21 27.30 3.49
CA ILE C 190 -29.44 26.22 2.56
C ILE C 190 -28.43 26.29 1.42
N GLY C 191 -28.18 27.50 0.93
CA GLY C 191 -27.23 27.73 -0.13
C GLY C 191 -25.84 27.24 0.27
N LEU C 192 -25.36 27.68 1.42
CA LEU C 192 -24.04 27.29 1.91
C LEU C 192 -23.95 25.80 2.19
N SER C 193 -25.00 25.22 2.78
CA SER C 193 -25.01 23.82 3.16
C SER C 193 -24.93 22.91 1.94
N VAL C 194 -25.72 23.23 0.91
CA VAL C 194 -25.71 22.44 -0.31
C VAL C 194 -24.38 22.62 -1.04
N GLY C 195 -23.86 23.85 -1.06
CA GLY C 195 -22.60 24.12 -1.73
C GLY C 195 -21.47 23.23 -1.20
N ILE C 196 -21.39 23.06 0.12
CA ILE C 196 -20.38 22.18 0.71
C ILE C 196 -20.61 20.73 0.28
N LYS C 197 -21.86 20.27 0.23
CA LYS C 197 -22.13 18.91 -0.20
C LYS C 197 -21.74 18.69 -1.66
N LEU C 198 -22.04 19.65 -2.53
CA LEU C 198 -21.71 19.50 -3.94
C LEU C 198 -20.21 19.42 -4.11
N THR C 199 -19.51 20.23 -3.35
CA THR C 199 -18.06 20.31 -3.43
C THR C 199 -17.39 19.05 -2.92
N GLN C 200 -17.82 18.46 -1.81
CA GLN C 200 -17.16 17.28 -1.31
C GLN C 200 -17.42 16.09 -2.25
N TYR C 201 -18.61 16.07 -2.87
CA TYR C 201 -18.92 15.01 -3.83
C TYR C 201 -17.94 15.08 -4.99
N TYR C 202 -17.72 16.29 -5.49
CA TYR C 202 -16.79 16.52 -6.59
C TYR C 202 -15.41 15.95 -6.26
N SER C 203 -14.94 16.18 -5.02
CA SER C 203 -13.65 15.64 -4.58
C SER C 203 -13.62 14.12 -4.59
N GLU C 204 -14.74 13.49 -4.22
CA GLU C 204 -14.83 12.03 -4.21
C GLU C 204 -14.76 11.48 -5.63
N ILE C 205 -15.35 12.20 -6.58
CA ILE C 205 -15.29 11.79 -7.98
C ILE C 205 -13.88 11.86 -8.50
N LEU C 206 -13.18 12.95 -8.19
CA LEU C 206 -11.81 13.08 -8.67
C LEU C 206 -10.91 12.01 -8.13
N THR C 207 -11.16 11.59 -6.90
CA THR C 207 -10.36 10.54 -6.29
C THR C 207 -10.68 9.14 -6.84
N ALA C 208 -11.98 8.83 -6.97
CA ALA C 208 -12.39 7.49 -7.42
C ALA C 208 -12.24 7.27 -8.93
N PHE C 209 -12.57 8.28 -9.73
CA PHE C 209 -12.53 8.13 -11.18
C PHE C 209 -11.39 8.90 -11.81
N GLY C 210 -10.49 9.43 -11.00
CA GLY C 210 -9.42 10.27 -11.54
C GLY C 210 -8.75 9.65 -12.77
N PRO C 211 -8.04 8.53 -12.60
CA PRO C 211 -7.38 7.75 -13.63
C PRO C 211 -8.30 7.36 -14.79
N ALA C 212 -9.57 7.12 -14.49
CA ALA C 212 -10.53 6.71 -15.48
C ALA C 212 -10.97 7.85 -16.38
N LEU C 213 -10.90 9.08 -15.88
CA LEU C 213 -11.31 10.20 -16.68
C LEU C 213 -10.16 10.59 -17.59
N GLN C 214 -8.94 10.33 -17.12
CA GLN C 214 -7.75 10.63 -17.92
C GLN C 214 -7.53 9.57 -19.01
N ASN C 215 -7.89 8.32 -18.72
CA ASN C 215 -7.73 7.23 -19.68
C ASN C 215 -8.95 6.30 -19.64
N PRO C 216 -10.11 6.74 -20.16
CA PRO C 216 -11.40 6.09 -20.08
C PRO C 216 -11.48 4.80 -20.89
N VAL C 217 -10.55 4.60 -21.80
CA VAL C 217 -10.56 3.43 -22.64
C VAL C 217 -9.90 2.25 -21.96
N ASN C 218 -8.78 2.48 -21.27
CA ASN C 218 -8.02 1.37 -20.69
C ASN C 218 -8.19 1.15 -19.18
N THR C 219 -8.68 2.14 -18.46
CA THR C 219 -8.77 2.02 -17.00
C THR C 219 -10.02 1.29 -16.53
N ARG C 220 -9.86 0.39 -15.57
CA ARG C 220 -10.99 -0.31 -14.96
C ARG C 220 -11.05 0.04 -13.47
N ILE C 221 -12.26 0.12 -12.94
CA ILE C 221 -12.49 0.51 -11.54
C ILE C 221 -13.18 -0.62 -10.77
N THR C 222 -12.69 -0.99 -9.58
CA THR C 222 -13.34 -2.04 -8.81
C THR C 222 -14.66 -1.53 -8.23
N ILE C 223 -15.57 -2.43 -7.92
CA ILE C 223 -16.86 -2.04 -7.35
C ILE C 223 -16.74 -1.35 -5.99
N GLN C 224 -15.74 -1.73 -5.21
CA GLN C 224 -15.52 -1.09 -3.91
C GLN C 224 -14.98 0.32 -4.07
N ALA C 225 -14.45 0.63 -5.26
CA ALA C 225 -13.94 1.96 -5.52
C ALA C 225 -15.07 2.85 -6.05
N ILE C 226 -15.96 2.26 -6.86
CA ILE C 226 -17.12 2.97 -7.39
C ILE C 226 -18.01 3.39 -6.23
N SER C 227 -18.17 2.47 -5.28
CA SER C 227 -19.00 2.70 -4.12
C SER C 227 -18.48 3.79 -3.21
N SER C 228 -17.24 4.25 -3.39
CA SER C 228 -16.69 5.30 -2.54
C SER C 228 -17.32 6.66 -2.90
N VAL C 229 -18.00 6.70 -4.04
CA VAL C 229 -18.78 7.91 -4.38
C VAL C 229 -20.11 7.73 -3.62
N PHE C 230 -20.67 6.52 -3.62
CA PHE C 230 -21.92 6.23 -2.85
C PHE C 230 -21.74 5.83 -1.36
N ASN C 231 -21.13 6.67 -0.53
CA ASN C 231 -21.01 6.45 0.95
C ASN C 231 -20.41 5.08 1.27
N ARG C 232 -19.79 4.39 0.31
CA ARG C 232 -19.01 3.12 0.50
C ARG C 232 -19.93 1.92 0.56
N ASN C 233 -21.14 2.11 0.10
CA ASN C 233 -22.17 1.11 0.17
C ASN C 233 -22.22 0.24 -1.06
N PHE C 234 -21.27 -0.70 -1.17
CA PHE C 234 -21.26 -1.55 -2.34
C PHE C 234 -22.34 -2.63 -2.26
N ASP C 235 -22.84 -2.90 -1.06
CA ASP C 235 -23.88 -3.91 -0.92
C ASP C 235 -25.17 -3.42 -1.58
N GLU C 236 -25.45 -2.13 -1.46
CA GLU C 236 -26.64 -1.57 -2.10
C GLU C 236 -26.50 -1.60 -3.60
N LEU C 237 -25.31 -1.29 -4.11
CA LEU C 237 -25.13 -1.27 -5.55
C LEU C 237 -25.29 -2.67 -6.13
N LEU C 238 -24.76 -3.67 -5.43
CA LEU C 238 -24.87 -5.05 -5.89
C LEU C 238 -26.31 -5.52 -5.84
N LYS C 239 -27.04 -5.13 -4.79
CA LYS C 239 -28.45 -5.52 -4.65
C LYS C 239 -29.30 -5.02 -5.82
N ILE C 240 -29.09 -3.77 -6.24
CA ILE C 240 -29.84 -3.21 -7.37
C ILE C 240 -29.55 -3.98 -8.64
N MET C 241 -28.30 -4.38 -8.81
CA MET C 241 -27.88 -5.12 -9.98
C MET C 241 -28.27 -6.60 -9.91
N GLY C 242 -28.99 -7.02 -8.86
CA GLY C 242 -29.49 -8.38 -8.73
C GLY C 242 -28.57 -9.38 -8.04
N TYR C 243 -27.62 -8.92 -7.24
CA TYR C 243 -26.70 -9.83 -6.57
C TYR C 243 -26.69 -9.71 -5.05
N THR C 244 -26.32 -10.81 -4.40
CA THR C 244 -26.13 -10.84 -2.96
C THR C 244 -24.64 -10.82 -2.66
N SER C 245 -24.19 -9.91 -1.81
CA SER C 245 -22.76 -9.81 -1.55
C SER C 245 -22.17 -11.09 -0.98
N GLY C 246 -22.92 -11.74 -0.12
CA GLY C 246 -22.46 -12.97 0.53
C GLY C 246 -22.23 -14.12 -0.44
N ASP C 247 -22.83 -14.04 -1.63
CA ASP C 247 -22.67 -15.10 -2.60
C ASP C 247 -21.57 -14.80 -3.60
N LEU C 248 -20.98 -13.61 -3.50
CA LEU C 248 -19.96 -13.18 -4.43
C LEU C 248 -18.60 -13.09 -3.77
N TYR C 249 -18.43 -13.76 -2.64
CA TYR C 249 -17.16 -13.61 -1.92
C TYR C 249 -15.92 -13.79 -2.78
N GLU C 250 -15.87 -14.84 -3.61
CA GLU C 250 -14.65 -15.11 -4.38
C GLU C 250 -14.29 -14.04 -5.39
N ILE C 251 -15.27 -13.47 -6.08
CA ILE C 251 -14.92 -12.46 -7.08
C ILE C 251 -14.95 -11.05 -6.50
N LEU C 252 -15.74 -10.85 -5.45
CA LEU C 252 -15.80 -9.54 -4.82
C LEU C 252 -14.52 -9.26 -4.05
N HIS C 253 -14.10 -10.20 -3.22
CA HIS C 253 -12.91 -10.07 -2.40
C HIS C 253 -11.62 -10.05 -3.22
N SER C 254 -11.63 -10.76 -4.35
CA SER C 254 -10.45 -10.84 -5.20
C SER C 254 -10.26 -9.61 -6.07
N GLY C 255 -11.24 -8.70 -6.07
CA GLY C 255 -11.17 -7.50 -6.88
C GLY C 255 -11.47 -7.74 -8.35
N LEU C 256 -12.29 -8.76 -8.65
CA LEU C 256 -12.59 -9.06 -10.03
C LEU C 256 -13.89 -8.43 -10.54
N ILE C 257 -14.66 -7.80 -9.65
CA ILE C 257 -15.85 -7.10 -10.12
C ILE C 257 -15.43 -5.69 -10.43
N ARG C 258 -15.41 -5.36 -11.71
CA ARG C 258 -14.85 -4.10 -12.19
C ARG C 258 -15.69 -3.48 -13.29
N GLY C 259 -15.65 -2.17 -13.39
CA GLY C 259 -16.32 -1.52 -14.50
C GLY C 259 -15.42 -0.62 -15.31
N ASN C 260 -15.95 -0.15 -16.42
CA ASN C 260 -15.24 0.77 -17.29
C ASN C 260 -16.20 1.77 -17.88
N ILE C 261 -15.69 2.91 -18.32
CA ILE C 261 -16.54 3.95 -18.89
C ILE C 261 -16.85 3.64 -20.34
N ILE C 262 -18.13 3.60 -20.66
CA ILE C 262 -18.54 3.31 -22.03
C ILE C 262 -19.05 4.59 -22.69
N ASP C 263 -19.52 5.52 -21.89
CA ASP C 263 -19.98 6.80 -22.43
C ASP C 263 -20.10 7.87 -21.35
N VAL C 264 -20.11 9.12 -21.78
CA VAL C 264 -20.43 10.23 -20.88
C VAL C 264 -21.41 11.18 -21.57
N ASP C 265 -22.17 11.91 -20.78
CA ASP C 265 -23.04 12.94 -21.32
C ASP C 265 -22.72 14.25 -20.66
N VAL C 266 -22.05 15.11 -21.42
CA VAL C 266 -21.48 16.35 -20.92
C VAL C 266 -22.54 17.34 -20.42
N GLU C 267 -23.63 17.50 -21.17
CA GLU C 267 -24.65 18.45 -20.78
C GLU C 267 -25.56 17.91 -19.68
N ALA C 268 -25.84 16.60 -19.72
CA ALA C 268 -26.69 15.99 -18.70
C ALA C 268 -25.90 15.80 -17.42
N GLY C 269 -24.60 15.61 -17.53
CA GLY C 269 -23.78 15.46 -16.34
C GLY C 269 -23.76 14.06 -15.78
N TYR C 270 -23.52 13.06 -16.62
CA TYR C 270 -23.42 11.70 -16.08
C TYR C 270 -22.38 10.85 -16.78
N ILE C 271 -21.94 9.80 -16.06
CA ILE C 271 -21.01 8.79 -16.57
C ILE C 271 -21.69 7.44 -16.69
N ALA C 272 -21.63 6.83 -17.85
CA ALA C 272 -22.20 5.50 -18.07
C ALA C 272 -21.12 4.44 -17.97
N LEU C 273 -21.32 3.51 -17.05
CA LEU C 273 -20.39 2.42 -16.77
C LEU C 273 -20.96 1.07 -17.16
N GLU C 274 -20.08 0.16 -17.49
CA GLU C 274 -20.46 -1.23 -17.69
C GLU C 274 -19.66 -2.06 -16.71
N ILE C 275 -20.36 -2.83 -15.87
CA ILE C 275 -19.73 -3.58 -14.79
C ILE C 275 -19.76 -5.09 -15.02
N GLU C 276 -18.57 -5.69 -14.95
CA GLU C 276 -18.37 -7.11 -15.17
C GLU C 276 -18.39 -7.93 -13.89
N PHE C 277 -19.11 -9.05 -13.94
CA PHE C 277 -19.24 -10.05 -12.90
C PHE C 277 -18.82 -11.41 -13.45
N PRO C 278 -17.51 -11.70 -13.50
CA PRO C 278 -16.92 -12.83 -14.19
C PRO C 278 -17.17 -14.14 -13.49
N ASN C 279 -17.15 -15.21 -14.28
CA ASN C 279 -17.16 -16.56 -13.75
C ASN C 279 -15.73 -16.97 -13.49
N LEU C 280 -15.52 -17.94 -12.62
CA LEU C 280 -14.16 -18.44 -12.42
C LEU C 280 -13.95 -19.78 -13.07
N THR C 281 -12.76 -19.97 -13.61
CA THR C 281 -12.37 -21.20 -14.28
C THR C 281 -11.42 -22.00 -13.42
N LEU C 282 -11.76 -23.26 -13.19
CA LEU C 282 -10.88 -24.13 -12.43
C LEU C 282 -9.86 -24.71 -13.39
N VAL C 283 -8.59 -24.53 -13.09
CA VAL C 283 -7.54 -24.97 -13.99
C VAL C 283 -7.22 -26.45 -13.76
N PRO C 284 -7.41 -27.32 -14.77
CA PRO C 284 -7.29 -28.75 -14.66
C PRO C 284 -5.87 -29.17 -14.35
N ASN C 285 -5.74 -30.11 -13.42
CA ASN C 285 -4.46 -30.68 -13.03
C ASN C 285 -3.50 -29.67 -12.41
N ALA C 286 -4.02 -28.51 -12.00
CA ALA C 286 -3.17 -27.51 -11.36
C ALA C 286 -3.41 -27.48 -9.86
N VAL C 287 -2.34 -27.70 -9.11
CA VAL C 287 -2.41 -27.71 -7.65
C VAL C 287 -1.39 -26.76 -7.04
N VAL C 288 -1.81 -26.00 -6.05
CA VAL C 288 -0.89 -25.10 -5.36
C VAL C 288 -0.57 -25.67 -3.98
N GLN C 289 0.69 -25.98 -3.75
CA GLN C 289 1.09 -26.58 -2.48
C GLN C 289 1.87 -25.62 -1.62
N GLU C 290 1.42 -25.46 -0.38
CA GLU C 290 2.10 -24.64 0.62
C GLU C 290 3.20 -25.42 1.32
N LEU C 291 4.34 -24.78 1.54
CA LEU C 291 5.44 -25.37 2.30
C LEU C 291 5.63 -24.60 3.60
N MET C 292 5.92 -25.31 4.68
CA MET C 292 6.10 -24.68 5.99
C MET C 292 7.52 -24.89 6.52
N PRO C 293 8.43 -23.92 6.41
CA PRO C 293 9.79 -24.04 6.86
C PRO C 293 9.90 -23.98 8.37
N ILE C 294 10.78 -24.79 8.94
CA ILE C 294 11.14 -24.71 10.34
C ILE C 294 12.65 -24.70 10.46
N SER C 295 13.16 -24.30 11.59
CA SER C 295 14.60 -24.34 11.75
C SER C 295 15.10 -25.77 11.95
N TYR C 296 16.39 -25.97 11.76
CA TYR C 296 17.02 -27.25 11.98
C TYR C 296 18.44 -27.11 12.50
N ASN C 297 18.95 -28.19 13.06
CA ASN C 297 20.28 -28.22 13.65
C ASN C 297 21.40 -28.65 12.73
N VAL C 298 22.49 -27.88 12.75
CA VAL C 298 23.71 -28.27 12.07
C VAL C 298 24.89 -28.12 13.03
N ASP C 299 25.27 -29.21 13.68
CA ASP C 299 26.39 -29.22 14.62
C ASP C 299 26.34 -28.11 15.67
N GLY C 300 25.16 -27.81 16.22
CA GLY C 300 25.03 -26.79 17.25
C GLY C 300 24.51 -25.45 16.74
N ASP C 301 24.54 -25.23 15.42
CA ASP C 301 24.03 -23.99 14.86
C ASP C 301 22.58 -24.16 14.40
N GLU C 302 21.85 -23.05 14.34
CA GLU C 302 20.47 -23.09 13.88
C GLU C 302 20.32 -22.49 12.49
N TRP C 303 19.80 -23.29 11.56
CA TRP C 303 19.66 -22.93 10.14
C TRP C 303 18.24 -23.10 9.62
N VAL C 304 17.89 -22.33 8.59
CA VAL C 304 16.61 -22.52 7.91
C VAL C 304 16.82 -22.61 6.38
N THR C 305 16.10 -23.52 5.73
CA THR C 305 16.22 -23.74 4.29
C THR C 305 15.35 -22.73 3.52
N LEU C 306 15.88 -22.24 2.39
CA LEU C 306 15.17 -21.25 1.60
C LEU C 306 14.44 -21.84 0.39
N VAL C 307 13.11 -21.86 0.48
CA VAL C 307 12.21 -22.32 -0.56
C VAL C 307 11.09 -21.30 -0.66
N PRO C 308 10.35 -21.23 -1.76
CA PRO C 308 9.15 -20.42 -1.90
C PRO C 308 8.05 -20.99 -1.04
N ARG C 309 7.18 -20.13 -0.52
CA ARG C 309 6.05 -20.61 0.27
C ARG C 309 5.09 -21.43 -0.57
N PHE C 310 4.84 -21.00 -1.79
CA PHE C 310 3.92 -21.73 -2.63
C PHE C 310 4.57 -22.24 -3.90
N VAL C 311 4.28 -23.49 -4.21
CA VAL C 311 4.74 -24.15 -5.42
C VAL C 311 3.56 -24.60 -6.25
N LEU C 312 3.59 -24.27 -7.55
CA LEU C 312 2.50 -24.67 -8.43
C LEU C 312 2.90 -25.90 -9.24
N THR C 313 2.03 -26.90 -9.23
CA THR C 313 2.31 -28.10 -10.00
C THR C 313 1.25 -28.31 -11.06
N ARG C 314 1.70 -28.56 -12.29
CA ARG C 314 0.79 -28.86 -13.39
C ARG C 314 1.10 -30.22 -13.94
N THR C 315 0.21 -31.16 -13.63
CA THR C 315 0.35 -32.59 -13.89
C THR C 315 1.60 -33.12 -13.18
N THR C 316 2.77 -32.88 -13.77
CA THR C 316 4.04 -33.35 -13.23
C THR C 316 5.09 -32.24 -13.04
N LEU C 317 4.88 -31.07 -13.62
CA LEU C 317 5.92 -30.03 -13.65
C LEU C 317 5.78 -29.02 -12.53
N LEU C 318 6.92 -28.54 -12.01
CA LEU C 318 6.90 -27.52 -10.98
C LEU C 318 7.16 -26.15 -11.58
N SER C 319 6.50 -25.14 -11.02
CA SER C 319 6.72 -23.76 -11.41
C SER C 319 6.50 -22.84 -10.21
N ASN C 320 6.90 -21.60 -10.34
CA ASN C 320 6.70 -20.62 -9.28
C ASN C 320 5.35 -19.93 -9.43
N ILE C 321 4.73 -19.62 -8.31
CA ILE C 321 3.49 -18.84 -8.35
C ILE C 321 3.57 -17.65 -7.43
N ASP C 322 3.42 -16.46 -7.98
CA ASP C 322 3.53 -15.26 -7.16
C ASP C 322 2.19 -14.92 -6.56
N THR C 323 1.93 -15.45 -5.39
CA THR C 323 0.64 -15.30 -4.74
C THR C 323 0.42 -13.92 -4.16
N SER C 324 1.42 -13.05 -4.22
CA SER C 324 1.21 -11.69 -3.67
C SER C 324 0.30 -10.90 -4.59
N ARG C 325 0.11 -11.43 -5.80
CA ARG C 325 -0.76 -10.84 -6.81
C ARG C 325 -2.12 -11.55 -6.92
N CYS C 326 -2.42 -12.52 -6.02
CA CYS C 326 -3.60 -13.40 -6.04
C CYS C 326 -4.29 -13.37 -4.66
N THR C 327 -5.54 -13.79 -4.66
CA THR C 327 -6.24 -13.92 -3.40
C THR C 327 -6.25 -15.36 -2.93
N VAL C 328 -5.74 -15.59 -1.74
CA VAL C 328 -5.74 -16.95 -1.22
C VAL C 328 -6.91 -17.13 -0.28
N THR C 329 -7.74 -18.11 -0.57
CA THR C 329 -8.93 -18.41 0.20
C THR C 329 -8.75 -19.73 0.89
N GLU C 330 -9.75 -20.17 1.63
CA GLU C 330 -9.68 -21.43 2.36
C GLU C 330 -9.26 -22.62 1.51
N SER C 331 -9.81 -22.72 0.29
CA SER C 331 -9.54 -23.87 -0.56
C SER C 331 -8.94 -23.55 -1.93
N SER C 332 -8.94 -22.28 -2.32
CA SER C 332 -8.50 -21.91 -3.67
C SER C 332 -7.56 -20.73 -3.71
N VAL C 333 -6.68 -20.71 -4.70
CA VAL C 333 -5.90 -19.52 -5.01
C VAL C 333 -6.50 -18.90 -6.26
N ILE C 334 -7.05 -17.70 -6.11
CA ILE C 334 -7.77 -17.07 -7.21
C ILE C 334 -6.98 -15.89 -7.77
N CYS C 335 -6.58 -16.01 -9.04
CA CYS C 335 -5.77 -15.03 -9.74
C CYS C 335 -6.60 -14.44 -10.88
N ASP C 336 -6.32 -13.21 -11.25
CA ASP C 336 -7.01 -12.62 -12.40
C ASP C 336 -6.60 -13.38 -13.65
N ASN C 337 -5.30 -13.48 -13.87
CA ASN C 337 -4.76 -14.23 -14.99
C ASN C 337 -3.83 -15.31 -14.50
N ASP C 338 -3.26 -16.06 -15.42
CA ASP C 338 -2.31 -17.11 -15.11
C ASP C 338 -0.93 -16.52 -14.86
N TYR C 339 -0.47 -16.56 -13.62
CA TYR C 339 0.79 -15.90 -13.27
C TYR C 339 1.94 -16.88 -13.01
N ALA C 340 1.86 -18.09 -13.56
CA ALA C 340 2.96 -19.03 -13.40
C ALA C 340 4.27 -18.47 -13.97
N LEU C 341 5.35 -18.67 -13.23
CA LEU C 341 6.70 -18.22 -13.61
C LEU C 341 7.63 -19.42 -13.61
N PRO C 342 8.70 -19.42 -14.42
CA PRO C 342 9.66 -20.49 -14.49
C PRO C 342 10.41 -20.62 -13.18
N MET C 343 10.75 -21.86 -12.86
CA MET C 343 11.54 -22.20 -11.69
C MET C 343 12.95 -22.60 -12.11
N SER C 344 13.93 -22.22 -11.31
CA SER C 344 15.31 -22.54 -11.64
C SER C 344 15.60 -24.02 -11.55
N TYR C 345 16.66 -24.45 -12.24
CA TYR C 345 17.06 -25.84 -12.25
C TYR C 345 17.42 -26.34 -10.85
N GLU C 346 18.20 -25.55 -10.11
CA GLU C 346 18.63 -25.96 -8.78
C GLU C 346 17.45 -26.12 -7.84
N LEU C 347 16.49 -25.22 -7.90
CA LEU C 347 15.35 -25.28 -7.01
C LEU C 347 14.48 -26.49 -7.34
N ILE C 348 14.32 -26.82 -8.62
CA ILE C 348 13.58 -28.02 -8.96
C ILE C 348 14.29 -29.24 -8.39
N GLY C 349 15.61 -29.30 -8.55
CA GLY C 349 16.38 -30.43 -8.03
C GLY C 349 16.20 -30.61 -6.52
N CYS C 350 16.23 -29.51 -5.76
CA CYS C 350 15.97 -29.42 -4.31
C CYS C 350 14.60 -30.00 -3.97
N LEU C 351 13.58 -29.46 -4.60
CA LEU C 351 12.22 -29.82 -4.29
C LEU C 351 11.89 -31.25 -4.68
N GLN C 352 12.59 -31.78 -5.68
CA GLN C 352 12.39 -33.15 -6.13
C GLN C 352 13.24 -34.17 -5.37
N GLY C 353 13.96 -33.76 -4.34
CA GLY C 353 14.67 -34.72 -3.48
C GLY C 353 16.19 -34.64 -3.36
N ASP C 354 16.87 -33.78 -4.10
CA ASP C 354 18.31 -33.66 -3.93
C ASP C 354 18.63 -32.50 -3.00
N THR C 355 18.83 -32.80 -1.71
CA THR C 355 18.94 -31.76 -0.71
C THR C 355 20.27 -31.02 -0.75
N SER C 356 21.21 -31.53 -1.53
CA SER C 356 22.52 -30.87 -1.61
C SER C 356 22.40 -29.59 -2.42
N LYS C 357 21.27 -29.41 -3.08
CA LYS C 357 20.98 -28.23 -3.89
C LYS C 357 20.10 -27.17 -3.20
N CYS C 358 19.75 -27.39 -1.91
CA CYS C 358 18.88 -26.49 -1.16
C CYS C 358 19.70 -25.48 -0.36
N ALA C 359 19.70 -24.22 -0.80
CA ALA C 359 20.48 -23.20 -0.11
C ALA C 359 19.88 -22.93 1.27
N ARG C 360 20.75 -22.67 2.22
CA ARG C 360 20.32 -22.41 3.60
C ARG C 360 20.86 -21.10 4.15
N GLU C 361 20.12 -20.53 5.10
CA GLU C 361 20.47 -19.28 5.75
C GLU C 361 20.53 -19.46 7.26
N LYS C 362 21.52 -18.84 7.90
CA LYS C 362 21.66 -18.97 9.35
C LYS C 362 20.65 -18.09 10.08
N VAL C 363 20.13 -18.60 11.20
CA VAL C 363 19.19 -17.84 12.01
C VAL C 363 19.95 -17.00 13.04
N VAL C 364 19.68 -15.69 13.06
CA VAL C 364 20.34 -14.81 14.02
C VAL C 364 19.34 -14.17 14.99
N SER C 365 18.08 -14.11 14.60
CA SER C 365 17.03 -13.55 15.44
C SER C 365 16.64 -14.53 16.52
N SER C 366 15.99 -14.03 17.56
CA SER C 366 15.52 -14.89 18.63
C SER C 366 14.33 -15.79 18.30
N TYR C 367 13.54 -15.45 17.27
CA TYR C 367 12.43 -16.36 17.00
C TYR C 367 12.51 -16.86 15.56
N VAL C 368 12.05 -18.09 15.43
CA VAL C 368 11.90 -18.78 14.16
C VAL C 368 10.95 -19.90 14.50
N PRO C 369 10.07 -20.37 13.63
CA PRO C 369 9.29 -21.55 13.84
C PRO C 369 10.22 -22.69 14.15
N ARG C 370 9.94 -23.47 15.20
CA ARG C 370 10.82 -24.58 15.55
C ARG C 370 10.11 -25.92 15.48
N PHE C 371 8.83 -25.90 15.08
CA PHE C 371 8.08 -27.13 14.88
C PHE C 371 6.88 -26.90 13.96
N ALA C 372 6.35 -27.98 13.40
CA ALA C 372 5.14 -27.92 12.59
C ALA C 372 4.41 -29.27 12.61
N LEU C 373 3.10 -29.21 12.39
CA LEU C 373 2.24 -30.40 12.33
C LEU C 373 1.89 -30.77 10.89
N SER C 374 2.14 -32.03 10.52
CA SER C 374 1.81 -32.53 9.19
C SER C 374 1.35 -33.97 9.22
N ASP C 375 0.15 -34.22 8.72
CA ASP C 375 -0.47 -35.54 8.72
C ASP C 375 -0.53 -36.16 10.12
N GLY C 376 -0.79 -35.34 11.11
CA GLY C 376 -0.91 -35.79 12.49
C GLY C 376 0.42 -35.97 13.22
N LEU C 377 1.54 -35.72 12.54
CA LEU C 377 2.85 -35.88 13.15
C LEU C 377 3.55 -34.57 13.39
N VAL C 378 4.41 -34.52 14.40
CA VAL C 378 5.14 -33.28 14.66
C VAL C 378 6.61 -33.37 14.34
N TYR C 379 7.08 -32.41 13.56
CA TYR C 379 8.48 -32.31 13.24
C TYR C 379 9.04 -31.17 14.07
N ALA C 380 10.17 -31.37 14.72
CA ALA C 380 10.70 -30.31 15.57
C ALA C 380 12.22 -30.33 15.70
N ASN C 381 12.76 -29.15 15.98
CA ASN C 381 14.18 -28.99 16.31
C ASN C 381 14.38 -28.99 17.82
N CYS C 382 14.64 -30.17 18.40
CA CYS C 382 14.60 -30.35 19.86
C CYS C 382 15.87 -29.89 20.53
N LEU C 383 16.80 -29.33 19.74
CA LEU C 383 17.98 -28.74 20.32
C LEU C 383 17.80 -27.25 20.53
N ASN C 384 16.78 -26.67 19.89
CA ASN C 384 16.54 -25.24 20.03
C ASN C 384 15.23 -24.97 20.75
N THR C 385 14.34 -25.95 20.82
CA THR C 385 13.09 -25.81 21.58
C THR C 385 13.01 -26.93 22.60
N ILE C 386 11.93 -26.96 23.35
CA ILE C 386 11.76 -27.97 24.38
C ILE C 386 10.86 -29.10 23.91
N CYS C 387 11.37 -30.34 23.92
CA CYS C 387 10.63 -31.54 23.54
C CYS C 387 10.64 -32.51 24.72
N ARG C 388 9.45 -32.89 25.20
CA ARG C 388 9.32 -33.84 26.30
C ARG C 388 8.15 -34.82 26.08
N CYS C 389 8.31 -36.04 26.62
CA CYS C 389 7.21 -37.05 26.61
C CYS C 389 6.44 -37.00 27.92
N MET C 390 5.14 -36.72 27.82
CA MET C 390 4.31 -36.57 29.01
C MET C 390 3.90 -37.89 29.63
N ASP C 391 3.90 -38.96 28.84
CA ASP C 391 3.51 -40.25 29.36
C ASP C 391 4.54 -40.77 30.36
N THR C 392 5.81 -40.44 30.12
CA THR C 392 6.89 -40.91 30.98
C THR C 392 7.58 -39.79 31.75
N ASP C 393 7.29 -38.53 31.40
CA ASP C 393 7.93 -37.36 32.01
C ASP C 393 9.44 -37.40 31.83
N THR C 394 9.86 -37.62 30.59
CA THR C 394 11.27 -37.64 30.24
C THR C 394 11.53 -36.67 29.10
N PRO C 395 12.72 -36.10 29.00
CA PRO C 395 13.16 -35.24 27.92
C PRO C 395 13.41 -36.05 26.67
N ILE C 396 13.31 -35.39 25.52
CA ILE C 396 13.61 -36.03 24.25
C ILE C 396 14.93 -35.54 23.72
N SER C 397 15.85 -36.48 23.55
CA SER C 397 17.18 -36.12 23.10
C SER C 397 17.26 -36.04 21.59
N GLN C 398 18.29 -35.34 21.13
CA GLN C 398 18.62 -35.23 19.72
C GLN C 398 20.12 -35.06 19.65
N SER C 399 20.80 -35.91 18.89
CA SER C 399 22.25 -35.78 18.84
C SER C 399 22.62 -34.56 18.02
N LEU C 400 23.85 -34.08 18.18
CA LEU C 400 24.26 -32.89 17.44
C LEU C 400 24.31 -33.12 15.95
N GLY C 401 24.54 -34.36 15.53
CA GLY C 401 24.57 -34.68 14.12
C GLY C 401 23.18 -34.88 13.52
N THR C 402 22.12 -34.83 14.34
CA THR C 402 20.75 -35.02 13.86
C THR C 402 20.14 -33.68 13.50
N THR C 403 19.55 -33.61 12.32
CA THR C 403 19.00 -32.35 11.83
C THR C 403 17.63 -32.00 12.40
N VAL C 404 16.67 -32.94 12.32
CA VAL C 404 15.33 -32.76 12.90
C VAL C 404 14.90 -34.02 13.61
N SER C 405 13.94 -33.91 14.51
CA SER C 405 13.38 -35.07 15.18
C SER C 405 11.89 -35.24 14.87
N LEU C 406 11.45 -36.48 14.70
CA LEU C 406 10.04 -36.77 14.43
C LEU C 406 9.34 -37.31 15.65
N LEU C 407 8.23 -36.69 16.02
CA LEU C 407 7.45 -37.12 17.17
C LEU C 407 6.17 -37.83 16.72
N ASP C 408 6.09 -39.14 17.00
CA ASP C 408 4.93 -39.93 16.60
C ASP C 408 4.45 -40.76 17.78
N ASN C 409 3.43 -41.60 17.57
CA ASN C 409 2.84 -42.34 18.69
C ASN C 409 3.41 -43.73 18.90
N LYS C 410 4.57 -44.02 18.32
CA LYS C 410 5.14 -45.35 18.51
C LYS C 410 5.54 -45.58 19.95
N LYS C 411 6.04 -44.54 20.61
CA LYS C 411 6.54 -44.66 21.98
C LYS C 411 5.77 -43.83 23.03
N CYS C 412 5.16 -42.70 22.61
CA CYS C 412 4.56 -41.70 23.51
C CYS C 412 3.38 -41.05 22.80
N LEU C 413 2.27 -40.85 23.52
CA LEU C 413 1.09 -40.28 22.87
C LEU C 413 1.02 -38.77 22.97
N VAL C 414 1.36 -38.22 24.13
CA VAL C 414 1.27 -36.77 24.31
C VAL C 414 2.63 -36.16 24.52
N TYR C 415 2.95 -35.23 23.65
CA TYR C 415 4.23 -34.55 23.71
C TYR C 415 4.08 -33.12 24.13
N GLN C 416 5.08 -32.63 24.83
CA GLN C 416 5.18 -31.21 25.08
C GLN C 416 6.16 -30.65 24.10
N VAL C 417 5.71 -29.67 23.33
CA VAL C 417 6.58 -29.02 22.36
C VAL C 417 6.54 -27.53 22.63
N GLY C 418 7.63 -26.97 23.10
CA GLY C 418 7.61 -25.58 23.51
C GLY C 418 6.65 -25.39 24.69
N ASP C 419 5.66 -24.51 24.51
CA ASP C 419 4.69 -24.20 25.56
C ASP C 419 3.32 -24.86 25.36
N ILE C 420 3.23 -25.86 24.48
CA ILE C 420 1.95 -26.52 24.24
C ILE C 420 2.03 -28.02 24.43
N LEU C 421 0.88 -28.65 24.60
CA LEU C 421 0.80 -30.11 24.64
C LEU C 421 0.04 -30.58 23.41
N ILE C 422 0.52 -31.64 22.77
CA ILE C 422 -0.16 -32.14 21.58
C ILE C 422 -0.12 -33.67 21.45
N SER C 423 -1.24 -34.24 21.02
CA SER C 423 -1.34 -35.66 20.71
C SER C 423 -0.94 -35.92 19.27
N VAL C 424 -0.24 -37.01 19.02
CA VAL C 424 0.19 -37.31 17.65
C VAL C 424 -0.24 -38.69 17.15
N GLY C 425 -0.19 -38.86 15.83
CA GLY C 425 -0.53 -40.11 15.15
C GLY C 425 0.70 -40.98 14.85
N SER C 426 0.55 -41.93 13.93
CA SER C 426 1.62 -42.87 13.63
C SER C 426 2.41 -42.52 12.38
N TYR C 427 3.65 -42.98 12.34
CA TYR C 427 4.52 -42.76 11.20
C TYR C 427 4.38 -43.87 10.18
N LEU C 428 4.19 -43.48 8.92
CA LEU C 428 4.07 -44.43 7.85
C LEU C 428 5.36 -44.44 7.04
N GLY C 429 6.03 -45.58 7.01
CA GLY C 429 7.30 -45.69 6.33
C GLY C 429 7.88 -47.07 6.45
N GLU C 430 9.07 -47.27 5.86
CA GLU C 430 9.73 -48.57 5.83
C GLU C 430 10.47 -48.92 7.12
N GLY C 431 10.63 -47.95 8.01
CA GLY C 431 11.36 -48.16 9.24
C GLY C 431 11.39 -46.88 10.05
N GLU C 432 12.16 -46.87 11.13
CA GLU C 432 12.21 -45.69 11.98
C GLU C 432 12.77 -44.49 11.24
N TYR C 433 12.13 -43.34 11.42
CA TYR C 433 12.57 -42.09 10.82
C TYR C 433 13.88 -41.63 11.43
N SER C 434 14.81 -41.20 10.60
CA SER C 434 16.06 -40.68 11.10
C SER C 434 16.61 -39.61 10.19
N ALA C 435 17.46 -38.74 10.74
CA ALA C 435 18.07 -37.67 9.99
C ALA C 435 19.50 -37.52 10.47
N ASP C 436 20.26 -38.62 10.36
CA ASP C 436 21.61 -38.68 10.89
C ASP C 436 22.67 -38.27 9.88
N ASN C 437 22.39 -38.48 8.61
CA ASN C 437 23.36 -38.20 7.56
C ASN C 437 22.69 -37.45 6.43
N VAL C 438 22.48 -36.17 6.66
CA VAL C 438 21.75 -35.33 5.72
C VAL C 438 22.71 -34.44 4.97
N GLU C 439 22.66 -34.51 3.65
CA GLU C 439 23.52 -33.66 2.84
C GLU C 439 22.90 -32.28 2.73
N LEU C 440 23.67 -31.27 3.07
CA LEU C 440 23.16 -29.90 3.08
C LEU C 440 23.71 -29.09 1.92
N GLY C 441 22.93 -28.12 1.48
CA GLY C 441 23.36 -27.22 0.42
C GLY C 441 24.24 -26.11 1.00
N PRO C 442 24.67 -25.16 0.18
CA PRO C 442 25.54 -24.08 0.55
C PRO C 442 24.80 -23.06 1.40
N PRO C 443 25.50 -22.38 2.32
CA PRO C 443 25.03 -21.27 3.09
C PRO C 443 24.96 -20.02 2.23
N VAL C 444 23.94 -19.20 2.44
CA VAL C 444 23.83 -17.92 1.76
C VAL C 444 23.40 -16.80 2.69
N VAL C 445 23.65 -15.58 2.26
CA VAL C 445 23.05 -14.39 2.85
C VAL C 445 22.41 -13.63 1.72
N ILE C 446 21.09 -13.44 1.75
CA ILE C 446 20.48 -12.75 0.63
C ILE C 446 19.73 -11.48 1.02
N ASP C 447 20.12 -10.39 0.35
CA ASP C 447 19.53 -9.07 0.47
C ASP C 447 19.89 -8.30 -0.80
N LYS C 448 19.40 -7.08 -0.95
CA LYS C 448 19.74 -6.31 -2.15
C LYS C 448 21.19 -5.85 -2.13
N ILE C 449 21.61 -5.36 -0.97
CA ILE C 449 22.94 -4.84 -0.77
C ILE C 449 23.96 -5.96 -0.72
N ASP C 450 23.60 -7.04 -0.04
CA ASP C 450 24.48 -8.17 0.10
C ASP C 450 24.78 -8.81 -1.25
N ILE C 451 23.79 -8.93 -2.14
CA ILE C 451 24.06 -9.48 -3.47
C ILE C 451 24.97 -8.54 -4.23
N GLY C 452 24.72 -7.24 -4.14
CA GLY C 452 25.59 -6.28 -4.81
C GLY C 452 27.05 -6.51 -4.42
N ASN C 453 27.33 -6.57 -3.12
CA ASN C 453 28.69 -6.76 -2.63
C ASN C 453 29.27 -8.11 -3.04
N GLN C 454 28.44 -9.15 -2.99
CA GLN C 454 28.88 -10.51 -3.29
C GLN C 454 29.20 -10.70 -4.75
N LEU C 455 28.34 -10.20 -5.62
CA LEU C 455 28.53 -10.42 -7.04
C LEU C 455 29.75 -9.65 -7.50
N ALA C 456 29.92 -8.45 -6.92
CA ALA C 456 31.08 -7.63 -7.25
C ALA C 456 32.36 -8.33 -6.85
N GLY C 457 32.35 -8.96 -5.67
CA GLY C 457 33.52 -9.70 -5.21
C GLY C 457 33.86 -10.84 -6.14
N ILE C 458 32.81 -11.54 -6.61
CA ILE C 458 33.00 -12.69 -7.51
C ILE C 458 33.61 -12.31 -8.85
N ASN C 459 33.13 -11.23 -9.49
CA ASN C 459 33.65 -10.78 -10.78
C ASN C 459 35.01 -10.07 -10.64
N GLN C 460 35.22 -9.33 -9.52
CA GLN C 460 36.50 -8.64 -9.22
C GLN C 460 37.66 -9.64 -9.00
N THR C 461 37.38 -10.77 -8.31
CA THR C 461 38.37 -11.82 -8.05
C THR C 461 38.61 -12.61 -9.35
C1 NAG D . 26.22 -22.43 -15.36
C2 NAG D . 24.77 -22.75 -14.81
C3 NAG D . 24.61 -24.26 -14.57
C4 NAG D . 24.88 -25.03 -15.88
C5 NAG D . 26.31 -24.69 -16.39
C6 NAG D . 26.65 -25.34 -17.71
C7 NAG D . 23.68 -21.12 -13.31
C8 NAG D . 23.59 -20.43 -12.01
N2 NAG D . 24.64 -22.01 -13.52
O3 NAG D . 23.32 -24.54 -14.05
O4 NAG D . 24.81 -26.43 -15.66
O5 NAG D . 26.43 -23.23 -16.56
O6 NAG D . 25.73 -24.96 -18.73
O7 NAG D . 22.85 -20.86 -14.19
C1 NAG D . 23.78 -27.12 -16.50
C2 NAG D . 23.65 -28.61 -16.00
C3 NAG D . 22.62 -29.34 -16.89
C4 NAG D . 21.23 -28.56 -16.86
C5 NAG D . 21.49 -27.12 -17.31
C6 NAG D . 20.21 -26.25 -17.30
C7 NAG D . 25.55 -29.94 -15.14
C8 NAG D . 26.89 -30.57 -15.36
N2 NAG D . 24.97 -29.27 -16.13
O3 NAG D . 22.48 -30.67 -16.36
O4 NAG D . 20.16 -29.07 -17.71
O5 NAG D . 22.49 -26.46 -16.47
O6 NAG D . 20.43 -24.95 -17.80
O7 NAG D . 24.98 -30.06 -14.04
C1 BMA D . 20.17 -30.53 -18.11
C2 BMA D . 18.74 -30.90 -18.66
C3 BMA D . 18.75 -32.41 -19.00
C4 BMA D . 19.86 -32.71 -20.06
C5 BMA D . 21.23 -32.29 -19.44
C6 BMA D . 22.40 -32.50 -20.40
O2 BMA D . 18.45 -30.11 -19.85
O3 BMA D . 17.46 -32.78 -19.51
O4 BMA D . 19.85 -34.12 -20.37
O5 BMA D . 21.18 -30.83 -19.08
O6 BMA D . 23.43 -33.28 -19.77
C1 NAG E . 33.31 -17.67 -2.22
C2 NAG E . 32.74 -16.65 -1.15
C3 NAG E . 33.89 -16.07 -0.31
C4 NAG E . 34.66 -17.21 0.39
C5 NAG E . 35.19 -18.19 -0.70
C6 NAG E . 35.91 -19.40 -0.12
C7 NAG E . 30.79 -15.27 -1.75
C8 NAG E . 30.19 -14.16 -2.53
N2 NAG E . 32.07 -15.57 -1.92
O3 NAG E . 33.37 -15.15 0.63
O4 NAG E . 35.77 -16.69 1.11
O5 NAG E . 34.07 -18.70 -1.50
O6 NAG E . 35.06 -20.14 0.76
O7 NAG E . 30.09 -15.88 -0.93
C1 NAG E . 35.73 -17.02 2.56
C2 NAG E . 36.88 -16.20 3.28
C3 NAG E . 36.88 -16.58 4.78
C4 NAG E . 35.45 -16.28 5.41
C5 NAG E . 34.40 -17.08 4.61
C6 NAG E . 32.96 -16.85 5.10
C7 NAG E . 39.07 -15.72 2.23
C8 NAG E . 40.35 -16.20 1.65
N2 NAG E . 38.17 -16.61 2.68
O3 NAG E . 37.89 -15.77 5.41
O4 NAG E . 35.24 -16.64 6.80
O5 NAG E . 34.45 -16.74 3.18
O6 NAG E . 32.02 -17.66 4.43
O7 NAG E . 38.84 -14.50 2.33
C1 BMA E . 36.44 -16.71 7.73
C2 BMA E . 35.91 -16.71 9.21
C3 BMA E . 37.16 -16.72 10.15
C4 BMA E . 38.03 -17.98 9.86
C5 BMA E . 38.47 -17.92 8.36
C6 BMA E . 39.31 -19.13 7.95
O2 BMA E . 35.09 -17.90 9.45
O3 BMA E . 36.71 -16.73 11.51
O4 BMA E . 39.18 -17.98 10.74
O5 BMA E . 37.26 -17.87 7.49
O6 BMA E . 40.55 -18.69 7.34
C1 NAG F . 33.58 -8.61 -14.99
C2 NAG F . 32.44 -7.65 -15.50
C3 NAG F . 32.62 -7.34 -17.00
C4 NAG F . 34.00 -6.69 -17.23
C5 NAG F . 35.10 -7.66 -16.70
C6 NAG F . 36.50 -7.10 -16.82
C7 NAG F . 30.17 -7.90 -14.55
C8 NAG F . 28.91 -8.66 -14.39
N2 NAG F . 31.16 -8.38 -15.29
O3 NAG F . 31.56 -6.50 -17.44
O4 NAG F . 34.22 -6.47 -18.61
O5 NAG F . 34.86 -7.96 -15.29
O6 NAG F . 36.63 -5.87 -16.10
O7 NAG F . 30.28 -6.80 -13.99
C1 NAG F . 34.48 -5.03 -18.95
C2 NAG F . 34.48 -4.89 -20.52
C3 NAG F . 34.79 -3.42 -20.88
C4 NAG F . 33.73 -2.46 -20.18
C5 NAG F . 33.78 -2.72 -18.66
C6 NAG F . 32.76 -1.87 -17.87
C7 NAG F . 35.33 -6.63 -22.06
C8 NAG F . 36.46 -7.47 -22.56
N2 NAG F . 35.54 -5.76 -21.06
O3 NAG F . 34.71 -3.31 -22.31
O4 NAG F . 33.92 -1.02 -20.34
O5 NAG F . 33.52 -4.13 -18.35
O6 NAG F . 32.88 -2.03 -16.48
O7 NAG F . 34.20 -6.72 -22.57
C1 BMA F . 34.67 -0.52 -21.55
C2 BMA F . 34.38 1.02 -21.70
C3 BMA F . 35.11 1.51 -22.99
C4 BMA F . 36.63 1.23 -22.87
C5 BMA F . 36.82 -0.31 -22.69
C6 BMA F . 38.30 -0.70 -22.52
O2 BMA F . 34.88 1.74 -20.53
O3 BMA F . 34.87 2.92 -23.14
O4 BMA F . 37.30 1.71 -24.06
O5 BMA F . 36.08 -0.76 -21.47
O6 BMA F . 38.64 -1.73 -23.47
C1 NAG G . -44.97 3.55 15.23
C2 NAG G . -46.26 4.41 14.99
C3 NAG G . -46.08 5.79 15.66
C4 NAG G . -45.82 5.59 17.18
C5 NAG G . -44.55 4.71 17.36
C6 NAG G . -44.23 4.43 18.83
C7 NAG G . -47.35 3.87 12.83
C8 NAG G . -47.50 4.07 11.37
N2 NAG G . -46.45 4.58 13.54
O3 NAG G . -47.26 6.59 15.48
O4 NAG G . -45.63 6.86 17.80
O5 NAG G . -44.74 3.42 16.67
O6 NAG G . -45.30 3.78 19.51
O7 NAG G . -48.07 3.02 13.42
C1 NAG H . -28.63 27.17 26.63
C2 NAG H . -30.07 27.17 27.24
C3 NAG H . -31.09 27.46 26.11
C4 NAG H . -30.76 28.83 25.47
C5 NAG H . -29.32 28.79 24.90
C6 NAG H . -28.89 30.12 24.27
C7 NAG H . -30.27 25.62 29.15
C8 NAG H . -30.53 24.26 29.71
N2 NAG H . -30.33 25.84 27.83
O3 NAG H . -32.43 27.48 26.64
O4 NAG H . -31.68 29.09 24.41
O5 NAG H . -28.37 28.47 25.99
O6 NAG H . -28.97 31.21 25.18
O7 NAG H . -29.99 26.55 29.92
C1 NAG I . -38.48 27.91 -2.65
C2 NAG I . -39.30 28.93 -1.79
C3 NAG I . -40.14 28.12 -0.74
C4 NAG I . -41.07 27.14 -1.48
C5 NAG I . -40.21 26.19 -2.36
C6 NAG I . -41.06 25.20 -3.16
C7 NAG I . -38.14 31.08 -1.50
C8 NAG I . -37.17 31.95 -0.78
N2 NAG I . -38.36 29.82 -1.08
O3 NAG I . -40.92 29.02 0.06
O4 NAG I . -41.83 26.38 -0.54
O5 NAG I . -39.40 26.97 -3.31
O6 NAG I . -41.99 25.84 -4.02
O7 NAG I . -38.72 31.53 -2.49
#